data_7KEJ
#
_entry.id   7KEJ
#
loop_
_entity.id
_entity.type
_entity.pdbx_description
1 polymer 'Virion spike glycoprotein'
2 polymer 'Antibody Fab heavy chain (HC) BDBV-289'
3 polymer 'Antibody Fab light chain (LC) BDBV-289'
4 polymer 'Virion spike glycoprotein'
5 branched alpha-D-mannopyranose-(1-3)-[alpha-D-mannopyranose-(1-6)]beta-D-mannopyranose-(1-4)-2-acetamido-2-deoxy-beta-D-glucopyranose-(1-4)-2-acetamido-2-deoxy-beta-D-glucopyranose
6 non-polymer 2-acetamido-2-deoxy-beta-D-glucopyranose
#
loop_
_entity_poly.entity_id
_entity_poly.type
_entity_poly.pdbx_seq_one_letter_code
_entity_poly.pdbx_strand_id
1 'polypeptide(L)'
;MDAMKRGLCCVLLLCGAVFVSPSQEIHARFRRGARSIPLGVIHNSTLQVSDVDKLVCRDKLSSTNQLRSVGLNLEGNGVA
TDVPSVTKRWGFRSGVPPKVVNYEAGEWAENCYNLEIKKPDGSECLPAAPDGIRGFPRCRYVHKVSGTGPCAGDFAFHKE
GAFFLYDRLASTVIYRGTTFAEGVVAFLILPQAKKDFFSSHPLREPVNATEDPSSGYYSTTIRYQATGFGTNETEYLFEV
DNLTYVQLESRFTPQFLLQLNETIYASGKRSNTTGKLIWKVNPEIDTTIGEWAFWETKKNLTRKIRSEELSFT
;
B,C,A
2 'polypeptide(L)'
;MELGLRWVFLVAILEGVQCQVQLVQSGAEVKKPGSSVKVSCKASGATFGSDTVTWVRQAPGQGLEWMGGIIPFFGEANYA
QRFQGRVTITADKSTNTAYMELSSLRSEDTAVYFCARQINEMATFGEIHYYTYMDVWGQGTLVTVSSASTKGPSVFPLAP
SSKSTSGGTAALGCLVKDYFPEPVTVSWNSGALTSGVHTFPAVLQSSGLYSLSSVVTVPSSSLGTQTYICNVNHKPSNTK
VDKRVEPKSCD
;
H,I,G
3 'polypeptide(L)'
;MGWSCIILFLVATATGVHGSELTQDPAVSVALGQTVRITCQGDSLRNYYASWYQQKPRQAPVLVFYGKNNRPSGIPDRFS
GSSSGNTASLTISGAQAEDEADYYCNSRDSSSNHLVFGGGTKLTVLSQPKAAPSVTLFPPSSEELQANKATLVCLISDFY
PGAVTVAWKADSSPVKAGVETTTPSKQSNNKYAASSYLSLTPEQWKSHRSYSCQVTHEGSTVEKTVAPTEC
;
K,L,J
4 'polypeptide(L)'
;NNNTHHQDTGEESASSGKLGLITNTIAGVAGLITGGRRTRREVIVNAQPKCNPNLHYWTTQDEGAAIGLAWIPYFGPAAE
GIYTEGLMHNQDGLICGLRQLANETTQALQLFLRATTELRTFSILNRKAIDFLLQRWGGTCHILGPDCCIEPHDWTKNIT
DKIDQIIHDDDDKAGWSHPQFEKGGGSGGGSGGGSWSHPQFEK
;
E,F,D
#
# COMPACT_ATOMS: atom_id res chain seq x y z
N SER A 36 11.32 27.85 18.56
CA SER A 36 12.64 28.39 18.25
C SER A 36 12.84 28.82 16.77
N ILE A 37 11.83 28.59 15.89
CA ILE A 37 11.83 28.96 14.47
C ILE A 37 11.56 30.46 14.35
N PRO A 38 12.44 31.25 13.72
CA PRO A 38 12.29 32.68 13.59
C PRO A 38 11.17 33.00 12.66
N LEU A 39 10.54 34.13 12.86
CA LEU A 39 9.51 34.62 11.99
C LEU A 39 9.83 36.03 11.59
N GLY A 40 9.97 36.26 10.30
CA GLY A 40 10.33 37.59 9.85
C GLY A 40 9.10 38.43 9.68
N VAL A 41 9.24 39.73 9.86
CA VAL A 41 8.16 40.66 9.65
C VAL A 41 8.59 41.74 8.70
N ILE A 42 7.78 41.99 7.68
CA ILE A 42 8.18 43.02 6.74
C ILE A 42 7.38 44.30 6.92
N HIS A 43 8.07 45.39 7.18
CA HIS A 43 7.40 46.67 7.34
C HIS A 43 8.31 47.70 6.72
N ASN A 44 7.76 48.73 6.07
CA ASN A 44 8.61 49.76 5.47
C ASN A 44 9.69 49.14 4.56
N SER A 45 9.30 48.09 3.82
CA SER A 45 10.15 47.32 2.89
C SER A 45 11.44 46.82 3.54
N THR A 46 11.41 46.66 4.84
CA THR A 46 12.53 46.25 5.64
C THR A 46 12.24 44.94 6.33
N LEU A 47 13.19 44.01 6.26
CA LEU A 47 12.95 42.74 6.93
C LEU A 47 13.62 42.71 8.30
N GLN A 48 12.76 42.62 9.29
CA GLN A 48 13.10 42.61 10.68
C GLN A 48 12.68 41.30 11.30
N VAL A 49 13.58 40.60 11.96
CA VAL A 49 13.13 39.37 12.59
C VAL A 49 12.47 39.72 13.89
N SER A 50 11.28 39.16 14.11
CA SER A 50 10.56 39.47 15.32
C SER A 50 11.09 38.66 16.47
N ASP A 51 11.40 39.35 17.55
CA ASP A 51 11.87 38.71 18.76
C ASP A 51 10.70 38.19 19.54
N VAL A 52 10.97 37.25 20.41
CA VAL A 52 10.00 36.74 21.33
C VAL A 52 10.23 37.39 22.68
N ASP A 53 11.49 37.57 23.08
CA ASP A 53 11.72 38.11 24.41
C ASP A 53 11.19 39.53 24.52
N LYS A 54 11.30 40.28 23.44
CA LYS A 54 10.80 41.64 23.42
C LYS A 54 9.48 41.70 22.71
N LEU A 55 8.42 42.00 23.43
CA LEU A 55 7.12 42.06 22.82
C LEU A 55 6.84 43.43 22.27
N VAL A 56 6.59 43.47 20.98
CA VAL A 56 6.32 44.71 20.30
C VAL A 56 4.88 44.70 19.83
N CYS A 57 4.12 45.67 20.33
CA CYS A 57 2.69 45.76 20.06
C CYS A 57 2.38 46.17 18.63
N ARG A 58 3.38 46.69 17.95
CA ARG A 58 3.27 47.16 16.59
C ARG A 58 2.95 46.06 15.59
N ASP A 59 3.38 44.81 15.81
CA ASP A 59 3.07 43.85 14.77
C ASP A 59 1.58 43.54 14.76
N LYS A 60 0.93 43.75 13.62
CA LYS A 60 -0.50 43.52 13.54
C LYS A 60 -0.92 42.35 12.69
N LEU A 61 -1.23 41.24 13.33
CA LEU A 61 -1.67 40.06 12.64
C LEU A 61 -3.17 40.05 12.78
N SER A 62 -3.87 40.34 11.69
CA SER A 62 -5.30 40.44 11.67
C SER A 62 -5.94 39.14 11.26
N SER A 63 -5.24 38.39 10.43
CA SER A 63 -5.77 37.12 9.95
C SER A 63 -4.64 36.20 9.59
N THR A 64 -4.94 34.91 9.49
CA THR A 64 -3.92 33.93 9.13
C THR A 64 -3.47 34.02 7.68
N ASN A 65 -4.15 34.83 6.89
CA ASN A 65 -3.81 35.00 5.49
C ASN A 65 -2.52 35.81 5.34
N GLN A 66 -2.07 36.43 6.43
CA GLN A 66 -0.85 37.21 6.44
C GLN A 66 0.35 36.36 6.75
N LEU A 67 0.14 35.10 7.05
CA LEU A 67 1.24 34.22 7.40
C LEU A 67 1.59 33.34 6.24
N ARG A 68 2.82 33.41 5.77
CA ARG A 68 3.20 32.61 4.62
C ARG A 68 4.52 31.89 4.76
N SER A 69 4.55 30.70 4.18
CA SER A 69 5.73 29.86 4.04
C SER A 69 6.24 29.92 2.62
N VAL A 70 7.44 30.47 2.44
CA VAL A 70 7.96 30.63 1.09
C VAL A 70 9.25 29.87 0.83
N GLY A 71 9.26 29.12 -0.27
CA GLY A 71 10.45 28.37 -0.66
C GLY A 71 11.32 29.13 -1.63
N LEU A 72 12.61 29.19 -1.31
CA LEU A 72 13.61 29.86 -2.14
C LEU A 72 14.65 28.87 -2.61
N ASN A 73 15.22 29.11 -3.79
CA ASN A 73 16.21 28.16 -4.30
C ASN A 73 17.64 28.51 -3.89
N LEU A 74 18.52 27.52 -3.81
CA LEU A 74 19.92 27.76 -3.46
C LEU A 74 20.70 28.39 -4.61
N GLU A 75 20.19 28.23 -5.81
CA GLU A 75 20.84 28.81 -6.96
C GLU A 75 20.87 30.34 -6.81
N GLY A 76 19.95 30.93 -6.03
CA GLY A 76 19.88 32.37 -5.89
C GLY A 76 20.97 32.92 -4.99
N ASN A 77 21.71 32.02 -4.32
CA ASN A 77 22.81 32.40 -3.45
C ASN A 77 24.12 32.21 -4.18
N GLY A 78 24.04 31.80 -5.45
CA GLY A 78 25.24 31.57 -6.23
C GLY A 78 25.85 30.17 -6.12
N VAL A 79 25.12 29.15 -5.67
CA VAL A 79 25.78 27.86 -5.58
C VAL A 79 25.94 27.26 -6.97
N ALA A 80 26.83 26.30 -7.14
CA ALA A 80 26.94 25.64 -8.43
C ALA A 80 25.66 24.87 -8.70
N THR A 81 25.23 24.85 -9.96
CA THR A 81 24.04 24.10 -10.34
C THR A 81 24.30 22.91 -11.27
N ASP A 82 25.46 22.86 -11.88
CA ASP A 82 25.78 21.81 -12.83
C ASP A 82 25.80 20.41 -12.22
N VAL A 83 25.21 19.44 -12.90
CA VAL A 83 25.07 18.09 -12.36
C VAL A 83 26.30 17.50 -11.65
N PRO A 84 27.48 17.36 -12.23
CA PRO A 84 28.65 16.79 -11.59
C PRO A 84 29.14 17.58 -10.39
N SER A 85 28.68 18.83 -10.24
CA SER A 85 29.07 19.64 -9.12
C SER A 85 28.03 19.60 -8.01
N VAL A 86 26.79 19.19 -8.31
CA VAL A 86 25.77 19.27 -7.28
C VAL A 86 25.42 17.94 -6.70
N THR A 87 25.75 16.87 -7.36
CA THR A 87 25.44 15.57 -6.79
C THR A 87 26.37 15.33 -5.63
N LYS A 88 27.42 16.11 -5.55
CA LYS A 88 28.39 16.08 -4.49
C LYS A 88 27.82 16.55 -3.19
N ARG A 89 26.69 17.25 -3.24
CA ARG A 89 26.05 17.77 -2.05
C ARG A 89 25.02 16.81 -1.48
N TRP A 90 24.78 15.68 -2.13
CA TRP A 90 23.72 14.77 -1.71
C TRP A 90 24.36 13.46 -1.28
N GLY A 91 23.74 12.71 -0.39
CA GLY A 91 24.33 11.39 -0.11
C GLY A 91 23.45 10.48 0.68
N PHE A 92 23.81 9.21 0.69
CA PHE A 92 22.98 8.23 1.34
C PHE A 92 23.31 7.91 2.78
N ARG A 93 22.25 7.70 3.54
CA ARG A 93 22.31 7.29 4.93
C ARG A 93 21.15 6.38 5.35
N SER A 94 21.37 5.55 6.36
CA SER A 94 20.34 4.71 6.96
C SER A 94 20.08 5.07 8.44
N GLY A 95 18.92 4.68 8.96
CA GLY A 95 18.58 4.88 10.38
C GLY A 95 17.86 6.20 10.70
N VAL A 96 17.68 7.03 9.69
CA VAL A 96 17.04 8.31 9.82
C VAL A 96 15.80 8.35 8.92
N PRO A 97 14.58 8.59 9.46
CA PRO A 97 13.35 8.68 8.71
C PRO A 97 13.23 10.02 7.99
N PRO A 98 12.48 10.11 6.89
CA PRO A 98 12.12 11.32 6.18
C PRO A 98 11.04 12.14 6.85
N LYS A 99 11.03 13.45 6.61
CA LYS A 99 9.95 14.37 7.05
C LYS A 99 9.61 15.41 5.98
N VAL A 100 8.33 15.88 5.92
CA VAL A 100 8.05 17.01 5.02
C VAL A 100 7.27 18.17 5.66
N VAL A 101 7.34 19.35 5.05
CA VAL A 101 6.54 20.54 5.42
C VAL A 101 5.91 21.18 4.18
N ASN A 102 4.85 21.96 4.32
CA ASN A 102 4.27 22.57 3.14
C ASN A 102 4.64 24.02 2.87
N TYR A 103 4.38 24.43 1.63
CA TYR A 103 4.52 25.81 1.14
C TYR A 103 3.26 26.47 0.65
N GLU A 104 3.24 27.79 0.73
CA GLU A 104 2.19 28.55 0.08
C GLU A 104 2.71 29.18 -1.20
N ALA A 105 4.01 29.47 -1.26
CA ALA A 105 4.56 30.13 -2.43
C ALA A 105 6.01 29.81 -2.62
N GLY A 106 6.52 30.06 -3.81
CA GLY A 106 7.94 29.87 -4.01
C GLY A 106 8.52 30.46 -5.29
N GLU A 107 9.82 30.37 -5.38
CA GLU A 107 10.63 30.90 -6.48
C GLU A 107 10.61 30.02 -7.72
N TRP A 108 10.69 30.63 -8.90
CA TRP A 108 10.84 29.87 -10.16
C TRP A 108 12.25 29.34 -10.24
N ALA A 109 12.45 28.14 -10.77
CA ALA A 109 13.81 27.65 -10.81
C ALA A 109 14.42 27.71 -12.19
N GLU A 110 15.69 28.08 -12.27
CA GLU A 110 16.38 27.95 -13.53
C GLU A 110 16.73 26.48 -13.69
N ASN A 111 17.19 25.87 -12.59
CA ASN A 111 17.58 24.48 -12.66
C ASN A 111 16.89 23.62 -11.61
N CYS A 112 16.47 22.41 -12.01
CA CYS A 112 15.92 21.38 -11.13
C CYS A 112 16.33 20.00 -11.65
N TYR A 113 16.13 18.97 -10.84
CA TYR A 113 16.67 17.65 -11.15
C TYR A 113 15.67 16.54 -11.06
N ASN A 114 15.94 15.45 -11.77
CA ASN A 114 15.07 14.27 -11.70
C ASN A 114 15.93 13.01 -11.72
N LEU A 115 16.00 12.26 -10.61
CA LEU A 115 16.90 11.10 -10.58
C LEU A 115 16.22 9.74 -10.65
N GLU A 116 16.87 8.83 -11.38
CA GLU A 116 16.49 7.42 -11.46
C GLU A 116 17.74 6.56 -11.30
N ILE A 117 18.08 6.23 -10.06
CA ILE A 117 19.33 5.55 -9.82
C ILE A 117 19.08 4.14 -9.31
N LYS A 118 19.78 3.20 -9.92
CA LYS A 118 19.70 1.79 -9.57
C LYS A 118 20.99 1.24 -9.00
N LYS A 119 20.88 0.15 -8.29
CA LYS A 119 22.06 -0.52 -7.83
C LYS A 119 22.59 -1.30 -9.02
N PRO A 120 23.85 -1.71 -9.05
CA PRO A 120 24.41 -2.53 -10.11
C PRO A 120 23.63 -3.82 -10.38
N ASP A 121 22.91 -4.34 -9.38
CA ASP A 121 22.15 -5.58 -9.58
C ASP A 121 20.71 -5.35 -10.07
N GLY A 122 20.36 -4.11 -10.37
CA GLY A 122 19.03 -3.75 -10.88
C GLY A 122 18.02 -3.26 -9.82
N SER A 123 18.34 -3.38 -8.54
CA SER A 123 17.45 -2.93 -7.47
C SER A 123 17.33 -1.41 -7.44
N GLU A 124 16.17 -0.87 -7.10
CA GLU A 124 16.04 0.61 -7.06
C GLU A 124 16.75 1.22 -5.83
N CYS A 125 17.41 2.40 -5.99
CA CYS A 125 18.08 3.14 -4.91
C CYS A 125 17.12 4.06 -4.18
N LEU A 126 16.33 4.80 -4.93
CA LEU A 126 15.45 5.79 -4.34
C LEU A 126 14.06 5.20 -4.19
N PRO A 127 13.30 5.58 -3.16
CA PRO A 127 11.94 5.14 -2.87
C PRO A 127 10.92 5.74 -3.81
N ALA A 128 9.80 5.06 -4.01
CA ALA A 128 8.77 5.68 -4.82
C ALA A 128 8.19 6.83 -4.06
N ALA A 129 7.82 7.89 -4.74
CA ALA A 129 7.19 8.99 -4.04
C ALA A 129 5.82 8.55 -3.54
N PRO A 130 5.39 8.97 -2.36
CA PRO A 130 4.10 8.73 -1.79
C PRO A 130 3.04 9.55 -2.45
N ASP A 131 1.80 9.16 -2.26
CA ASP A 131 0.71 9.93 -2.82
C ASP A 131 0.77 11.35 -2.33
N GLY A 132 0.52 12.27 -3.22
CA GLY A 132 0.54 13.68 -2.89
C GLY A 132 1.80 14.40 -3.34
N ILE A 133 2.82 13.67 -3.76
CA ILE A 133 4.04 14.32 -4.23
C ILE A 133 4.04 14.41 -5.74
N ARG A 134 4.28 15.61 -6.22
CA ARG A 134 4.38 15.94 -7.63
C ARG A 134 5.62 16.78 -7.85
N GLY A 135 6.12 16.83 -9.08
CA GLY A 135 7.31 17.59 -9.36
C GLY A 135 7.12 19.09 -9.23
N PHE A 136 8.21 19.78 -9.00
CA PHE A 136 8.24 21.23 -8.83
C PHE A 136 7.57 21.86 -10.05
N PRO A 137 6.61 22.79 -9.89
CA PRO A 137 5.81 23.38 -10.95
C PRO A 137 6.46 24.26 -12.01
N ARG A 138 7.60 24.89 -11.75
CA ARG A 138 8.14 25.76 -12.79
C ARG A 138 9.67 25.72 -12.82
N CYS A 139 10.27 25.12 -13.88
CA CYS A 139 11.71 24.98 -14.10
C CYS A 139 12.05 25.37 -15.52
N ARG A 140 13.14 26.09 -15.71
CA ARG A 140 13.56 26.32 -17.09
C ARG A 140 14.23 25.07 -17.64
N TYR A 141 15.11 24.44 -16.85
CA TYR A 141 15.78 23.22 -17.29
C TYR A 141 15.63 22.10 -16.29
N VAL A 142 15.46 20.90 -16.81
CA VAL A 142 15.39 19.72 -15.98
C VAL A 142 16.54 18.82 -16.28
N HIS A 143 17.32 18.52 -15.28
CA HIS A 143 18.47 17.67 -15.48
C HIS A 143 18.10 16.28 -15.02
N LYS A 144 17.80 15.41 -15.96
CA LYS A 144 17.36 14.07 -15.66
C LYS A 144 18.52 13.12 -15.70
N VAL A 145 18.80 12.43 -14.61
CA VAL A 145 19.96 11.56 -14.57
C VAL A 145 19.59 10.11 -14.34
N SER A 146 19.98 9.28 -15.28
CA SER A 146 19.75 7.85 -15.21
C SER A 146 21.06 7.13 -14.96
N GLY A 147 21.13 6.29 -13.96
CA GLY A 147 22.41 5.66 -13.75
C GLY A 147 22.45 4.69 -12.61
N THR A 148 23.66 4.23 -12.29
CA THR A 148 23.84 3.27 -11.22
C THR A 148 24.93 3.66 -10.26
N GLY A 149 24.90 3.04 -9.08
CA GLY A 149 25.96 3.28 -8.11
C GLY A 149 25.78 2.58 -6.75
N PRO A 150 26.76 2.74 -5.85
CA PRO A 150 26.81 2.17 -4.52
C PRO A 150 25.91 2.92 -3.54
N CYS A 151 24.60 2.74 -3.69
CA CYS A 151 23.55 3.40 -2.90
C CYS A 151 23.43 2.68 -1.55
N ALA A 152 24.44 2.90 -0.71
CA ALA A 152 24.63 2.25 0.58
C ALA A 152 23.53 2.48 1.63
N GLY A 153 22.90 3.64 1.63
CA GLY A 153 21.90 3.95 2.67
C GLY A 153 20.47 3.66 2.26
N ASP A 154 19.51 4.20 3.00
CA ASP A 154 18.12 3.94 2.70
C ASP A 154 17.57 5.08 1.88
N PHE A 155 18.02 6.27 2.23
CA PHE A 155 17.55 7.47 1.60
C PHE A 155 18.68 8.41 1.28
N ALA A 156 18.49 9.22 0.26
CA ALA A 156 19.45 10.26 -0.06
C ALA A 156 19.02 11.55 0.62
N PHE A 157 19.91 12.10 1.43
CA PHE A 157 19.71 13.30 2.23
C PHE A 157 20.60 14.44 1.76
N HIS A 158 20.19 15.67 2.01
CA HIS A 158 21.04 16.78 1.64
C HIS A 158 22.14 16.96 2.69
N LYS A 159 23.39 17.08 2.27
CA LYS A 159 24.49 17.19 3.22
C LYS A 159 24.60 18.51 3.93
N GLU A 160 24.00 19.56 3.41
CA GLU A 160 24.12 20.86 4.04
C GLU A 160 22.91 21.18 4.90
N GLY A 161 21.94 20.28 4.95
CA GLY A 161 20.72 20.52 5.69
C GLY A 161 19.60 21.18 4.88
N ALA A 162 19.84 21.43 3.61
CA ALA A 162 18.85 22.03 2.74
C ALA A 162 17.77 21.00 2.41
N PHE A 163 16.63 21.46 1.89
CA PHE A 163 15.51 20.59 1.57
C PHE A 163 15.34 20.38 0.08
N PHE A 164 14.73 19.28 -0.29
CA PHE A 164 14.41 19.05 -1.68
C PHE A 164 13.03 19.61 -1.88
N LEU A 165 12.79 20.33 -2.96
CA LEU A 165 11.49 20.96 -3.13
C LEU A 165 10.66 20.35 -4.22
N TYR A 166 9.48 19.96 -3.83
CA TYR A 166 8.45 19.34 -4.64
C TYR A 166 7.27 20.28 -4.72
N ASP A 167 6.21 19.87 -5.40
CA ASP A 167 5.06 20.76 -5.56
C ASP A 167 4.42 21.10 -4.22
N ARG A 168 4.83 22.27 -3.74
CA ARG A 168 4.45 22.89 -2.48
C ARG A 168 4.73 22.06 -1.25
N LEU A 169 5.83 21.31 -1.32
CA LEU A 169 6.29 20.49 -0.21
C LEU A 169 7.80 20.42 -0.14
N ALA A 170 8.35 20.68 1.03
CA ALA A 170 9.77 20.56 1.21
C ALA A 170 10.02 19.23 1.88
N SER A 171 11.02 18.51 1.43
CA SER A 171 11.33 17.21 1.99
C SER A 171 12.75 17.01 2.34
N THR A 172 12.99 16.23 3.36
CA THR A 172 14.36 15.94 3.73
C THR A 172 15.04 14.91 2.84
N VAL A 173 14.26 14.19 2.02
CA VAL A 173 14.83 13.15 1.14
C VAL A 173 14.42 13.29 -0.31
N ILE A 174 15.18 12.62 -1.17
CA ILE A 174 14.87 12.55 -2.59
C ILE A 174 14.00 11.36 -2.95
N TYR A 175 12.91 11.60 -3.69
CA TYR A 175 12.02 10.52 -4.14
C TYR A 175 12.30 10.18 -5.60
N ARG A 176 12.15 8.92 -5.95
CA ARG A 176 12.49 8.45 -7.27
C ARG A 176 11.60 8.95 -8.38
N GLY A 177 12.23 9.46 -9.42
CA GLY A 177 11.53 9.86 -10.63
C GLY A 177 10.81 11.19 -10.54
N THR A 178 10.91 11.91 -9.43
CA THR A 178 10.14 13.13 -9.32
C THR A 178 11.01 14.36 -9.29
N THR A 179 10.70 15.30 -10.18
CA THR A 179 11.47 16.52 -10.36
C THR A 179 11.47 17.41 -9.14
N PHE A 180 12.66 17.85 -8.71
CA PHE A 180 12.76 18.72 -7.55
C PHE A 180 13.76 19.83 -7.67
N ALA A 181 13.50 20.90 -6.96
CA ALA A 181 14.41 22.03 -6.88
C ALA A 181 15.17 21.91 -5.59
N GLU A 182 16.28 22.59 -5.45
CA GLU A 182 17.03 22.47 -4.21
C GLU A 182 16.97 23.78 -3.43
N GLY A 183 16.52 23.76 -2.16
CA GLY A 183 16.36 25.03 -1.46
C GLY A 183 16.05 25.05 0.05
N VAL A 184 15.63 26.23 0.49
CA VAL A 184 15.33 26.55 1.88
C VAL A 184 13.99 27.26 2.06
N VAL A 185 13.44 27.25 3.27
CA VAL A 185 12.16 27.92 3.53
C VAL A 185 12.18 28.96 4.64
N ALA A 186 11.56 30.10 4.35
CA ALA A 186 11.41 31.19 5.32
C ALA A 186 9.96 31.36 5.73
N PHE A 187 9.74 31.80 6.95
CA PHE A 187 8.38 32.08 7.39
C PHE A 187 8.25 33.57 7.64
N LEU A 188 7.20 34.17 7.09
CA LEU A 188 6.94 35.61 7.18
C LEU A 188 5.55 36.08 7.62
N ILE A 189 5.51 37.27 8.24
CA ILE A 189 4.25 37.99 8.44
C ILE A 189 4.24 39.17 7.43
N LEU A 190 3.26 39.18 6.52
CA LEU A 190 3.13 40.18 5.45
C LEU A 190 2.63 41.52 5.99
N TYR A 217 3.56 27.53 -20.33
CA TYR A 217 4.97 27.58 -20.03
C TYR A 217 5.66 26.25 -20.42
N TYR A 218 6.83 26.37 -21.07
CA TYR A 218 7.67 25.31 -21.62
C TYR A 218 8.93 25.13 -20.82
N SER A 219 9.52 23.95 -20.90
CA SER A 219 10.78 23.67 -20.23
C SER A 219 11.61 22.75 -21.08
N THR A 220 12.90 22.70 -20.84
CA THR A 220 13.78 21.84 -21.60
C THR A 220 14.33 20.72 -20.77
N THR A 221 14.23 19.50 -21.29
CA THR A 221 14.76 18.36 -20.58
C THR A 221 16.09 17.97 -21.17
N ILE A 222 17.07 17.86 -20.30
CA ILE A 222 18.40 17.47 -20.67
C ILE A 222 18.66 16.12 -20.03
N ARG A 223 19.06 15.15 -20.82
CA ARG A 223 19.25 13.82 -20.27
C ARG A 223 20.72 13.50 -20.08
N TYR A 224 21.03 12.88 -18.95
CA TYR A 224 22.36 12.47 -18.58
C TYR A 224 22.40 11.04 -18.13
N GLN A 225 23.58 10.43 -18.21
CA GLN A 225 23.79 9.11 -17.66
C GLN A 225 25.00 9.06 -16.77
N ALA A 226 24.97 8.20 -15.78
CA ALA A 226 26.13 8.11 -14.91
C ALA A 226 26.37 6.76 -14.31
N THR A 227 27.63 6.52 -13.96
CA THR A 227 27.99 5.32 -13.23
C THR A 227 28.79 5.69 -12.01
N GLY A 228 28.59 4.93 -10.94
CA GLY A 228 29.32 5.18 -9.71
C GLY A 228 28.72 6.40 -9.04
N PHE A 229 27.43 6.58 -9.23
CA PHE A 229 26.67 7.73 -8.77
C PHE A 229 26.87 8.12 -7.32
N GLY A 230 26.92 7.15 -6.43
CA GLY A 230 27.03 7.43 -5.01
C GLY A 230 28.46 7.64 -4.48
N THR A 231 29.47 7.64 -5.34
CA THR A 231 30.85 7.80 -4.84
C THR A 231 31.57 9.00 -5.49
N ASN A 232 32.86 9.29 -5.10
CA ASN A 232 33.62 10.42 -5.66
C ASN A 232 34.00 10.21 -7.13
N GLU A 233 34.37 8.96 -7.52
CA GLU A 233 34.67 8.60 -8.90
C GLU A 233 33.40 8.32 -9.72
N THR A 234 32.61 9.37 -9.90
CA THR A 234 31.37 9.29 -10.67
C THR A 234 31.64 9.78 -12.07
N GLU A 235 31.30 8.97 -13.05
CA GLU A 235 31.47 9.36 -14.44
C GLU A 235 30.17 9.84 -15.03
N TYR A 236 30.20 10.94 -15.78
CA TYR A 236 28.98 11.43 -16.41
C TYR A 236 29.06 11.67 -17.89
N LEU A 237 27.99 11.29 -18.55
CA LEU A 237 27.77 11.52 -19.97
C LEU A 237 26.52 12.34 -20.22
N PHE A 238 26.53 13.08 -21.29
CA PHE A 238 25.38 13.83 -21.75
C PHE A 238 24.81 13.15 -22.97
N GLU A 239 23.50 12.99 -23.03
CA GLU A 239 22.91 12.37 -24.21
C GLU A 239 22.60 13.35 -25.32
N VAL A 240 22.98 12.96 -26.52
CA VAL A 240 22.70 13.71 -27.72
C VAL A 240 21.59 12.99 -28.45
N ASP A 241 21.75 11.68 -28.55
CA ASP A 241 20.83 10.77 -29.22
C ASP A 241 20.84 9.47 -28.44
N ASN A 242 20.07 8.50 -28.85
CA ASN A 242 20.05 7.27 -28.05
C ASN A 242 21.39 6.56 -28.03
N LEU A 243 22.14 6.66 -29.10
CA LEU A 243 23.43 6.02 -29.16
C LEU A 243 24.59 7.01 -29.19
N THR A 244 24.32 8.28 -28.91
CA THR A 244 25.38 9.29 -29.05
C THR A 244 25.53 10.09 -27.77
N TYR A 245 26.75 10.12 -27.26
CA TYR A 245 27.05 10.79 -26.01
C TYR A 245 28.25 11.69 -26.08
N VAL A 246 28.31 12.64 -25.18
CA VAL A 246 29.54 13.41 -25.05
C VAL A 246 29.96 13.33 -23.59
N GLN A 247 31.23 13.53 -23.31
CA GLN A 247 31.65 13.55 -21.91
C GLN A 247 31.18 14.82 -21.28
N LEU A 248 30.79 14.75 -20.02
CA LEU A 248 30.35 15.95 -19.34
C LEU A 248 31.42 16.52 -18.45
N GLU A 249 31.56 17.84 -18.48
CA GLU A 249 32.48 18.54 -17.62
C GLU A 249 31.75 19.69 -16.93
N SER A 250 32.25 20.08 -15.77
CA SER A 250 31.68 21.13 -14.92
C SER A 250 31.69 22.52 -15.53
N ARG A 251 32.38 22.67 -16.64
CA ARG A 251 32.49 23.93 -17.34
C ARG A 251 31.38 24.12 -18.38
N PHE A 252 30.51 23.12 -18.55
CA PHE A 252 29.50 23.19 -19.59
C PHE A 252 28.11 23.56 -19.12
N THR A 253 27.71 24.78 -19.40
CA THR A 253 26.41 25.30 -18.97
C THR A 253 25.33 24.71 -19.88
N PRO A 254 24.03 24.75 -19.51
CA PRO A 254 22.93 24.33 -20.34
C PRO A 254 22.96 24.94 -21.73
N GLN A 255 23.42 26.17 -21.86
CA GLN A 255 23.42 26.76 -23.18
C GLN A 255 24.50 26.12 -24.02
N PHE A 256 25.65 25.88 -23.40
CA PHE A 256 26.74 25.25 -24.11
C PHE A 256 26.31 23.89 -24.59
N LEU A 257 25.70 23.13 -23.69
CA LEU A 257 25.31 21.78 -24.01
C LEU A 257 24.27 21.73 -25.10
N LEU A 258 23.33 22.65 -25.10
CA LEU A 258 22.35 22.62 -26.16
C LEU A 258 22.98 23.00 -27.50
N GLN A 259 23.93 23.95 -27.50
CA GLN A 259 24.60 24.32 -28.74
C GLN A 259 25.41 23.15 -29.25
N LEU A 260 26.02 22.41 -28.32
CA LEU A 260 26.81 21.24 -28.62
C LEU A 260 25.93 20.15 -29.28
N ASN A 261 24.70 19.93 -28.75
CA ASN A 261 23.72 18.98 -29.28
C ASN A 261 23.31 19.33 -30.72
N GLU A 262 23.04 20.64 -31.00
CA GLU A 262 22.67 21.13 -32.35
C GLU A 262 23.81 20.97 -33.32
N THR A 263 25.04 21.21 -32.85
CA THR A 263 26.21 21.08 -33.67
C THR A 263 26.38 19.66 -34.13
N ILE A 264 26.18 18.71 -33.22
CA ILE A 264 26.32 17.31 -33.60
C ILE A 264 25.24 16.88 -34.58
N TYR A 265 23.99 17.23 -34.35
CA TYR A 265 23.02 16.79 -35.33
C TYR A 265 23.27 17.43 -36.70
N ALA A 266 23.62 18.72 -36.71
CA ALA A 266 23.87 19.41 -37.96
C ALA A 266 25.09 18.88 -38.71
N SER A 267 26.16 18.52 -37.97
CA SER A 267 27.36 18.01 -38.63
C SER A 267 27.16 16.57 -39.06
N GLY A 268 26.27 15.86 -38.38
CA GLY A 268 25.96 14.49 -38.70
C GLY A 268 26.86 13.49 -38.01
N LYS A 269 27.71 13.93 -37.09
CA LYS A 269 28.63 13.00 -36.41
C LYS A 269 27.97 12.27 -35.24
N ARG A 270 27.07 11.37 -35.61
CA ARG A 270 26.26 10.56 -34.71
C ARG A 270 26.44 9.10 -35.02
N SER A 271 26.15 8.25 -34.07
CA SER A 271 26.23 6.83 -34.39
C SER A 271 25.20 6.52 -35.47
N ASN A 272 25.63 5.77 -36.51
CA ASN A 272 24.83 5.28 -37.65
C ASN A 272 24.75 3.73 -37.63
N THR A 273 24.93 3.11 -36.46
CA THR A 273 24.95 1.68 -36.20
C THR A 273 24.17 1.37 -34.94
N THR A 274 24.38 0.20 -34.38
CA THR A 274 23.65 -0.20 -33.20
C THR A 274 24.42 0.06 -31.91
N GLY A 275 25.73 0.25 -31.99
CA GLY A 275 26.53 0.50 -30.80
C GLY A 275 26.57 1.99 -30.46
N LYS A 276 27.12 2.27 -29.28
CA LYS A 276 27.24 3.62 -28.77
C LYS A 276 28.58 4.29 -29.09
N LEU A 277 28.52 5.59 -29.28
CA LEU A 277 29.66 6.47 -29.51
C LEU A 277 29.80 7.55 -28.48
N ILE A 278 30.99 7.70 -27.91
CA ILE A 278 31.20 8.77 -26.95
C ILE A 278 32.26 9.75 -27.45
N TRP A 279 31.90 11.02 -27.53
CA TRP A 279 32.82 12.07 -27.93
C TRP A 279 33.37 12.81 -26.72
N LYS A 280 34.62 13.22 -26.78
CA LYS A 280 35.17 14.09 -25.78
C LYS A 280 35.13 15.49 -26.33
N VAL A 281 34.97 16.48 -25.48
CA VAL A 281 35.02 17.85 -25.92
C VAL A 281 36.38 18.43 -25.65
N ASN A 282 36.96 19.02 -26.67
CA ASN A 282 38.26 19.65 -26.62
C ASN A 282 38.29 20.65 -25.48
N PRO A 283 39.35 20.75 -24.67
CA PRO A 283 39.48 21.66 -23.55
C PRO A 283 39.39 23.14 -23.94
N GLU A 284 39.60 23.47 -25.20
CA GLU A 284 39.49 24.83 -25.62
C GLU A 284 38.05 25.04 -26.08
N ILE A 285 37.33 25.87 -25.35
CA ILE A 285 35.93 26.14 -25.63
C ILE A 285 35.75 27.64 -25.71
N ASP A 286 34.62 28.09 -26.21
CA ASP A 286 34.42 29.52 -26.35
C ASP A 286 33.99 30.13 -25.02
N THR A 287 34.98 30.39 -24.17
CA THR A 287 34.76 30.89 -22.82
C THR A 287 34.44 32.38 -22.81
N THR A 288 33.24 32.72 -23.28
CA THR A 288 32.82 34.12 -23.40
C THR A 288 32.18 34.68 -22.15
N ILE A 289 31.80 33.80 -21.23
CA ILE A 289 31.14 34.22 -20.01
C ILE A 289 32.03 34.15 -18.78
N GLY A 290 32.21 35.31 -18.15
CA GLY A 290 33.07 35.47 -16.98
C GLY A 290 32.43 35.03 -15.67
N GLU A 291 32.05 33.75 -15.60
CA GLU A 291 31.38 33.17 -14.43
C GLU A 291 30.18 34.00 -13.99
N TRP A 292 29.34 34.33 -14.94
CA TRP A 292 28.15 35.11 -14.69
C TRP A 292 27.11 34.27 -14.01
N ALA A 293 26.34 34.94 -13.19
CA ALA A 293 25.24 34.30 -12.51
C ALA A 293 24.11 34.14 -13.47
N PHE A 294 23.16 33.30 -13.15
CA PHE A 294 21.97 33.19 -13.97
C PHE A 294 21.37 34.55 -14.32
N TRP A 295 21.31 35.42 -13.33
CA TRP A 295 20.76 36.75 -13.49
C TRP A 295 21.78 37.83 -13.95
N GLU A 296 23.04 37.40 -14.30
CA GLU A 296 24.22 38.15 -14.75
C GLU A 296 24.98 38.64 -13.51
N VAL B 21 49.60 8.55 -17.86
CA VAL B 21 48.85 7.31 -17.75
C VAL B 21 49.63 6.24 -18.54
N GLN B 22 49.64 5.00 -18.01
CA GLN B 22 50.32 3.83 -18.59
C GLN B 22 49.38 2.65 -18.76
N LEU B 23 49.71 1.80 -19.70
CA LEU B 23 49.01 0.55 -19.92
C LEU B 23 50.02 -0.56 -19.87
N VAL B 24 49.74 -1.55 -19.05
CA VAL B 24 50.68 -2.65 -18.90
C VAL B 24 50.11 -3.95 -19.42
N GLN B 25 50.78 -4.52 -20.39
CA GLN B 25 50.32 -5.74 -21.00
C GLN B 25 51.07 -6.95 -20.48
N SER B 26 50.46 -8.11 -20.64
CA SER B 26 51.08 -9.37 -20.28
C SER B 26 52.28 -9.71 -21.19
N GLY B 27 53.12 -10.65 -20.73
CA GLY B 27 54.31 -11.06 -21.47
C GLY B 27 54.00 -12.03 -22.58
N ALA B 28 55.03 -12.55 -23.24
CA ALA B 28 54.80 -13.40 -24.39
C ALA B 28 54.06 -14.68 -24.07
N GLU B 29 53.19 -15.03 -25.02
CA GLU B 29 52.35 -16.23 -24.99
C GLU B 29 52.67 -17.09 -26.21
N VAL B 30 53.26 -18.24 -26.00
CA VAL B 30 53.62 -19.08 -27.14
C VAL B 30 52.82 -20.36 -27.08
N LYS B 31 52.03 -20.62 -28.13
CA LYS B 31 51.16 -21.78 -28.15
C LYS B 31 51.13 -22.46 -29.52
N LYS B 32 50.68 -23.71 -29.56
CA LYS B 32 50.53 -24.39 -30.83
C LYS B 32 49.17 -24.04 -31.46
N PRO B 33 49.00 -24.17 -32.79
CA PRO B 33 47.75 -23.91 -33.49
C PRO B 33 46.61 -24.70 -32.92
N GLY B 34 45.45 -24.06 -32.87
CA GLY B 34 44.22 -24.62 -32.36
C GLY B 34 43.94 -24.14 -30.94
N SER B 35 44.95 -23.62 -30.28
CA SER B 35 44.81 -23.11 -28.93
C SER B 35 44.19 -21.72 -28.90
N SER B 36 43.82 -21.28 -27.71
CA SER B 36 43.31 -19.93 -27.53
C SER B 36 44.20 -19.18 -26.54
N VAL B 37 44.21 -17.86 -26.67
CA VAL B 37 45.01 -17.00 -25.78
C VAL B 37 44.21 -15.86 -25.22
N LYS B 38 44.45 -15.52 -23.96
CA LYS B 38 43.79 -14.38 -23.35
C LYS B 38 44.84 -13.39 -22.94
N VAL B 39 44.83 -12.23 -23.60
CA VAL B 39 45.83 -11.20 -23.37
C VAL B 39 45.28 -10.07 -22.51
N SER B 40 45.90 -9.86 -21.36
CA SER B 40 45.45 -8.84 -20.44
C SER B 40 46.14 -7.49 -20.70
N CYS B 41 45.52 -6.40 -20.18
CA CYS B 41 46.02 -5.02 -20.18
C CYS B 41 45.52 -4.30 -18.92
N LYS B 42 46.45 -3.77 -18.14
CA LYS B 42 46.10 -3.06 -16.92
C LYS B 42 46.35 -1.56 -16.98
N ALA B 43 45.35 -0.79 -16.58
CA ALA B 43 45.52 0.65 -16.54
C ALA B 43 46.25 1.06 -15.28
N SER B 44 47.10 2.07 -15.40
CA SER B 44 47.79 2.63 -14.26
C SER B 44 47.85 4.15 -14.33
N GLY B 45 47.38 4.79 -13.26
CA GLY B 45 47.35 6.25 -13.17
C GLY B 45 45.96 6.81 -13.50
N ALA B 46 45.11 5.96 -14.03
CA ALA B 46 43.76 6.36 -14.37
C ALA B 46 42.86 5.16 -14.49
N THR B 47 41.58 5.42 -14.33
CA THR B 47 40.54 4.43 -14.55
C THR B 47 40.24 4.50 -16.03
N PHE B 48 39.48 3.56 -16.56
CA PHE B 48 39.16 3.67 -17.97
C PHE B 48 38.13 4.76 -18.23
N GLY B 49 37.27 5.02 -17.26
CA GLY B 49 36.26 6.04 -17.41
C GLY B 49 35.35 5.71 -18.57
N SER B 50 35.22 6.66 -19.48
CA SER B 50 34.39 6.54 -20.65
C SER B 50 35.20 6.51 -21.94
N ASP B 51 36.50 6.28 -21.81
CA ASP B 51 37.39 6.20 -22.96
C ASP B 51 37.28 4.84 -23.61
N THR B 52 37.67 4.74 -24.87
CA THR B 52 37.63 3.48 -25.57
C THR B 52 38.92 2.69 -25.43
N VAL B 53 38.80 1.42 -25.17
CA VAL B 53 39.97 0.56 -25.09
C VAL B 53 40.02 -0.18 -26.40
N THR B 54 41.10 -0.01 -27.14
CA THR B 54 41.17 -0.62 -28.45
C THR B 54 42.40 -1.47 -28.57
N TRP B 55 42.26 -2.53 -29.35
CA TRP B 55 43.37 -3.39 -29.63
C TRP B 55 43.70 -3.40 -31.11
N VAL B 56 44.99 -3.40 -31.40
CA VAL B 56 45.48 -3.45 -32.77
C VAL B 56 46.52 -4.55 -32.90
N ARG B 57 46.76 -5.00 -34.13
CA ARG B 57 47.74 -6.05 -34.34
C ARG B 57 48.88 -5.70 -35.26
N GLN B 58 50.09 -5.94 -34.77
CA GLN B 58 51.32 -5.72 -35.52
C GLN B 58 51.97 -7.03 -35.94
N ALA B 59 51.69 -7.50 -37.13
CA ALA B 59 52.30 -8.75 -37.56
C ALA B 59 53.72 -8.39 -37.98
N PRO B 60 54.71 -9.27 -37.93
CA PRO B 60 56.05 -8.97 -38.38
C PRO B 60 56.03 -8.56 -39.84
N GLY B 61 56.68 -7.45 -40.15
CA GLY B 61 56.78 -6.98 -41.53
C GLY B 61 55.52 -6.26 -42.04
N GLN B 62 54.52 -6.14 -41.18
CA GLN B 62 53.25 -5.54 -41.56
C GLN B 62 52.99 -4.19 -40.91
N GLY B 63 51.83 -3.62 -41.26
CA GLY B 63 51.39 -2.35 -40.72
C GLY B 63 50.48 -2.61 -39.53
N LEU B 64 49.54 -1.73 -39.26
CA LEU B 64 48.71 -1.90 -38.09
C LEU B 64 47.27 -2.22 -38.40
N GLU B 65 46.80 -3.36 -37.93
CA GLU B 65 45.42 -3.77 -38.17
C GLU B 65 44.56 -3.44 -36.95
N TRP B 66 43.36 -2.96 -37.17
CA TRP B 66 42.46 -2.78 -36.04
C TRP B 66 41.84 -4.11 -35.73
N MET B 67 41.78 -4.52 -34.46
CA MET B 67 41.11 -5.77 -34.16
C MET B 67 39.73 -5.57 -33.61
N GLY B 68 39.60 -4.58 -32.75
CA GLY B 68 38.34 -4.33 -32.07
C GLY B 68 38.55 -3.51 -30.82
N GLY B 69 37.49 -3.32 -30.06
CA GLY B 69 37.56 -2.54 -28.82
C GLY B 69 36.26 -2.44 -28.07
N ILE B 70 36.36 -1.91 -26.86
CA ILE B 70 35.25 -1.74 -25.93
C ILE B 70 35.12 -0.38 -25.28
N ILE B 71 33.94 -0.14 -24.75
CA ILE B 71 33.72 1.03 -23.91
C ILE B 71 33.27 0.53 -22.55
N PRO B 72 34.15 0.42 -21.55
CA PRO B 72 33.87 -0.08 -20.20
C PRO B 72 32.67 0.60 -19.53
N PHE B 73 32.41 1.86 -19.85
CA PHE B 73 31.28 2.58 -19.26
C PHE B 73 30.00 1.80 -19.54
N PHE B 74 29.84 1.29 -20.77
CA PHE B 74 28.63 0.58 -21.16
C PHE B 74 28.82 -0.92 -21.26
N GLY B 75 30.06 -1.36 -21.45
CA GLY B 75 30.37 -2.78 -21.61
C GLY B 75 30.23 -3.32 -23.05
N GLU B 76 30.03 -2.43 -24.02
CA GLU B 76 29.85 -2.81 -25.41
C GLU B 76 31.17 -3.11 -26.10
N ALA B 77 31.10 -3.93 -27.16
CA ALA B 77 32.27 -4.26 -27.96
C ALA B 77 32.00 -4.20 -29.45
N ASN B 78 33.03 -3.85 -30.21
CA ASN B 78 33.01 -3.80 -31.66
C ASN B 78 34.23 -4.49 -32.21
N TYR B 79 34.07 -5.17 -33.35
CA TYR B 79 35.20 -5.89 -33.93
C TYR B 79 35.41 -5.63 -35.40
N ALA B 80 36.67 -5.72 -35.81
CA ALA B 80 37.04 -5.64 -37.21
C ALA B 80 36.48 -6.88 -37.84
N GLN B 81 36.02 -6.79 -39.08
CA GLN B 81 35.34 -7.92 -39.70
C GLN B 81 36.12 -9.22 -39.76
N ARG B 82 37.43 -9.14 -39.96
CA ARG B 82 38.23 -10.36 -40.09
C ARG B 82 38.31 -11.17 -38.80
N PHE B 83 37.97 -10.56 -37.66
CA PHE B 83 38.02 -11.23 -36.38
C PHE B 83 36.63 -11.44 -35.80
N GLN B 84 35.59 -11.22 -36.59
CA GLN B 84 34.30 -11.43 -35.98
C GLN B 84 34.10 -12.91 -35.83
N GLY B 85 33.73 -13.31 -34.63
CA GLY B 85 33.54 -14.71 -34.30
C GLY B 85 34.81 -15.35 -33.74
N ARG B 86 35.94 -14.65 -33.83
CA ARG B 86 37.19 -15.19 -33.34
C ARG B 86 37.67 -14.49 -32.09
N VAL B 87 37.30 -13.21 -31.96
CA VAL B 87 37.80 -12.42 -30.84
C VAL B 87 36.72 -11.88 -29.91
N THR B 88 36.99 -12.03 -28.61
CA THR B 88 36.13 -11.50 -27.56
C THR B 88 36.90 -10.48 -26.71
N ILE B 89 36.33 -9.29 -26.53
CA ILE B 89 37.00 -8.28 -25.71
C ILE B 89 36.13 -7.88 -24.54
N THR B 90 36.68 -7.97 -23.36
CA THR B 90 35.95 -7.61 -22.15
C THR B 90 36.78 -6.77 -21.20
N ALA B 91 36.17 -6.35 -20.09
CA ALA B 91 36.86 -5.58 -19.06
C ALA B 91 36.24 -5.73 -17.70
N ASP B 92 37.05 -5.42 -16.69
CA ASP B 92 36.62 -5.45 -15.31
C ASP B 92 37.01 -4.16 -14.60
N LYS B 93 36.00 -3.34 -14.35
CA LYS B 93 36.16 -2.00 -13.82
C LYS B 93 36.61 -1.97 -12.37
N SER B 94 36.53 -3.10 -11.67
CA SER B 94 36.97 -3.11 -10.30
C SER B 94 38.49 -3.17 -10.23
N THR B 95 39.14 -3.57 -11.35
CA THR B 95 40.58 -3.68 -11.42
C THR B 95 41.16 -2.75 -12.48
N ASN B 96 40.28 -2.19 -13.34
CA ASN B 96 40.67 -1.33 -14.44
C ASN B 96 41.59 -2.06 -15.39
N THR B 97 41.17 -3.28 -15.69
CA THR B 97 41.87 -4.12 -16.63
C THR B 97 40.95 -4.49 -17.78
N ALA B 98 41.55 -4.93 -18.87
CA ALA B 98 40.83 -5.37 -20.05
C ALA B 98 41.49 -6.59 -20.61
N TYR B 99 40.67 -7.42 -21.26
CA TYR B 99 41.18 -8.67 -21.80
C TYR B 99 40.72 -8.97 -23.20
N MET B 100 41.64 -9.46 -24.01
CA MET B 100 41.31 -9.86 -25.35
C MET B 100 41.56 -11.34 -25.57
N GLU B 101 40.50 -12.07 -25.88
CA GLU B 101 40.60 -13.50 -26.08
C GLU B 101 40.48 -13.90 -27.54
N LEU B 102 41.48 -14.61 -28.02
CA LEU B 102 41.52 -15.09 -29.40
C LEU B 102 41.34 -16.59 -29.45
N SER B 103 40.43 -17.05 -30.29
CA SER B 103 40.18 -18.47 -30.47
C SER B 103 40.77 -18.97 -31.77
N SER B 104 40.95 -20.30 -31.85
CA SER B 104 41.42 -20.97 -33.06
C SER B 104 42.69 -20.37 -33.64
N LEU B 105 43.72 -20.25 -32.83
CA LEU B 105 44.96 -19.66 -33.28
C LEU B 105 45.60 -20.43 -34.40
N ARG B 106 46.14 -19.69 -35.35
CA ARG B 106 46.81 -20.22 -36.53
C ARG B 106 48.18 -19.55 -36.66
N SER B 107 49.10 -20.12 -37.41
CA SER B 107 50.44 -19.52 -37.50
C SER B 107 50.46 -18.09 -38.06
N GLU B 108 49.46 -17.73 -38.87
CA GLU B 108 49.37 -16.39 -39.42
C GLU B 108 49.04 -15.34 -38.35
N ASP B 109 48.68 -15.78 -37.15
CA ASP B 109 48.33 -14.88 -36.07
C ASP B 109 49.54 -14.49 -35.24
N THR B 110 50.74 -14.95 -35.62
CA THR B 110 51.87 -14.49 -34.83
C THR B 110 51.97 -12.99 -35.04
N ALA B 111 51.97 -12.25 -33.94
CA ALA B 111 52.00 -10.79 -33.98
C ALA B 111 52.20 -10.20 -32.62
N VAL B 112 52.52 -8.92 -32.57
CA VAL B 112 52.50 -8.24 -31.30
C VAL B 112 51.17 -7.52 -31.18
N TYR B 113 50.47 -7.81 -30.12
CA TYR B 113 49.17 -7.25 -29.90
C TYR B 113 49.28 -6.03 -29.00
N PHE B 114 48.74 -4.92 -29.42
CA PHE B 114 48.85 -3.71 -28.62
C PHE B 114 47.52 -3.24 -28.06
N CYS B 115 47.57 -2.76 -26.81
CA CYS B 115 46.50 -2.18 -26.03
C CYS B 115 46.67 -0.66 -26.08
N ALA B 116 45.60 0.07 -26.38
CA ALA B 116 45.72 1.51 -26.37
C ALA B 116 44.44 2.21 -25.95
N ARG B 117 44.60 3.42 -25.41
CA ARG B 117 43.49 4.27 -25.01
C ARG B 117 43.17 5.25 -26.11
N GLN B 118 41.96 5.08 -26.65
CA GLN B 118 41.40 5.82 -27.75
C GLN B 118 40.44 6.92 -27.34
N ILE B 119 40.73 8.09 -27.85
CA ILE B 119 39.92 9.26 -27.64
C ILE B 119 39.28 9.74 -28.92
N ASN B 120 37.98 9.87 -28.89
CA ASN B 120 37.24 10.39 -30.02
C ASN B 120 37.02 11.82 -29.66
N GLU B 121 37.56 12.76 -30.40
CA GLU B 121 37.48 14.14 -29.94
C GLU B 121 36.87 15.14 -30.91
N MET B 122 36.03 15.99 -30.34
CA MET B 122 35.36 17.06 -31.04
C MET B 122 35.89 18.42 -30.63
N ALA B 123 36.26 19.22 -31.60
CA ALA B 123 36.73 20.57 -31.36
C ALA B 123 35.56 21.51 -31.54
N THR B 124 35.21 22.21 -30.46
CA THR B 124 34.04 23.07 -30.45
C THR B 124 34.33 24.56 -30.48
N PHE B 125 35.60 24.92 -30.51
CA PHE B 125 35.96 26.33 -30.49
C PHE B 125 36.26 26.84 -31.88
N GLY B 126 35.59 27.92 -32.27
CA GLY B 126 35.80 28.43 -33.61
C GLY B 126 35.20 27.46 -34.61
N GLU B 127 36.05 26.92 -35.45
CA GLU B 127 35.66 25.96 -36.46
C GLU B 127 35.36 24.64 -35.79
N ILE B 128 34.46 23.84 -36.35
CA ILE B 128 34.16 22.55 -35.76
C ILE B 128 34.91 21.45 -36.47
N HIS B 129 35.64 20.65 -35.68
CA HIS B 129 36.45 19.59 -36.26
C HIS B 129 36.33 18.29 -35.50
N TYR B 130 36.46 17.18 -36.22
CA TYR B 130 36.43 15.88 -35.57
C TYR B 130 37.62 15.04 -35.95
N TYR B 131 38.14 14.31 -34.97
CA TYR B 131 39.27 13.41 -35.16
C TYR B 131 39.37 12.39 -34.06
N THR B 132 40.14 11.34 -34.26
CA THR B 132 40.37 10.37 -33.20
C THR B 132 41.83 10.14 -33.04
N TYR B 133 42.24 9.74 -31.86
CA TYR B 133 43.65 9.38 -31.66
C TYR B 133 43.86 8.43 -30.51
N MET B 134 44.97 7.71 -30.55
CA MET B 134 45.33 6.88 -29.42
C MET B 134 46.44 7.56 -28.69
N ASP B 135 46.12 7.90 -27.46
CA ASP B 135 46.98 8.68 -26.59
C ASP B 135 47.93 7.81 -25.78
N VAL B 136 47.41 6.72 -25.26
CA VAL B 136 48.24 5.90 -24.38
C VAL B 136 48.39 4.52 -24.94
N TRP B 137 49.62 4.08 -25.09
CA TRP B 137 49.89 2.76 -25.63
C TRP B 137 50.59 1.88 -24.61
N GLY B 138 50.31 0.58 -24.64
CA GLY B 138 51.02 -0.38 -23.81
C GLY B 138 52.28 -0.79 -24.55
N GLN B 139 53.10 -1.67 -23.95
CA GLN B 139 54.34 -2.06 -24.60
C GLN B 139 54.16 -3.10 -25.70
N GLY B 140 53.01 -3.77 -25.72
CA GLY B 140 52.72 -4.82 -26.68
C GLY B 140 52.97 -6.24 -26.14
N THR B 141 52.13 -7.19 -26.54
CA THR B 141 52.27 -8.57 -26.12
C THR B 141 52.58 -9.45 -27.30
N LEU B 142 53.66 -10.19 -27.24
CA LEU B 142 53.94 -11.06 -28.37
C LEU B 142 53.27 -12.39 -28.23
N VAL B 143 52.48 -12.71 -29.23
CA VAL B 143 51.80 -13.97 -29.24
C VAL B 143 52.34 -14.74 -30.43
N THR B 144 52.85 -15.92 -30.16
CA THR B 144 53.44 -16.75 -31.21
C THR B 144 52.66 -18.00 -31.36
N VAL B 145 52.31 -18.32 -32.60
CA VAL B 145 51.57 -19.53 -32.83
C VAL B 145 52.38 -20.42 -33.73
N SER B 146 52.77 -21.57 -33.22
CA SER B 146 53.60 -22.49 -33.99
C SER B 146 53.62 -23.90 -33.45
N SER B 147 53.57 -24.86 -34.36
CA SER B 147 53.62 -26.27 -34.03
C SER B 147 55.02 -26.76 -33.69
N ALA B 148 56.01 -25.92 -33.97
CA ALA B 148 57.43 -26.23 -33.80
C ALA B 148 57.80 -26.48 -32.33
N SER B 149 58.83 -27.34 -32.12
CA SER B 149 59.42 -27.67 -30.82
C SER B 149 60.54 -26.66 -30.52
N GLY C 19 35.24 -0.68 -42.82
CA GLY C 19 35.74 0.66 -43.04
C GLY C 19 36.70 0.70 -44.26
N SER C 20 36.62 1.80 -45.04
CA SER C 20 37.46 2.06 -46.23
C SER C 20 38.89 2.32 -45.81
N GLU C 21 39.84 1.67 -46.46
CA GLU C 21 41.23 1.78 -46.07
C GLU C 21 41.93 3.04 -46.56
N LEU C 22 42.87 3.50 -45.74
CA LEU C 22 43.72 4.61 -46.07
C LEU C 22 44.94 4.15 -46.86
N THR C 23 45.36 4.98 -47.80
CA THR C 23 46.48 4.66 -48.67
C THR C 23 47.71 5.51 -48.41
N GLN C 24 48.85 4.83 -48.31
CA GLN C 24 50.14 5.49 -48.13
C GLN C 24 51.18 4.86 -49.04
N ASP C 25 52.15 5.65 -49.49
CA ASP C 25 53.27 5.18 -50.28
C ASP C 25 54.25 4.47 -49.33
N PRO C 26 54.58 3.18 -49.52
CA PRO C 26 55.43 2.38 -48.66
C PRO C 26 56.78 2.97 -48.28
N ALA C 27 57.42 3.82 -49.10
CA ALA C 27 58.72 4.31 -48.62
C ALA C 27 59.11 5.68 -49.13
N VAL C 28 59.68 6.47 -48.23
CA VAL C 28 60.14 7.81 -48.53
C VAL C 28 61.57 8.04 -48.07
N SER C 29 62.42 8.60 -48.92
CA SER C 29 63.77 8.90 -48.48
C SER C 29 63.96 10.41 -48.46
N VAL C 30 64.58 10.91 -47.40
CA VAL C 30 64.87 12.32 -47.26
C VAL C 30 66.33 12.55 -46.98
N ALA C 31 66.93 13.54 -47.62
CA ALA C 31 68.32 13.83 -47.33
C ALA C 31 68.41 14.35 -45.91
N LEU C 32 69.46 14.03 -45.18
CA LEU C 32 69.54 14.58 -43.84
C LEU C 32 69.53 16.11 -43.92
N GLY C 33 68.68 16.75 -43.10
CA GLY C 33 68.58 18.20 -43.05
C GLY C 33 67.48 18.79 -43.94
N GLN C 34 66.86 17.95 -44.76
CA GLN C 34 65.82 18.40 -45.67
C GLN C 34 64.40 18.16 -45.16
N THR C 35 63.45 18.89 -45.74
CA THR C 35 62.06 18.72 -45.40
C THR C 35 61.41 17.63 -46.25
N VAL C 36 60.65 16.77 -45.59
CA VAL C 36 59.94 15.68 -46.23
C VAL C 36 58.44 15.73 -46.00
N ARG C 37 57.69 15.37 -47.03
CA ARG C 37 56.24 15.33 -46.94
C ARG C 37 55.70 13.93 -47.10
N ILE C 38 55.01 13.46 -46.06
CA ILE C 38 54.42 12.14 -46.03
C ILE C 38 52.92 12.27 -46.18
N THR C 39 52.37 11.64 -47.20
CA THR C 39 50.95 11.75 -47.46
C THR C 39 50.13 10.53 -47.02
N CYS C 40 48.79 10.70 -46.97
CA CYS C 40 47.75 9.72 -46.66
C CYS C 40 46.46 10.06 -47.42
N GLN C 41 45.83 9.08 -48.06
CA GLN C 41 44.56 9.35 -48.75
C GLN C 41 43.42 8.40 -48.44
N GLY C 42 42.18 8.89 -48.49
CA GLY C 42 41.03 7.99 -48.31
C GLY C 42 39.71 8.66 -47.93
N ASP C 43 38.69 7.84 -47.71
CA ASP C 43 37.35 8.38 -47.46
C ASP C 43 37.19 8.88 -46.06
N SER C 44 37.94 8.29 -45.15
CA SER C 44 37.90 8.63 -43.75
C SER C 44 38.61 9.96 -43.51
N LEU C 45 39.24 10.54 -44.54
CA LEU C 45 39.87 11.82 -44.38
C LEU C 45 39.00 12.95 -44.93
N ARG C 46 37.87 12.62 -45.55
CA ARG C 46 37.08 13.66 -46.22
C ARG C 46 36.50 14.71 -45.29
N ASN C 47 36.07 14.29 -44.12
CA ASN C 47 35.45 15.20 -43.19
C ASN C 47 36.06 15.11 -41.82
N TYR C 48 37.34 14.76 -41.75
CA TYR C 48 38.04 14.57 -40.47
C TYR C 48 39.52 14.88 -40.60
N TYR C 49 40.22 14.78 -39.50
CA TYR C 49 41.67 14.96 -39.53
C TYR C 49 42.35 13.68 -39.14
N ALA C 50 43.51 13.42 -39.72
CA ALA C 50 44.27 12.22 -39.40
C ALA C 50 45.23 12.46 -38.27
N SER C 51 45.42 11.42 -37.51
CA SER C 51 46.43 11.39 -36.48
C SER C 51 47.64 10.72 -37.05
N TRP C 52 48.80 11.18 -36.65
CA TRP C 52 50.03 10.60 -37.12
C TRP C 52 50.81 10.03 -35.99
N TYR C 53 51.43 8.88 -36.26
CA TYR C 53 52.27 8.18 -35.30
C TYR C 53 53.64 7.87 -35.82
N GLN C 54 54.62 7.87 -34.92
CA GLN C 54 55.99 7.50 -35.21
C GLN C 54 56.32 6.18 -34.58
N GLN C 55 56.75 5.20 -35.34
CA GLN C 55 57.08 3.93 -34.76
C GLN C 55 58.54 3.57 -34.90
N LYS C 56 59.18 3.43 -33.77
CA LYS C 56 60.58 3.08 -33.75
C LYS C 56 60.62 1.55 -33.70
N PRO C 57 61.69 0.89 -34.16
CA PRO C 57 61.82 -0.54 -34.12
C PRO C 57 61.63 -1.05 -32.72
N ARG C 58 60.81 -2.09 -32.62
CA ARG C 58 60.46 -2.75 -31.37
C ARG C 58 59.82 -1.83 -30.32
N GLN C 59 59.10 -0.81 -30.78
CA GLN C 59 58.41 0.08 -29.87
C GLN C 59 56.95 0.32 -30.29
N ALA C 60 56.12 0.67 -29.30
CA ALA C 60 54.74 1.02 -29.58
C ALA C 60 54.72 2.30 -30.38
N PRO C 61 53.76 2.51 -31.28
CA PRO C 61 53.59 3.75 -31.99
C PRO C 61 53.43 4.91 -31.03
N VAL C 62 54.05 6.03 -31.36
CA VAL C 62 54.00 7.22 -30.55
C VAL C 62 53.24 8.33 -31.24
N LEU C 63 52.25 8.88 -30.57
CA LEU C 63 51.49 9.94 -31.21
C LEU C 63 52.37 11.15 -31.47
N VAL C 64 52.36 11.62 -32.71
CA VAL C 64 53.15 12.76 -33.17
C VAL C 64 52.34 14.01 -33.42
N PHE C 65 51.24 13.87 -34.13
CA PHE C 65 50.45 15.03 -34.52
C PHE C 65 48.99 14.64 -34.66
N TYR C 66 48.08 15.50 -34.24
CA TYR C 66 46.68 15.16 -34.44
C TYR C 66 45.75 16.35 -34.57
N GLY C 67 44.57 16.06 -35.07
CA GLY C 67 43.58 17.09 -35.23
C GLY C 67 44.04 17.97 -36.35
N LYS C 68 43.61 19.20 -36.35
CA LYS C 68 43.98 20.10 -37.41
C LYS C 68 45.28 20.81 -37.13
N ASN C 69 45.53 21.11 -35.88
CA ASN C 69 46.67 21.94 -35.57
C ASN C 69 47.52 21.65 -34.34
N ASN C 70 47.59 20.43 -33.80
CA ASN C 70 48.46 20.35 -32.63
C ASN C 70 49.18 19.04 -32.44
N ARG C 71 50.05 19.01 -31.42
CA ARG C 71 50.83 17.84 -31.15
C ARG C 71 51.00 17.72 -29.64
N PRO C 72 51.22 16.52 -29.10
CA PRO C 72 51.48 16.30 -27.70
C PRO C 72 52.86 16.79 -27.35
N SER C 73 53.09 17.08 -26.08
CA SER C 73 54.41 17.49 -25.71
C SER C 73 55.35 16.32 -25.89
N GLY C 74 56.62 16.65 -26.05
CA GLY C 74 57.66 15.66 -26.28
C GLY C 74 57.98 15.58 -27.77
N ILE C 75 57.10 16.11 -28.61
CA ILE C 75 57.34 16.11 -30.02
C ILE C 75 57.98 17.46 -30.39
N PRO C 76 59.15 17.47 -31.04
CA PRO C 76 59.90 18.66 -31.41
C PRO C 76 59.21 19.41 -32.51
N ASP C 77 59.55 20.69 -32.63
CA ASP C 77 58.93 21.53 -33.64
C ASP C 77 59.60 21.33 -35.00
N ARG C 78 59.38 20.13 -35.53
CA ARG C 78 59.84 19.71 -36.82
C ARG C 78 58.63 19.11 -37.43
N PHE C 79 57.72 18.69 -36.55
CA PHE C 79 56.53 17.95 -36.96
C PHE C 79 55.27 18.79 -36.91
N SER C 80 54.64 18.96 -38.06
CA SER C 80 53.41 19.73 -38.20
C SER C 80 52.66 19.20 -39.40
N GLY C 81 51.42 19.61 -39.62
CA GLY C 81 50.75 19.09 -40.80
C GLY C 81 49.42 19.72 -41.11
N SER C 82 48.80 19.22 -42.17
CA SER C 82 47.53 19.73 -42.67
C SER C 82 46.80 18.73 -43.56
N SER C 83 45.67 19.16 -44.10
CA SER C 83 44.86 18.34 -45.01
C SER C 83 43.96 19.17 -45.91
N SER C 84 43.50 18.54 -46.99
CA SER C 84 42.54 19.13 -47.91
C SER C 84 41.84 18.03 -48.71
N GLY C 85 40.54 18.18 -48.97
CA GLY C 85 39.87 17.16 -49.74
C GLY C 85 39.95 15.83 -48.99
N ASN C 86 40.42 14.78 -49.65
CA ASN C 86 40.55 13.48 -49.04
C ASN C 86 42.01 13.10 -48.88
N THR C 87 42.87 14.11 -48.84
CA THR C 87 44.31 13.92 -48.69
C THR C 87 44.85 14.62 -47.44
N ALA C 88 45.67 13.92 -46.68
CA ALA C 88 46.28 14.45 -45.48
C ALA C 88 47.77 14.29 -45.56
N SER C 89 48.51 15.16 -44.86
CA SER C 89 49.95 14.99 -44.84
C SER C 89 50.64 15.50 -43.58
N LEU C 90 51.77 14.86 -43.31
CA LEU C 90 52.68 15.22 -42.23
C LEU C 90 53.95 15.80 -42.80
N THR C 91 54.34 16.95 -42.28
CA THR C 91 55.55 17.60 -42.72
C THR C 91 56.61 17.47 -41.67
N ILE C 92 57.78 16.98 -42.07
CA ILE C 92 58.89 16.90 -41.15
C ILE C 92 59.98 17.81 -41.66
N SER C 93 60.17 18.93 -41.01
CA SER C 93 61.10 19.96 -41.46
C SER C 93 62.48 19.77 -40.88
N GLY C 94 63.51 19.74 -41.72
CA GLY C 94 64.83 19.59 -41.15
C GLY C 94 64.97 18.19 -40.59
N ALA C 95 64.52 17.19 -41.33
CA ALA C 95 64.51 15.83 -40.82
C ALA C 95 65.88 15.44 -40.30
N GLN C 96 65.86 14.84 -39.11
CA GLN C 96 67.04 14.40 -38.39
C GLN C 96 67.27 12.92 -38.53
N ALA C 97 68.47 12.45 -38.24
CA ALA C 97 68.75 11.02 -38.31
C ALA C 97 67.86 10.26 -37.34
N GLU C 98 67.55 10.92 -36.24
CA GLU C 98 66.72 10.41 -35.18
C GLU C 98 65.26 10.24 -35.57
N ASP C 99 64.87 10.80 -36.72
CA ASP C 99 63.50 10.74 -37.20
C ASP C 99 63.30 9.53 -38.11
N GLU C 100 64.34 8.72 -38.32
CA GLU C 100 64.09 7.53 -39.12
C GLU C 100 63.04 6.73 -38.35
N ALA C 101 61.95 6.40 -39.00
CA ALA C 101 60.87 5.68 -38.32
C ALA C 101 59.84 5.25 -39.32
N ASP C 102 58.99 4.32 -38.92
CA ASP C 102 57.84 4.07 -39.75
C ASP C 102 56.81 5.11 -39.35
N TYR C 103 56.09 5.66 -40.29
CA TYR C 103 55.05 6.60 -39.93
C TYR C 103 53.73 6.08 -40.38
N TYR C 104 52.71 6.33 -39.58
CA TYR C 104 51.37 5.90 -39.92
C TYR C 104 50.34 7.01 -39.79
N CYS C 105 49.32 6.99 -40.67
CA CYS C 105 48.15 7.88 -40.56
C CYS C 105 47.01 7.06 -39.97
N ASN C 106 46.15 7.73 -39.24
CA ASN C 106 44.99 7.08 -38.66
C ASN C 106 43.74 7.94 -38.59
N SER C 107 42.62 7.36 -39.00
CA SER C 107 41.34 8.03 -38.94
C SER C 107 40.25 7.01 -38.63
N ARG C 108 39.01 7.44 -38.71
CA ARG C 108 37.86 6.62 -38.41
C ARG C 108 36.85 6.65 -39.53
N ASP C 109 36.38 5.48 -39.95
CA ASP C 109 35.36 5.43 -40.97
C ASP C 109 34.03 5.31 -40.28
N SER C 110 33.34 6.43 -40.17
CA SER C 110 32.12 6.58 -39.41
C SER C 110 30.93 5.84 -39.98
N SER C 111 31.04 5.35 -41.21
CA SER C 111 29.94 4.61 -41.78
C SER C 111 29.92 3.18 -41.27
N SER C 112 31.04 2.72 -40.66
CA SER C 112 31.13 1.36 -40.18
C SER C 112 31.61 1.41 -38.76
N ASN C 113 32.06 2.60 -38.37
CA ASN C 113 32.62 2.90 -37.07
C ASN C 113 33.84 2.06 -36.78
N HIS C 114 34.68 1.96 -37.80
CA HIS C 114 35.91 1.20 -37.71
C HIS C 114 37.11 2.08 -37.67
N LEU C 115 38.07 1.69 -36.86
CA LEU C 115 39.32 2.43 -36.80
C LEU C 115 40.12 2.03 -38.00
N VAL C 116 40.62 3.00 -38.73
CA VAL C 116 41.38 2.70 -39.94
C VAL C 116 42.77 3.26 -39.95
N PHE C 117 43.72 2.39 -40.21
CA PHE C 117 45.10 2.82 -40.34
C PHE C 117 45.48 2.76 -41.79
N GLY C 118 46.41 3.61 -42.18
CA GLY C 118 46.94 3.51 -43.52
C GLY C 118 48.00 2.46 -43.47
N GLY C 119 48.65 2.20 -44.59
CA GLY C 119 49.67 1.17 -44.61
C GLY C 119 50.98 1.63 -44.00
N GLY C 120 51.09 2.92 -43.75
CA GLY C 120 52.30 3.47 -43.22
C GLY C 120 53.31 3.68 -44.30
N THR C 121 54.43 4.22 -43.90
CA THR C 121 55.54 4.43 -44.81
C THR C 121 56.80 4.29 -44.03
N LYS C 122 57.87 3.85 -44.67
CA LYS C 122 59.14 3.85 -43.98
C LYS C 122 59.90 5.09 -44.35
N LEU C 123 60.22 5.93 -43.37
CA LEU C 123 60.97 7.13 -43.67
C LEU C 123 62.42 6.88 -43.40
N THR C 124 63.20 6.98 -44.45
CA THR C 124 64.62 6.74 -44.40
C THR C 124 65.32 8.07 -44.41
N VAL C 125 66.15 8.31 -43.43
CA VAL C 125 66.87 9.57 -43.40
C VAL C 125 68.26 9.28 -43.89
N LEU C 126 68.67 9.96 -44.92
CA LEU C 126 69.94 9.67 -45.56
C LEU C 126 71.07 10.39 -44.86
N SER C 127 71.39 9.86 -43.69
CA SER C 127 72.45 10.35 -42.80
C SER C 127 73.88 9.80 -43.10
N GLN C 128 73.98 8.77 -43.98
CA GLN C 128 75.18 8.06 -44.39
C GLN C 128 74.92 7.49 -45.78
N VAL D 43 16.99 44.34 9.86
CA VAL D 43 18.09 43.83 10.69
C VAL D 43 18.93 42.73 9.99
N ILE D 44 18.35 41.99 9.01
CA ILE D 44 19.05 40.90 8.32
C ILE D 44 19.90 41.35 7.16
N VAL D 45 21.17 40.98 7.22
CA VAL D 45 22.14 41.34 6.20
C VAL D 45 22.66 40.10 5.51
N ASN D 46 22.51 40.10 4.20
CA ASN D 46 22.91 38.99 3.36
C ASN D 46 24.39 38.76 3.36
N ALA D 47 24.78 37.52 3.66
CA ALA D 47 26.18 37.13 3.72
C ALA D 47 26.49 35.98 2.77
N GLN D 48 25.78 35.92 1.66
CA GLN D 48 25.96 34.85 0.71
C GLN D 48 26.92 35.29 -0.39
N PRO D 49 27.65 34.37 -1.05
CA PRO D 49 28.53 34.67 -2.17
C PRO D 49 27.90 35.57 -3.23
N LYS D 50 26.68 35.26 -3.63
CA LYS D 50 25.99 36.10 -4.60
C LYS D 50 24.53 36.20 -4.17
N CYS D 51 23.79 37.20 -4.68
CA CYS D 51 22.36 37.36 -4.41
C CYS D 51 21.61 37.81 -5.65
N ASN D 52 20.59 37.04 -6.00
CA ASN D 52 19.68 37.38 -7.08
C ASN D 52 18.62 38.36 -6.55
N PRO D 53 18.60 39.63 -6.98
CA PRO D 53 17.73 40.67 -6.49
C PRO D 53 16.35 40.70 -7.15
N ASN D 54 16.06 39.76 -8.03
CA ASN D 54 14.78 39.77 -8.71
C ASN D 54 14.06 38.49 -8.41
N LEU D 55 12.94 38.57 -7.69
CA LEU D 55 12.26 37.36 -7.30
C LEU D 55 11.07 37.08 -8.17
N HIS D 56 11.19 36.05 -8.96
CA HIS D 56 10.14 35.66 -9.86
C HIS D 56 9.49 34.53 -9.13
N TYR D 57 8.23 34.70 -8.76
CA TYR D 57 7.55 33.75 -7.89
C TYR D 57 6.24 33.22 -8.44
N TRP D 58 5.85 32.09 -7.89
CA TRP D 58 4.58 31.46 -8.18
C TRP D 58 3.83 31.13 -6.90
N THR D 59 2.51 31.09 -7.03
CA THR D 59 1.61 30.69 -5.94
C THR D 59 0.26 30.24 -6.47
N THR D 60 -0.68 29.90 -5.58
CA THR D 60 -2.00 29.43 -6.05
C THR D 60 -3.20 30.38 -5.88
N GLN D 61 -3.03 31.58 -5.28
CA GLN D 61 -4.12 32.54 -5.06
C GLN D 61 -4.57 33.14 -6.41
N ALA D 66 -12.65 30.23 -10.73
CA ALA D 66 -13.37 31.21 -9.91
C ALA D 66 -14.57 31.85 -10.65
N ILE D 67 -14.55 31.88 -12.00
CA ILE D 67 -15.56 32.48 -12.87
C ILE D 67 -16.39 31.44 -13.60
N GLY D 68 -17.70 31.57 -13.50
CA GLY D 68 -18.60 30.64 -14.17
C GLY D 68 -18.45 29.25 -13.59
N LEU D 69 -18.20 28.28 -14.44
CA LEU D 69 -18.07 26.91 -13.99
C LEU D 69 -16.63 26.55 -13.69
N ALA D 70 -15.72 27.50 -13.82
CA ALA D 70 -14.31 27.23 -13.63
C ALA D 70 -14.00 26.67 -12.26
N TRP D 71 -14.73 27.09 -11.24
CA TRP D 71 -14.45 26.61 -9.90
C TRP D 71 -14.75 25.12 -9.69
N ILE D 72 -15.59 24.53 -10.53
CA ILE D 72 -15.98 23.13 -10.42
C ILE D 72 -14.85 22.27 -10.97
N PRO D 73 -14.31 21.28 -10.25
CA PRO D 73 -13.17 20.48 -10.67
C PRO D 73 -13.37 19.73 -11.98
N TYR D 74 -14.61 19.43 -12.31
CA TYR D 74 -14.91 18.78 -13.56
C TYR D 74 -14.64 19.67 -14.78
N PHE D 75 -14.74 20.99 -14.61
CA PHE D 75 -14.57 21.93 -15.71
C PHE D 75 -13.34 22.82 -15.59
N GLY D 76 -12.84 22.97 -14.38
CA GLY D 76 -11.74 23.88 -14.08
C GLY D 76 -10.39 23.34 -14.55
N PRO D 77 -9.30 24.05 -14.29
CA PRO D 77 -7.97 23.71 -14.72
C PRO D 77 -7.37 22.49 -14.04
N ALA D 78 -6.51 21.81 -14.78
CA ALA D 78 -5.73 20.67 -14.31
C ALA D 78 -4.60 21.23 -13.48
N ALA D 79 -3.97 20.40 -12.65
CA ALA D 79 -2.96 20.91 -11.70
C ALA D 79 -1.84 21.77 -12.29
N GLU D 80 -1.36 21.50 -13.48
CA GLU D 80 -0.26 22.32 -13.99
C GLU D 80 -0.66 23.79 -14.18
N GLY D 81 -1.95 24.02 -14.37
CA GLY D 81 -2.57 25.30 -14.65
C GLY D 81 -3.21 26.00 -13.47
N ILE D 82 -2.99 25.56 -12.24
CA ILE D 82 -3.68 26.26 -11.14
C ILE D 82 -2.81 27.33 -10.52
N TYR D 83 -1.68 27.58 -11.14
CA TYR D 83 -0.74 28.55 -10.63
C TYR D 83 -0.79 29.91 -11.27
N THR D 84 -0.52 30.91 -10.44
CA THR D 84 -0.38 32.29 -10.83
C THR D 84 1.04 32.73 -10.59
N GLU D 85 1.36 33.97 -10.97
CA GLU D 85 2.75 34.42 -10.83
C GLU D 85 2.90 35.92 -10.74
N GLY D 86 4.10 36.33 -10.35
CA GLY D 86 4.45 37.74 -10.33
C GLY D 86 5.92 37.96 -10.06
N LEU D 87 6.33 39.22 -10.10
CA LEU D 87 7.72 39.59 -9.89
C LEU D 87 7.91 40.69 -8.87
N MET D 88 8.76 40.43 -7.89
CA MET D 88 9.07 41.42 -6.89
C MET D 88 10.49 41.94 -7.10
N HIS D 89 10.69 43.23 -6.93
CA HIS D 89 12.02 43.82 -7.03
C HIS D 89 12.62 44.00 -5.64
N ASN D 90 13.95 44.13 -5.55
CA ASN D 90 14.66 44.21 -4.27
C ASN D 90 14.58 45.60 -3.68
N GLN D 91 13.36 46.00 -3.34
CA GLN D 91 13.12 47.32 -2.81
C GLN D 91 13.76 47.38 -1.46
N ASP D 92 14.64 48.35 -1.31
CA ASP D 92 15.37 48.58 -0.08
C ASP D 92 16.08 47.32 0.43
N GLY D 93 16.57 46.46 -0.47
CA GLY D 93 17.31 45.29 -0.02
C GLY D 93 16.45 44.15 0.50
N LEU D 94 15.14 44.24 0.34
CA LEU D 94 14.24 43.24 0.88
C LEU D 94 14.43 41.82 0.39
N ILE D 95 14.71 41.62 -0.88
CA ILE D 95 14.85 40.25 -1.35
C ILE D 95 16.09 39.58 -0.80
N CYS D 96 17.24 40.27 -0.78
CA CYS D 96 18.49 39.72 -0.27
C CYS D 96 18.36 39.45 1.24
N GLY D 97 17.66 40.33 1.96
CA GLY D 97 17.44 40.08 3.37
C GLY D 97 16.62 38.81 3.54
N LEU D 98 15.64 38.61 2.67
CA LEU D 98 14.80 37.43 2.75
C LEU D 98 15.56 36.16 2.47
N ARG D 99 16.47 36.19 1.49
CA ARG D 99 17.23 34.97 1.22
C ARG D 99 18.03 34.59 2.45
N GLN D 100 18.59 35.59 3.13
CA GLN D 100 19.35 35.31 4.31
C GLN D 100 18.47 34.78 5.44
N LEU D 101 17.24 35.26 5.55
CA LEU D 101 16.37 34.74 6.59
C LEU D 101 16.14 33.25 6.36
N ALA D 102 15.86 32.85 5.12
CA ALA D 102 15.63 31.42 4.88
C ALA D 102 16.84 30.56 5.26
N ASN D 103 18.07 31.09 5.03
CA ASN D 103 19.34 30.44 5.35
C ASN D 103 19.50 30.22 6.87
N GLU D 104 18.99 31.15 7.73
CA GLU D 104 19.03 31.04 9.20
C GLU D 104 17.92 30.14 9.75
N THR D 105 16.78 30.16 9.09
CA THR D 105 15.59 29.42 9.48
C THR D 105 15.79 27.93 9.40
N THR D 106 16.52 27.48 8.39
CA THR D 106 16.72 26.05 8.18
C THR D 106 17.19 25.28 9.40
N GLN D 107 18.14 25.77 10.20
CA GLN D 107 18.54 24.95 11.33
C GLN D 107 17.44 24.75 12.35
N ALA D 108 16.70 25.81 12.66
CA ALA D 108 15.65 25.67 13.65
C ALA D 108 14.59 24.72 13.14
N LEU D 109 14.32 24.77 11.85
CA LEU D 109 13.30 23.92 11.28
C LEU D 109 13.73 22.48 11.25
N GLN D 110 14.98 22.19 10.92
CA GLN D 110 15.35 20.78 10.90
C GLN D 110 15.31 20.18 12.29
N LEU D 111 15.68 20.94 13.32
CA LEU D 111 15.63 20.37 14.66
C LEU D 111 14.18 20.14 15.07
N PHE D 112 13.30 21.06 14.67
CA PHE D 112 11.90 20.92 14.94
C PHE D 112 11.35 19.64 14.35
N LEU D 113 11.66 19.40 13.09
CA LEU D 113 11.15 18.20 12.45
C LEU D 113 11.72 16.94 13.07
N ARG D 114 12.99 16.96 13.46
CA ARG D 114 13.60 15.80 14.09
C ARG D 114 12.79 15.35 15.29
N ALA D 115 12.28 16.31 16.04
CA ALA D 115 11.56 16.06 17.27
C ALA D 115 10.13 15.55 17.12
N THR D 116 9.54 15.52 15.91
CA THR D 116 8.14 15.09 15.81
C THR D 116 7.94 13.70 15.21
N THR D 117 6.68 13.28 15.21
CA THR D 117 6.27 12.01 14.64
C THR D 117 5.33 12.20 13.46
N GLU D 118 4.95 13.44 13.18
CA GLU D 118 4.06 13.69 12.05
C GLU D 118 4.87 13.47 10.80
N LEU D 119 4.30 12.83 9.80
CA LEU D 119 5.08 12.68 8.60
C LEU D 119 4.95 13.91 7.73
N ARG D 120 3.80 14.55 7.79
CA ARG D 120 3.54 15.74 6.98
C ARG D 120 3.10 16.88 7.85
N THR D 121 3.98 17.81 8.15
CA THR D 121 3.57 18.84 9.08
C THR D 121 3.03 20.07 8.40
N PHE D 122 1.74 20.33 8.62
CA PHE D 122 1.04 21.46 8.04
C PHE D 122 0.64 22.48 9.08
N SER D 123 1.03 22.22 10.31
CA SER D 123 0.62 22.99 11.47
C SER D 123 1.52 24.15 11.89
N ILE D 124 2.62 24.38 11.22
CA ILE D 124 3.55 25.39 11.71
C ILE D 124 2.97 26.77 11.77
N LEU D 125 2.25 27.21 10.76
CA LEU D 125 1.75 28.56 10.85
C LEU D 125 0.58 28.69 11.82
N ASN D 126 -0.18 27.62 12.04
CA ASN D 126 -1.26 27.78 13.00
C ASN D 126 -0.66 27.86 14.38
N ARG D 127 0.43 27.14 14.62
CA ARG D 127 1.08 27.22 15.91
C ARG D 127 1.57 28.63 16.11
N LYS D 128 2.12 29.25 15.07
CA LYS D 128 2.61 30.60 15.25
C LYS D 128 1.49 31.55 15.56
N ALA D 129 0.34 31.40 14.92
CA ALA D 129 -0.74 32.31 15.23
C ALA D 129 -1.16 32.18 16.69
N ILE D 130 -1.19 30.95 17.20
CA ILE D 130 -1.57 30.76 18.59
C ILE D 130 -0.55 31.35 19.53
N ASP D 131 0.74 31.12 19.29
CA ASP D 131 1.73 31.68 20.20
C ASP D 131 1.75 33.20 20.14
N PHE D 132 1.54 33.75 18.96
CA PHE D 132 1.52 35.19 18.78
C PHE D 132 0.50 35.81 19.69
N LEU D 133 -0.69 35.24 19.65
CA LEU D 133 -1.76 35.80 20.41
C LEU D 133 -1.64 35.46 21.90
N LEU D 134 -1.17 34.25 22.28
CA LEU D 134 -1.02 33.92 23.70
C LEU D 134 -0.04 34.82 24.37
N GLN D 135 1.02 35.19 23.68
CA GLN D 135 2.00 36.04 24.29
C GLN D 135 1.38 37.34 24.76
N ARG D 136 0.37 37.85 24.06
CA ARG D 136 -0.21 39.11 24.42
C ARG D 136 -1.41 38.98 25.37
N TRP D 137 -2.23 37.95 25.17
CA TRP D 137 -3.46 37.85 25.93
C TRP D 137 -3.63 36.62 26.85
N GLY D 138 -2.62 35.75 26.94
CA GLY D 138 -2.77 34.61 27.82
C GLY D 138 -2.52 35.14 29.21
N GLY D 139 -2.75 34.34 30.23
CA GLY D 139 -2.55 34.87 31.56
C GLY D 139 -3.47 36.06 31.77
N THR D 140 -2.92 37.18 32.23
CA THR D 140 -3.73 38.37 32.45
C THR D 140 -3.15 39.60 31.76
N CYS D 141 -4.05 40.58 31.47
CA CYS D 141 -3.75 41.89 30.91
C CYS D 141 -3.74 42.92 32.03
N HIS D 142 -2.73 43.77 32.06
CA HIS D 142 -2.67 44.82 33.06
C HIS D 142 -2.52 46.16 32.33
N ILE D 143 -3.56 46.98 32.38
CA ILE D 143 -3.59 48.26 31.62
C ILE D 143 -2.52 49.26 32.04
N LEU D 144 -2.11 49.18 33.28
CA LEU D 144 -1.13 50.10 33.81
C LEU D 144 0.31 49.66 33.55
N GLY D 145 0.52 48.48 32.96
CA GLY D 145 1.87 48.00 32.76
C GLY D 145 2.34 48.16 31.31
N PRO D 146 3.59 47.77 31.01
CA PRO D 146 4.21 47.79 29.69
C PRO D 146 3.98 46.51 28.89
N ASP D 147 3.30 45.56 29.51
CA ASP D 147 3.20 44.19 28.99
C ASP D 147 2.04 43.86 28.05
N CYS D 148 0.87 44.53 28.20
CA CYS D 148 -0.35 44.23 27.47
C CYS D 148 -0.53 45.22 26.32
N CYS D 149 -0.83 44.69 25.15
CA CYS D 149 -0.97 45.51 23.94
C CYS D 149 -2.35 46.15 23.82
N ILE D 150 -2.62 47.02 24.79
CA ILE D 150 -3.87 47.75 24.92
C ILE D 150 -3.64 49.21 25.28
N GLU D 151 -4.40 50.10 24.69
CA GLU D 151 -4.32 51.51 25.02
C GLU D 151 -5.57 51.96 25.81
N PRO D 152 -5.46 52.94 26.79
CA PRO D 152 -6.57 53.51 27.55
C PRO D 152 -7.18 54.72 26.81
N SER E 36 -14.27 17.75 27.01
CA SER E 36 -14.49 17.04 28.26
C SER E 36 -13.21 16.40 28.86
N ILE E 37 -12.05 16.47 28.16
CA ILE E 37 -10.74 15.96 28.60
C ILE E 37 -10.16 16.91 29.63
N PRO E 38 -9.83 16.46 30.85
CA PRO E 38 -9.31 17.29 31.91
C PRO E 38 -7.91 17.73 31.58
N LEU E 39 -7.53 18.88 32.07
CA LEU E 39 -6.19 19.37 31.92
C LEU E 39 -5.65 19.74 33.28
N GLY E 40 -4.55 19.12 33.68
CA GLY E 40 -4.01 19.41 34.99
C GLY E 40 -3.10 20.60 34.93
N VAL E 41 -3.01 21.32 36.03
CA VAL E 41 -2.10 22.45 36.12
C VAL E 41 -1.22 22.28 37.33
N ILE E 42 0.08 22.43 37.14
CA ILE E 42 0.95 22.27 38.30
C ILE E 42 1.48 23.59 38.80
N HIS E 43 1.20 23.89 40.06
CA HIS E 43 1.68 25.13 40.65
C HIS E 43 2.05 24.80 42.07
N ASN E 44 3.10 25.40 42.63
CA ASN E 44 3.48 25.12 44.01
C ASN E 44 3.60 23.60 44.26
N SER E 45 4.16 22.89 43.27
CA SER E 45 4.37 21.43 43.28
C SER E 45 3.11 20.63 43.59
N THR E 46 1.97 21.24 43.31
CA THR E 46 0.67 20.68 43.59
C THR E 46 -0.10 20.49 42.30
N LEU E 47 -0.71 19.32 42.14
CA LEU E 47 -1.48 19.10 40.93
C LEU E 47 -2.96 19.35 41.18
N GLN E 48 -3.44 20.37 40.48
CA GLN E 48 -4.79 20.85 40.54
C GLN E 48 -5.44 20.70 39.20
N VAL E 49 -6.58 20.06 39.11
CA VAL E 49 -7.21 19.99 37.81
C VAL E 49 -7.93 21.29 37.55
N SER E 50 -7.72 21.85 36.37
CA SER E 50 -8.34 23.11 36.06
C SER E 50 -9.76 22.90 35.62
N ASP E 51 -10.65 23.65 36.24
CA ASP E 51 -12.06 23.59 35.91
C ASP E 51 -12.31 24.46 34.71
N VAL E 52 -13.41 24.20 34.05
CA VAL E 52 -13.86 25.02 32.96
C VAL E 52 -14.97 25.93 33.48
N ASP E 53 -15.85 25.41 34.34
CA ASP E 53 -16.96 26.24 34.78
C ASP E 53 -16.46 27.44 35.57
N LYS E 54 -15.41 27.24 36.34
CA LYS E 54 -14.83 28.32 37.11
C LYS E 54 -13.59 28.85 36.43
N LEU E 55 -13.66 30.08 35.96
CA LEU E 55 -12.52 30.64 35.28
C LEU E 55 -11.58 31.31 36.25
N VAL E 56 -10.36 30.83 36.26
CA VAL E 56 -9.35 31.36 37.16
C VAL E 56 -8.30 32.05 36.32
N CYS E 57 -8.13 33.34 36.58
CA CYS E 57 -7.21 34.19 35.81
C CYS E 57 -5.76 33.89 36.09
N ARG E 58 -5.52 33.18 37.18
CA ARG E 58 -4.18 32.83 37.62
C ARG E 58 -3.45 31.91 36.65
N ASP E 59 -4.15 31.03 35.91
CA ASP E 59 -3.35 30.16 35.06
C ASP E 59 -2.73 30.96 33.92
N LYS E 60 -1.41 30.91 33.81
CA LYS E 60 -0.73 31.68 32.77
C LYS E 60 -0.09 30.85 31.68
N LEU E 61 -0.77 30.76 30.55
CA LEU E 61 -0.26 30.03 29.42
C LEU E 61 0.30 31.08 28.49
N SER E 62 1.63 31.13 28.41
CA SER E 62 2.32 32.12 27.62
C SER E 62 2.65 31.59 26.24
N SER E 63 2.86 30.29 26.16
CA SER E 63 3.20 29.67 24.89
C SER E 63 2.77 28.24 24.88
N THR E 64 2.68 27.65 23.69
CA THR E 64 2.27 26.26 23.56
C THR E 64 3.32 25.28 24.04
N ASN E 65 4.50 25.76 24.36
CA ASN E 65 5.59 24.92 24.85
C ASN E 65 5.33 24.47 26.27
N GLN E 66 4.34 25.08 26.92
CA GLN E 66 3.96 24.72 28.28
C GLN E 66 2.93 23.63 28.30
N LEU E 67 2.46 23.21 27.14
CA LEU E 67 1.44 22.19 27.08
C LEU E 67 2.05 20.87 26.71
N ARG E 68 1.91 19.86 27.56
CA ARG E 68 2.52 18.58 27.26
C ARG E 68 1.61 17.39 27.47
N SER E 69 1.81 16.41 26.61
CA SER E 69 1.17 15.10 26.67
C SER E 69 2.17 14.07 27.17
N VAL E 70 1.90 13.51 28.35
CA VAL E 70 2.86 12.57 28.92
C VAL E 70 2.30 11.17 29.12
N GLY E 71 3.05 10.18 28.65
CA GLY E 71 2.65 8.79 28.81
C GLY E 71 3.26 8.14 30.04
N LEU E 72 2.41 7.50 30.83
CA LEU E 72 2.82 6.81 32.05
C LEU E 72 2.50 5.33 31.94
N ASN E 73 3.30 4.49 32.59
CA ASN E 73 3.05 3.05 32.49
C ASN E 73 2.13 2.53 33.60
N LEU E 74 1.41 1.44 33.33
CA LEU E 74 0.52 0.84 34.34
C LEU E 74 1.30 0.10 35.41
N GLU E 75 2.52 -0.27 35.10
CA GLU E 75 3.34 -0.96 36.07
C GLU E 75 3.58 -0.04 37.27
N GLY E 76 3.48 1.29 37.11
CA GLY E 76 3.74 2.21 38.20
C GLY E 76 2.60 2.27 39.20
N ASN E 77 1.47 1.63 38.86
CA ASN E 77 0.31 1.58 39.73
C ASN E 77 0.30 0.24 40.45
N GLY E 78 1.31 -0.59 40.21
CA GLY E 78 1.37 -1.90 40.82
C GLY E 78 0.65 -3.02 40.08
N VAL E 79 0.36 -2.89 38.79
CA VAL E 79 -0.34 -4.00 38.15
C VAL E 79 0.63 -5.14 37.92
N ALA E 80 0.13 -6.35 37.71
CA ALA E 80 1.02 -7.45 37.38
C ALA E 80 1.65 -7.19 36.04
N THR E 81 2.92 -7.57 35.88
CA THR E 81 3.61 -7.41 34.61
C THR E 81 3.99 -8.72 33.91
N ASP E 82 3.97 -9.81 34.64
CA ASP E 82 4.38 -11.10 34.09
C ASP E 82 3.50 -11.58 32.94
N VAL E 83 4.12 -12.09 31.88
CA VAL E 83 3.40 -12.48 30.68
C VAL E 83 2.08 -13.25 30.88
N PRO E 84 2.00 -14.40 31.54
CA PRO E 84 0.77 -15.14 31.73
C PRO E 84 -0.28 -14.41 32.53
N SER E 85 0.10 -13.34 33.22
CA SER E 85 -0.84 -12.56 33.99
C SER E 85 -1.31 -11.34 33.23
N VAL E 86 -0.59 -10.92 32.19
CA VAL E 86 -0.98 -9.68 31.52
C VAL E 86 -1.64 -9.90 30.20
N THR E 87 -1.48 -11.06 29.62
CA THR E 87 -2.14 -11.28 28.35
C THR E 87 -3.63 -11.44 28.60
N LYS E 88 -3.98 -11.64 29.85
CA LYS E 88 -5.34 -11.76 30.30
C LYS E 88 -6.07 -10.44 30.20
N ARG E 89 -5.34 -9.34 30.07
CA ARG E 89 -5.93 -8.03 29.98
C ARG E 89 -6.18 -7.61 28.55
N TRP E 90 -5.78 -8.42 27.57
CA TRP E 90 -5.88 -8.02 26.17
C TRP E 90 -6.86 -8.95 25.48
N GLY E 91 -7.52 -8.52 24.42
CA GLY E 91 -8.34 -9.50 23.71
C GLY E 91 -8.84 -9.03 22.37
N PHE E 92 -9.33 -9.98 21.58
CA PHE E 92 -9.74 -9.66 20.24
C PHE E 92 -11.18 -9.31 20.05
N ARG E 93 -11.41 -8.34 19.16
CA ARG E 93 -12.72 -7.91 18.74
C ARG E 93 -12.76 -7.45 17.28
N SER E 94 -13.93 -7.54 16.65
CA SER E 94 -14.17 -7.04 15.30
C SER E 94 -15.22 -5.91 15.28
N GLY E 95 -15.22 -5.10 14.22
CA GLY E 95 -16.24 -4.04 14.03
C GLY E 95 -15.86 -2.67 14.61
N VAL E 96 -14.71 -2.61 15.26
CA VAL E 96 -14.21 -1.40 15.87
C VAL E 96 -12.87 -1.03 15.24
N PRO E 97 -12.70 0.17 14.65
CA PRO E 97 -11.48 0.64 14.04
C PRO E 97 -10.48 1.10 15.11
N PRO E 98 -9.17 1.08 14.84
CA PRO E 98 -8.10 1.63 15.65
C PRO E 98 -7.97 3.14 15.58
N LYS E 99 -7.45 3.75 16.64
CA LYS E 99 -7.11 5.19 16.66
C LYS E 99 -5.78 5.46 17.38
N VAL E 100 -5.03 6.52 17.00
CA VAL E 100 -3.84 6.87 17.81
C VAL E 100 -3.77 8.36 18.19
N VAL E 101 -2.98 8.66 19.24
CA VAL E 101 -2.64 10.04 19.66
C VAL E 101 -1.14 10.18 19.90
N ASN E 102 -0.58 11.38 19.86
CA ASN E 102 0.85 11.49 20.12
C ASN E 102 1.25 11.93 21.51
N TYR E 103 2.54 11.70 21.80
CA TYR E 103 3.22 12.12 23.04
C TYR E 103 4.37 13.07 22.85
N GLU E 104 4.65 13.86 23.87
CA GLU E 104 5.87 14.63 23.90
C GLU E 104 6.88 13.99 24.85
N ALA E 105 6.40 13.28 25.86
CA ALA E 105 7.31 12.69 26.83
C ALA E 105 6.72 11.47 27.47
N GLY E 106 7.55 10.67 28.11
CA GLY E 106 7.04 9.54 28.83
C GLY E 106 8.00 8.85 29.77
N GLU E 107 7.46 7.90 30.49
CA GLU E 107 8.15 7.11 31.50
C GLU E 107 9.00 5.99 30.92
N TRP E 108 10.12 5.67 31.57
CA TRP E 108 10.95 4.51 31.19
C TRP E 108 10.24 3.25 31.62
N ALA E 109 10.30 2.18 30.85
CA ALA E 109 9.59 1.00 31.29
C ALA E 109 10.51 -0.07 31.84
N GLU E 110 10.08 -0.73 32.91
CA GLU E 110 10.80 -1.89 33.35
C GLU E 110 10.41 -3.02 32.41
N ASN E 111 9.12 -3.11 32.10
CA ASN E 111 8.66 -4.18 31.24
C ASN E 111 7.88 -3.67 30.04
N CYS E 112 8.11 -4.29 28.87
CA CYS E 112 7.37 -4.05 27.63
C CYS E 112 7.29 -5.37 26.84
N TYR E 113 6.43 -5.39 25.83
CA TYR E 113 6.13 -6.65 25.14
C TYR E 113 6.25 -6.58 23.65
N ASN E 114 6.47 -7.72 23.02
CA ASN E 114 6.51 -7.79 21.56
C ASN E 114 5.82 -9.06 21.07
N LEU E 115 4.67 -8.95 20.42
CA LEU E 115 3.95 -10.18 20.04
C LEU E 115 3.99 -10.53 18.56
N GLU E 116 4.09 -11.84 18.31
CA GLU E 116 3.98 -12.43 16.96
C GLU E 116 3.07 -13.64 17.02
N ILE E 117 1.78 -13.42 16.85
CA ILE E 117 0.82 -14.49 17.04
C ILE E 117 0.17 -14.85 15.72
N LYS E 118 0.13 -16.15 15.46
CA LYS E 118 -0.47 -16.70 14.26
C LYS E 118 -1.68 -17.57 14.55
N LYS E 119 -2.52 -17.75 13.56
CA LYS E 119 -3.62 -18.66 13.69
C LYS E 119 -3.03 -20.04 13.51
N PRO E 120 -3.68 -21.11 13.95
CA PRO E 120 -3.24 -22.48 13.74
C PRO E 120 -2.96 -22.83 12.28
N ASP E 121 -3.60 -22.14 11.32
CA ASP E 121 -3.39 -22.44 9.91
C ASP E 121 -2.26 -21.63 9.27
N GLY E 122 -1.53 -20.85 10.08
CA GLY E 122 -0.41 -20.05 9.61
C GLY E 122 -0.72 -18.58 9.28
N SER E 123 -1.98 -18.20 9.25
CA SER E 123 -2.38 -16.82 8.96
C SER E 123 -1.98 -15.87 10.09
N GLU E 124 -1.61 -14.64 9.79
CA GLU E 124 -1.22 -13.71 10.87
C GLU E 124 -2.45 -13.20 11.65
N CYS E 125 -2.32 -13.05 13.01
CA CYS E 125 -3.38 -12.51 13.88
C CYS E 125 -3.34 -11.00 13.96
N LEU E 126 -2.15 -10.45 14.14
CA LEU E 126 -2.01 -9.02 14.34
C LEU E 126 -1.64 -8.38 13.02
N PRO E 127 -2.08 -7.13 12.74
CA PRO E 127 -1.80 -6.35 11.56
C PRO E 127 -0.38 -5.84 11.52
N ALA E 128 0.13 -5.59 10.32
CA ALA E 128 1.46 -4.98 10.27
C ALA E 128 1.35 -3.57 10.75
N ALA E 129 2.37 -3.08 11.44
CA ALA E 129 2.32 -1.70 11.86
C ALA E 129 2.42 -0.81 10.63
N PRO E 130 1.71 0.32 10.59
CA PRO E 130 1.76 1.32 9.55
C PRO E 130 3.02 2.13 9.64
N ASP E 131 3.33 2.81 8.56
CA ASP E 131 4.49 3.66 8.57
C ASP E 131 4.39 4.68 9.67
N GLY E 132 5.50 4.90 10.35
CA GLY E 132 5.55 5.85 11.43
C GLY E 132 5.53 5.20 12.81
N ILE E 133 5.23 3.91 12.89
CA ILE E 133 5.23 3.24 14.18
C ILE E 133 6.55 2.52 14.42
N ARG E 134 7.13 2.79 15.56
CA ARG E 134 8.37 2.19 16.02
C ARG E 134 8.19 1.75 17.45
N GLY E 135 9.03 0.82 17.91
CA GLY E 135 8.90 0.33 19.27
C GLY E 135 9.25 1.36 20.32
N PHE E 136 8.71 1.15 21.51
CA PHE E 136 8.90 2.03 22.65
C PHE E 136 10.41 2.20 22.87
N PRO E 137 10.94 3.43 23.01
CA PRO E 137 12.36 3.73 23.10
C PRO E 137 13.18 3.27 24.29
N ARG E 138 12.58 3.01 25.45
CA ARG E 138 13.43 2.62 26.57
C ARG E 138 12.74 1.58 27.48
N CYS E 139 13.23 0.32 27.46
CA CYS E 139 12.71 -0.82 28.23
C CYS E 139 13.87 -1.54 28.90
N ARG E 140 13.70 -1.95 30.14
CA ARG E 140 14.74 -2.80 30.72
C ARG E 140 14.59 -4.22 30.19
N TYR E 141 13.37 -4.74 30.15
CA TYR E 141 13.14 -6.08 29.63
C TYR E 141 12.08 -6.10 28.55
N VAL E 142 12.31 -6.93 27.55
CA VAL E 142 11.34 -7.11 26.48
C VAL E 142 10.85 -8.53 26.51
N HIS E 143 9.56 -8.70 26.63
CA HIS E 143 9.00 -10.02 26.66
C HIS E 143 8.44 -10.32 25.30
N LYS E 144 9.17 -11.11 24.54
CA LYS E 144 8.79 -11.41 23.17
C LYS E 144 8.06 -12.73 23.13
N VAL E 145 6.83 -12.73 22.64
CA VAL E 145 6.05 -13.96 22.65
C VAL E 145 5.68 -14.41 21.26
N SER E 146 6.08 -15.62 20.93
CA SER E 146 5.79 -16.23 19.65
C SER E 146 4.79 -17.36 19.85
N GLY E 147 3.71 -17.36 19.12
CA GLY E 147 2.78 -18.44 19.38
C GLY E 147 1.56 -18.43 18.52
N THR E 148 0.62 -19.31 18.86
CA THR E 148 -0.61 -19.42 18.10
C THR E 148 -1.85 -19.41 18.96
N GLY E 149 -2.99 -19.14 18.34
CA GLY E 149 -4.25 -19.20 19.07
C GLY E 149 -5.49 -18.78 18.28
N PRO E 150 -6.67 -18.87 18.90
CA PRO E 150 -7.97 -18.54 18.35
C PRO E 150 -8.22 -17.03 18.30
N CYS E 151 -7.52 -16.36 17.38
CA CYS E 151 -7.54 -14.90 17.18
C CYS E 151 -8.83 -14.53 16.41
N ALA E 152 -9.95 -14.64 17.12
CA ALA E 152 -11.30 -14.47 16.59
C ALA E 152 -11.63 -13.09 16.00
N GLY E 153 -11.07 -12.03 16.53
CA GLY E 153 -11.41 -10.67 16.08
C GLY E 153 -10.46 -10.11 15.02
N ASP E 154 -10.53 -8.81 14.79
CA ASP E 154 -9.70 -8.20 13.78
C ASP E 154 -8.47 -7.62 14.44
N PHE E 155 -8.68 -7.07 15.62
CA PHE E 155 -7.63 -6.41 16.35
C PHE E 155 -7.66 -6.79 17.80
N ALA E 156 -6.51 -6.73 18.43
CA ALA E 156 -6.42 -6.93 19.86
C ALA E 156 -6.48 -5.58 20.56
N PHE E 157 -7.45 -5.44 21.44
CA PHE E 157 -7.76 -4.22 22.20
C PHE E 157 -7.48 -4.40 23.67
N HIS E 158 -7.21 -3.32 24.38
CA HIS E 158 -7.02 -3.44 25.82
C HIS E 158 -8.37 -3.52 26.51
N LYS E 159 -8.56 -4.48 27.39
CA LYS E 159 -9.85 -4.65 28.06
C LYS E 159 -10.18 -3.61 29.10
N GLU E 160 -9.20 -2.90 29.62
CA GLU E 160 -9.49 -1.92 30.65
C GLU E 160 -9.58 -0.51 30.09
N GLY E 161 -9.40 -0.37 28.78
CA GLY E 161 -9.42 0.95 28.17
C GLY E 161 -8.05 1.62 28.10
N ALA E 162 -7.02 0.96 28.57
CA ALA E 162 -5.66 1.49 28.53
C ALA E 162 -5.14 1.45 27.09
N PHE E 163 -4.06 2.18 26.82
CA PHE E 163 -3.48 2.26 25.50
C PHE E 163 -2.17 1.50 25.37
N PHE E 164 -1.85 1.08 24.17
CA PHE E 164 -0.57 0.45 23.94
C PHE E 164 0.37 1.56 23.56
N LEU E 165 1.58 1.57 24.10
CA LEU E 165 2.48 2.68 23.84
C LEU E 165 3.65 2.32 22.96
N TYR E 166 3.76 3.07 21.89
CA TYR E 166 4.77 2.98 20.87
C TYR E 166 5.62 4.23 20.91
N ASP E 167 6.59 4.35 20.01
CA ASP E 167 7.46 5.51 20.05
C ASP E 167 6.70 6.81 19.78
N ARG E 168 6.38 7.44 20.90
CA ARG E 168 5.64 8.68 21.05
C ARG E 168 4.26 8.66 20.43
N LEU E 169 3.62 7.50 20.51
CA LEU E 169 2.28 7.30 20.03
C LEU E 169 1.49 6.32 20.88
N ALA E 170 0.31 6.70 21.29
CA ALA E 170 -0.53 5.80 22.03
C ALA E 170 -1.53 5.24 21.07
N SER E 171 -1.79 3.94 21.15
CA SER E 171 -2.73 3.31 20.25
C SER E 171 -3.74 2.44 20.92
N THR E 172 -4.91 2.37 20.34
CA THR E 172 -5.92 1.51 20.91
C THR E 172 -5.72 0.04 20.58
N VAL E 173 -4.84 -0.28 19.62
CA VAL E 173 -4.61 -1.68 19.24
C VAL E 173 -3.15 -2.08 19.24
N ILE E 174 -2.92 -3.39 19.25
CA ILE E 174 -1.58 -3.96 19.16
C ILE E 174 -1.16 -4.25 17.73
N TYR E 175 0.03 -3.78 17.33
CA TYR E 175 0.55 -4.04 15.99
C TYR E 175 1.58 -5.16 16.04
N ARG E 176 1.65 -5.95 14.98
CA ARG E 176 2.51 -7.11 14.95
C ARG E 176 3.98 -6.81 14.92
N GLY E 177 4.71 -7.47 15.81
CA GLY E 177 6.16 -7.41 15.83
C GLY E 177 6.74 -6.14 16.43
N THR E 178 5.92 -5.24 16.95
CA THR E 178 6.48 -4.00 17.44
C THR E 178 6.35 -3.86 18.94
N THR E 179 7.48 -3.59 19.59
CA THR E 179 7.58 -3.49 21.03
C THR E 179 6.74 -2.37 21.61
N PHE E 180 5.94 -2.67 22.63
CA PHE E 180 5.12 -1.66 23.26
C PHE E 180 5.03 -1.75 24.76
N ALA E 181 4.80 -0.62 25.38
CA ALA E 181 4.59 -0.54 26.81
C ALA E 181 3.11 -0.44 27.06
N GLU E 182 2.64 -0.71 28.25
CA GLU E 182 1.21 -0.63 28.47
C GLU E 182 0.89 0.54 29.39
N GLY E 183 0.00 1.47 28.98
CA GLY E 183 -0.21 2.65 29.81
C GLY E 183 -1.35 3.64 29.50
N VAL E 184 -1.23 4.80 30.13
CA VAL E 184 -2.21 5.89 30.06
C VAL E 184 -1.56 7.25 29.80
N VAL E 185 -2.35 8.22 29.34
CA VAL E 185 -1.82 9.55 29.07
C VAL E 185 -2.51 10.70 29.80
N ALA E 186 -1.71 11.60 30.35
CA ALA E 186 -2.21 12.80 31.02
C ALA E 186 -1.83 14.05 30.25
N PHE E 187 -2.68 15.06 30.34
CA PHE E 187 -2.36 16.33 29.70
C PHE E 187 -2.15 17.38 30.77
N LEU E 188 -1.05 18.12 30.66
CA LEU E 188 -0.65 19.14 31.63
C LEU E 188 -0.27 20.54 31.13
N ILE E 189 -0.49 21.54 31.98
CA ILE E 189 0.09 22.88 31.77
C ILE E 189 1.23 23.02 32.80
N LEU E 190 2.48 23.21 32.31
CA LEU E 190 3.69 23.30 33.12
C LEU E 190 3.78 24.65 33.83
N TYR E 217 22.41 2.73 25.97
CA TYR E 217 21.51 1.99 26.83
C TYR E 217 21.22 0.61 26.23
N TYR E 218 21.25 -0.43 27.09
CA TYR E 218 21.07 -1.84 26.81
C TYR E 218 19.77 -2.36 27.36
N SER E 219 19.28 -3.44 26.78
CA SER E 219 18.06 -4.08 27.26
C SER E 219 18.18 -5.57 27.11
N THR E 220 17.37 -6.31 27.83
CA THR E 220 17.40 -7.76 27.76
C THR E 220 16.16 -8.33 27.12
N THR E 221 16.35 -9.20 26.15
CA THR E 221 15.22 -9.83 25.49
C THR E 221 15.02 -11.21 26.04
N ILE E 222 13.80 -11.47 26.46
CA ILE E 222 13.41 -12.75 26.99
C ILE E 222 12.42 -13.34 26.02
N ARG E 223 12.66 -14.55 25.57
CA ARG E 223 11.79 -15.15 24.59
C ARG E 223 10.88 -16.17 25.20
N TYR E 224 9.62 -16.15 24.78
CA TYR E 224 8.59 -17.06 25.23
C TYR E 224 7.83 -17.66 24.06
N GLN E 225 7.22 -18.81 24.31
CA GLN E 225 6.32 -19.40 23.33
C GLN E 225 5.00 -19.76 23.93
N ALA E 226 3.95 -19.72 23.14
CA ALA E 226 2.65 -20.08 23.68
C ALA E 226 1.70 -20.69 22.69
N THR E 227 0.77 -21.46 23.23
CA THR E 227 -0.32 -22.00 22.43
C THR E 227 -1.64 -21.68 23.07
N GLY E 228 -2.65 -21.43 22.25
CA GLY E 228 -3.97 -21.14 22.76
C GLY E 228 -3.97 -19.72 23.30
N PHE E 229 -3.16 -18.88 22.68
CA PHE E 229 -2.92 -17.50 23.09
C PHE E 229 -4.17 -16.67 23.37
N GLY E 230 -5.18 -16.79 22.54
CA GLY E 230 -6.38 -15.98 22.69
C GLY E 230 -7.44 -16.53 23.66
N THR E 231 -7.17 -17.62 24.37
CA THR E 231 -8.19 -18.17 25.28
C THR E 231 -7.67 -18.30 26.72
N ASN E 232 -8.53 -18.77 27.68
CA ASN E 232 -8.13 -18.93 29.10
C ASN E 232 -7.10 -20.04 29.30
N GLU E 233 -7.24 -21.18 28.58
CA GLU E 233 -6.29 -22.29 28.62
C GLU E 233 -5.08 -22.04 27.71
N THR E 234 -4.30 -21.02 28.08
CA THR E 234 -3.09 -20.67 27.36
C THR E 234 -1.90 -21.28 28.05
N GLU E 235 -1.10 -22.01 27.30
CA GLU E 235 0.09 -22.62 27.85
C GLU E 235 1.31 -21.80 27.49
N TYR E 236 2.21 -21.59 28.46
CA TYR E 236 3.42 -20.84 28.17
C TYR E 236 4.71 -21.52 28.56
N LEU E 237 5.68 -21.37 27.67
CA LEU E 237 7.05 -21.82 27.88
C LEU E 237 8.03 -20.68 27.79
N PHE E 238 9.12 -20.82 28.49
CA PHE E 238 10.23 -19.88 28.43
C PHE E 238 11.37 -20.51 27.68
N GLU E 239 11.98 -19.78 26.75
CA GLU E 239 13.11 -20.35 26.03
C GLU E 239 14.43 -20.17 26.74
N VAL E 240 15.19 -21.25 26.78
CA VAL E 240 16.53 -21.25 27.32
C VAL E 240 17.50 -21.31 26.16
N ASP E 241 17.18 -22.20 25.23
CA ASP E 241 17.95 -22.45 24.02
C ASP E 241 16.97 -22.80 22.92
N ASN E 242 17.42 -23.04 21.72
CA ASN E 242 16.47 -23.31 20.66
C ASN E 242 15.65 -24.57 20.90
N LEU E 243 16.26 -25.55 21.55
CA LEU E 243 15.55 -26.79 21.83
C LEU E 243 15.28 -27.00 23.31
N THR E 244 15.48 -25.97 24.12
CA THR E 244 15.35 -26.16 25.57
C THR E 244 14.40 -25.15 26.17
N TYR E 245 13.40 -25.67 26.87
CA TYR E 245 12.36 -24.86 27.47
C TYR E 245 12.08 -25.16 28.91
N VAL E 246 11.51 -24.20 29.61
CA VAL E 246 11.03 -24.51 30.94
C VAL E 246 9.57 -24.08 30.99
N GLN E 247 8.79 -24.65 31.89
CA GLN E 247 7.41 -24.20 32.01
C GLN E 247 7.40 -22.86 32.67
N LEU E 248 6.49 -22.00 32.26
CA LEU E 248 6.40 -20.70 32.88
C LEU E 248 5.29 -20.61 33.88
N GLU E 249 5.57 -19.98 35.01
CA GLU E 249 4.58 -19.74 36.03
C GLU E 249 4.61 -18.27 36.43
N SER E 250 3.48 -17.79 36.92
CA SER E 250 3.27 -16.39 37.33
C SER E 250 4.14 -15.93 38.49
N ARG E 251 4.80 -16.86 39.14
CA ARG E 251 5.65 -16.58 40.26
C ARG E 251 7.09 -16.29 39.85
N PHE E 252 7.39 -16.37 38.57
CA PHE E 252 8.77 -16.21 38.12
C PHE E 252 9.09 -14.85 37.52
N THR E 253 9.82 -14.04 38.26
CA THR E 253 10.17 -12.70 37.85
C THR E 253 11.31 -12.79 36.82
N PRO E 254 11.60 -11.73 36.04
CA PRO E 254 12.72 -11.68 35.12
C PRO E 254 14.03 -12.06 35.77
N GLN E 255 14.24 -11.74 37.04
CA GLN E 255 15.51 -12.08 37.62
C GLN E 255 15.56 -13.57 37.86
N PHE E 256 14.45 -14.14 38.30
CA PHE E 256 14.40 -15.56 38.53
C PHE E 256 14.67 -16.29 37.24
N LEU E 257 14.00 -15.86 36.18
CA LEU E 257 14.12 -16.53 34.91
C LEU E 257 15.53 -16.44 34.35
N LEU E 258 16.19 -15.31 34.51
CA LEU E 258 17.54 -15.23 34.00
C LEU E 258 18.48 -16.12 34.82
N GLN E 259 18.27 -16.20 36.15
CA GLN E 259 19.11 -17.06 36.97
C GLN E 259 18.88 -18.51 36.58
N LEU E 260 17.63 -18.84 36.27
CA LEU E 260 17.25 -20.17 35.85
C LEU E 260 17.94 -20.55 34.53
N ASN E 261 18.01 -19.60 33.55
CA ASN E 261 18.68 -19.76 32.26
C ASN E 261 20.18 -20.04 32.44
N GLU E 262 20.87 -19.27 33.34
CA GLU E 262 22.29 -19.44 33.64
C GLU E 262 22.56 -20.78 34.30
N THR E 263 21.66 -21.19 35.17
CA THR E 263 21.79 -22.45 35.87
C THR E 263 21.76 -23.59 34.89
N ILE E 264 20.85 -23.53 33.93
CA ILE E 264 20.76 -24.60 32.95
C ILE E 264 21.98 -24.65 32.05
N TYR E 265 22.46 -23.51 31.55
CA TYR E 265 23.63 -23.63 30.72
C TYR E 265 24.83 -24.13 31.50
N ALA E 266 25.00 -23.64 32.73
CA ALA E 266 26.12 -24.06 33.57
C ALA E 266 26.07 -25.53 33.95
N SER E 267 24.86 -26.06 34.25
CA SER E 267 24.75 -27.45 34.62
C SER E 267 24.84 -28.36 33.42
N GLY E 268 24.51 -27.83 32.25
CA GLY E 268 24.59 -28.56 31.01
C GLY E 268 23.34 -29.35 30.68
N LYS E 269 22.26 -29.19 31.47
CA LYS E 269 21.04 -29.96 31.21
C LYS E 269 20.17 -29.34 30.11
N ARG E 270 20.68 -29.45 28.90
CA ARG E 270 20.10 -28.91 27.68
C ARG E 270 19.92 -30.01 26.67
N SER E 271 19.03 -29.81 25.72
CA SER E 271 18.92 -30.83 24.69
C SER E 271 20.25 -30.88 23.93
N ASN E 272 20.75 -32.12 23.69
CA ASN E 272 21.97 -32.45 22.93
C ASN E 272 21.63 -33.26 21.66
N THR E 273 20.38 -33.13 21.16
CA THR E 273 19.80 -33.81 20.01
C THR E 273 19.01 -32.83 19.18
N THR E 274 18.15 -33.34 18.32
CA THR E 274 17.38 -32.48 17.44
C THR E 274 15.99 -32.17 17.97
N GLY E 275 15.50 -32.97 18.93
CA GLY E 275 14.19 -32.74 19.50
C GLY E 275 14.23 -31.75 20.65
N LYS E 276 13.04 -31.35 21.09
CA LYS E 276 12.88 -30.41 22.19
C LYS E 276 12.70 -31.07 23.55
N LEU E 277 13.20 -30.39 24.57
CA LEU E 277 13.09 -30.77 25.97
C LEU E 277 12.41 -29.72 26.81
N ILE E 278 11.41 -30.12 27.59
CA ILE E 278 10.75 -29.17 28.46
C ILE E 278 10.93 -29.57 29.93
N TRP E 279 11.47 -28.66 30.73
CA TRP E 279 11.64 -28.87 32.16
C TRP E 279 10.54 -28.19 32.95
N LYS E 280 10.12 -28.81 34.04
CA LYS E 280 9.22 -28.17 34.96
C LYS E 280 10.05 -27.64 36.10
N VAL E 281 9.64 -26.55 36.69
CA VAL E 281 10.33 -26.03 37.85
C VAL E 281 9.61 -26.45 39.10
N ASN E 282 10.35 -27.02 40.03
CA ASN E 282 9.86 -27.49 41.30
C ASN E 282 9.13 -26.36 42.00
N PRO E 283 7.96 -26.58 42.64
CA PRO E 283 7.17 -25.58 43.32
C PRO E 283 7.90 -24.89 44.47
N GLU E 284 8.97 -25.49 44.99
CA GLU E 284 9.71 -24.86 46.04
C GLU E 284 10.81 -24.05 45.39
N ILE E 285 10.73 -22.74 45.54
CA ILE E 285 11.68 -21.82 44.94
C ILE E 285 12.19 -20.91 46.02
N ASP E 286 13.25 -20.17 45.74
CA ASP E 286 13.80 -19.31 46.76
C ASP E 286 13.03 -18.01 46.86
N THR E 287 11.91 -18.07 47.57
CA THR E 287 10.97 -16.96 47.70
C THR E 287 11.47 -15.91 48.68
N THR E 288 12.51 -15.18 48.28
CA THR E 288 13.15 -14.18 49.15
C THR E 288 12.51 -12.81 49.07
N ILE E 289 11.68 -12.59 48.07
CA ILE E 289 11.05 -11.29 47.87
C ILE E 289 9.58 -11.29 48.23
N GLY E 290 9.23 -10.43 49.19
CA GLY E 290 7.89 -10.30 49.72
C GLY E 290 6.95 -9.46 48.85
N GLU E 291 6.76 -9.90 47.60
CA GLU E 291 5.93 -9.19 46.63
C GLU E 291 6.30 -7.71 46.51
N TRP E 292 7.58 -7.47 46.36
CA TRP E 292 8.11 -6.13 46.23
C TRP E 292 7.81 -5.57 44.88
N ALA E 293 7.62 -4.28 44.86
CA ALA E 293 7.39 -3.58 43.63
C ALA E 293 8.70 -3.42 42.91
N PHE E 294 8.65 -3.11 41.63
CA PHE E 294 9.88 -2.81 40.91
C PHE E 294 10.78 -1.84 41.66
N TRP E 295 10.18 -0.81 42.22
CA TRP E 295 10.89 0.22 42.95
C TRP E 295 11.08 -0.08 44.47
N GLU E 296 10.69 -1.32 44.92
CA GLU E 296 10.70 -1.90 46.28
C GLU E 296 9.42 -1.48 46.99
N VAL F 21 -5.54 -36.61 38.49
CA VAL F 21 -5.58 -36.76 37.04
C VAL F 21 -5.54 -38.28 36.74
N GLN F 22 -6.30 -38.71 35.71
CA GLN F 22 -6.40 -40.10 35.26
C GLN F 22 -6.10 -40.24 33.78
N LEU F 23 -5.67 -41.42 33.40
CA LEU F 23 -5.46 -41.78 32.01
C LEU F 23 -6.24 -43.03 31.73
N VAL F 24 -7.05 -42.99 30.70
CA VAL F 24 -7.87 -44.14 30.38
C VAL F 24 -7.49 -44.75 29.06
N GLN F 25 -7.11 -46.01 29.11
CA GLN F 25 -6.67 -46.71 27.93
C GLN F 25 -7.75 -47.61 27.38
N SER F 26 -7.61 -47.94 26.10
CA SER F 26 -8.52 -48.87 25.45
C SER F 26 -8.37 -50.30 25.99
N GLY F 27 -9.38 -51.14 25.71
CA GLY F 27 -9.40 -52.53 26.18
C GLY F 27 -8.55 -53.44 25.32
N ALA F 28 -8.59 -54.74 25.61
CA ALA F 28 -7.71 -55.66 24.91
C ALA F 28 -7.95 -55.73 23.41
N GLU F 29 -6.82 -55.84 22.71
CA GLU F 29 -6.75 -55.96 21.26
C GLU F 29 -6.07 -57.26 20.89
N VAL F 30 -6.80 -58.20 20.32
CA VAL F 30 -6.19 -59.48 19.98
C VAL F 30 -6.18 -59.65 18.48
N LYS F 31 -5.00 -59.82 17.90
CA LYS F 31 -4.86 -59.91 16.46
C LYS F 31 -3.84 -60.98 16.05
N LYS F 32 -3.90 -61.40 14.79
CA LYS F 32 -2.92 -62.34 14.28
C LYS F 32 -1.67 -61.58 13.80
N PRO F 33 -0.48 -62.21 13.73
CA PRO F 33 0.74 -61.62 13.26
C PRO F 33 0.59 -61.03 11.88
N GLY F 34 1.24 -59.89 11.69
CA GLY F 34 1.25 -59.14 10.45
C GLY F 34 0.28 -57.97 10.52
N SER F 35 -0.62 -57.99 11.48
CA SER F 35 -1.59 -56.92 11.66
C SER F 35 -0.98 -55.72 12.37
N SER F 36 -1.73 -54.63 12.39
CA SER F 36 -1.33 -53.45 13.13
C SER F 36 -2.39 -53.10 14.16
N VAL F 37 -1.97 -52.43 15.23
CA VAL F 37 -2.88 -52.01 16.29
C VAL F 37 -2.71 -50.57 16.66
N LYS F 38 -3.82 -49.89 16.94
CA LYS F 38 -3.76 -48.51 17.38
C LYS F 38 -4.35 -48.43 18.78
N VAL F 39 -3.51 -48.11 19.74
CA VAL F 39 -3.91 -48.07 21.14
C VAL F 39 -4.12 -46.63 21.61
N SER F 40 -5.33 -46.33 22.04
CA SER F 40 -5.66 -44.99 22.48
C SER F 40 -5.43 -44.82 24.00
N CYS F 41 -5.31 -43.54 24.42
CA CYS F 41 -5.21 -43.09 25.81
C CYS F 41 -5.88 -41.71 25.97
N LYS F 42 -6.84 -41.62 26.86
CA LYS F 42 -7.55 -40.38 27.10
C LYS F 42 -7.25 -39.72 28.43
N ALA F 43 -6.95 -38.44 28.41
CA ALA F 43 -6.71 -37.72 29.63
C ALA F 43 -8.03 -37.32 30.27
N SER F 44 -8.06 -37.36 31.60
CA SER F 44 -9.22 -36.92 32.35
C SER F 44 -8.81 -36.13 33.58
N GLY F 45 -9.36 -34.92 33.71
CA GLY F 45 -9.06 -34.04 34.84
C GLY F 45 -8.01 -33.00 34.48
N ALA F 46 -7.36 -33.19 33.34
CA ALA F 46 -6.35 -32.26 32.88
C ALA F 46 -6.13 -32.40 31.39
N THR F 47 -5.62 -31.34 30.80
CA THR F 47 -5.19 -31.34 29.43
C THR F 47 -3.77 -31.86 29.45
N PHE F 48 -3.19 -32.16 28.30
CA PHE F 48 -1.82 -32.61 28.33
C PHE F 48 -0.86 -31.47 28.60
N GLY F 49 -1.23 -30.26 28.19
CA GLY F 49 -0.39 -29.12 28.41
C GLY F 49 0.94 -29.30 27.71
N SER F 50 2.01 -29.15 28.47
CA SER F 50 3.37 -29.27 27.99
C SER F 50 4.08 -30.47 28.58
N ASP F 51 3.32 -31.39 29.18
CA ASP F 51 3.87 -32.60 29.77
C ASP F 51 4.14 -33.61 28.69
N THR F 52 5.02 -34.58 28.98
CA THR F 52 5.32 -35.62 28.02
C THR F 52 4.41 -36.82 28.17
N VAL F 53 3.94 -37.33 27.06
CA VAL F 53 3.13 -38.53 27.08
C VAL F 53 4.04 -39.65 26.65
N THR F 54 4.20 -40.63 27.51
CA THR F 54 5.15 -41.69 27.20
C THR F 54 4.48 -43.03 27.29
N TRP F 55 4.95 -43.94 26.44
CA TRP F 55 4.47 -45.28 26.46
C TRP F 55 5.58 -46.26 26.80
N VAL F 56 5.23 -47.25 27.61
CA VAL F 56 6.17 -48.30 28.00
C VAL F 56 5.53 -49.65 27.76
N ARG F 57 6.36 -50.69 27.68
CA ARG F 57 5.83 -52.03 27.46
C ARG F 57 6.18 -53.05 28.52
N GLN F 58 5.13 -53.72 29.01
CA GLN F 58 5.26 -54.77 30.00
C GLN F 58 5.00 -56.15 29.40
N ALA F 59 6.04 -56.84 28.97
CA ALA F 59 5.81 -58.16 28.40
C ALA F 59 5.61 -59.09 29.59
N PRO F 60 4.89 -60.21 29.48
CA PRO F 60 4.74 -61.14 30.57
C PRO F 60 6.09 -61.64 31.03
N GLY F 61 6.33 -61.60 32.33
CA GLY F 61 7.58 -62.11 32.90
C GLY F 61 8.76 -61.15 32.76
N GLN F 62 8.52 -59.99 32.18
CA GLN F 62 9.57 -59.02 31.92
C GLN F 62 9.47 -57.76 32.76
N GLY F 63 10.43 -56.87 32.55
CA GLY F 63 10.49 -55.59 33.24
C GLY F 63 9.83 -54.54 32.36
N LEU F 64 10.26 -53.29 32.46
CA LEU F 64 9.59 -52.24 31.71
C LEU F 64 10.45 -51.64 30.61
N GLU F 65 9.97 -51.74 29.38
CA GLU F 65 10.71 -51.19 28.25
C GLU F 65 10.17 -49.83 27.87
N TRP F 66 11.03 -48.89 27.54
CA TRP F 66 10.51 -47.63 27.03
C TRP F 66 10.20 -47.80 25.57
N MET F 67 9.05 -47.35 25.10
CA MET F 67 8.81 -47.46 23.67
C MET F 67 9.02 -46.17 22.93
N GLY F 68 8.59 -45.09 23.55
CA GLY F 68 8.64 -43.79 22.92
C GLY F 68 7.67 -42.82 23.57
N GLY F 69 7.57 -41.63 23.00
CA GLY F 69 6.66 -40.62 23.55
C GLY F 69 6.65 -39.32 22.76
N ILE F 70 5.69 -38.48 23.13
CA ILE F 70 5.46 -37.18 22.49
C ILE F 70 5.29 -36.00 23.42
N ILE F 71 5.45 -34.82 22.85
CA ILE F 71 5.11 -33.59 23.55
C ILE F 71 4.04 -32.89 22.76
N PRO F 72 2.75 -33.01 23.10
CA PRO F 72 1.62 -32.42 22.40
C PRO F 72 1.76 -30.91 22.14
N PHE F 73 2.45 -30.20 23.03
CA PHE F 73 2.65 -28.76 22.85
C PHE F 73 3.29 -28.50 21.49
N PHE F 74 4.29 -29.32 21.11
CA PHE F 74 5.01 -29.12 19.86
C PHE F 74 4.63 -30.15 18.80
N GLY F 75 4.12 -31.30 19.22
CA GLY F 75 3.77 -32.38 18.29
C GLY F 75 4.93 -33.32 17.92
N GLU F 76 6.06 -33.19 18.60
CA GLU F 76 7.24 -34.00 18.34
C GLU F 76 7.15 -35.38 18.96
N ALA F 77 7.89 -36.33 18.38
CA ALA F 77 7.94 -37.69 18.91
C ALA F 77 9.36 -38.24 18.93
N ASN F 78 9.62 -39.10 19.91
CA ASN F 78 10.88 -39.80 20.07
C ASN F 78 10.62 -41.27 20.33
N TYR F 79 11.49 -42.13 19.81
CA TYR F 79 11.30 -43.57 19.99
C TYR F 79 12.52 -44.31 20.47
N ALA F 80 12.26 -45.39 21.19
CA ALA F 80 13.29 -46.30 21.62
C ALA F 80 13.80 -46.96 20.36
N GLN F 81 15.09 -47.24 20.28
CA GLN F 81 15.66 -47.75 19.04
C GLN F 81 15.04 -49.02 18.49
N ARG F 82 14.63 -49.93 19.36
CA ARG F 82 14.08 -51.20 18.89
C ARG F 82 12.74 -51.04 18.17
N PHE F 83 12.06 -49.90 18.33
CA PHE F 83 10.78 -49.65 17.70
C PHE F 83 10.89 -48.57 16.64
N GLN F 84 12.09 -48.18 16.27
CA GLN F 84 12.11 -47.14 15.26
C GLN F 84 11.71 -47.76 13.95
N GLY F 85 10.76 -47.13 13.30
CA GLY F 85 10.23 -47.62 12.04
C GLY F 85 9.02 -48.53 12.25
N ARG F 86 8.73 -48.91 13.49
CA ARG F 86 7.61 -49.79 13.77
C ARG F 86 6.50 -49.06 14.49
N VAL F 87 6.86 -48.04 15.26
CA VAL F 87 5.88 -47.35 16.08
C VAL F 87 5.71 -45.87 15.76
N THR F 88 4.45 -45.46 15.67
CA THR F 88 4.07 -44.07 15.47
C THR F 88 3.24 -43.56 16.65
N ILE F 89 3.63 -42.42 17.23
CA ILE F 89 2.87 -41.88 18.35
C ILE F 89 2.37 -40.49 18.02
N THR F 90 1.08 -40.29 18.17
CA THR F 90 0.47 -39.00 17.89
C THR F 90 -0.51 -38.57 18.96
N ALA F 91 -1.07 -37.38 18.81
CA ALA F 91 -2.08 -36.87 19.75
C ALA F 91 -2.99 -35.85 19.11
N ASP F 92 -4.15 -35.69 19.75
CA ASP F 92 -5.14 -34.72 19.32
C ASP F 92 -5.61 -33.89 20.51
N LYS F 93 -5.16 -32.64 20.52
CA LYS F 93 -5.37 -31.72 21.63
C LYS F 93 -6.80 -31.26 21.78
N SER F 94 -7.63 -31.48 20.76
CA SER F 94 -9.01 -31.07 20.88
C SER F 94 -9.78 -32.07 21.75
N THR F 95 -9.23 -33.28 21.93
CA THR F 95 -9.85 -34.31 22.72
C THR F 95 -8.98 -34.71 23.91
N ASN F 96 -7.72 -34.26 23.91
CA ASN F 96 -6.74 -34.60 24.94
C ASN F 96 -6.53 -36.09 25.00
N THR F 97 -6.39 -36.66 23.82
CA THR F 97 -6.11 -38.07 23.67
C THR F 97 -4.80 -38.26 22.94
N ALA F 98 -4.25 -39.46 23.07
CA ALA F 98 -3.02 -39.83 22.40
C ALA F 98 -3.14 -41.24 21.88
N TYR F 99 -2.42 -41.50 20.80
CA TYR F 99 -2.49 -42.81 20.17
C TYR F 99 -1.15 -43.40 19.80
N MET F 100 -1.00 -44.68 20.05
CA MET F 100 0.20 -45.38 19.66
C MET F 100 -0.09 -46.49 18.66
N GLU F 101 0.48 -46.37 17.48
CA GLU F 101 0.26 -47.33 16.43
C GLU F 101 1.46 -48.23 16.19
N LEU F 102 1.24 -49.53 16.28
CA LEU F 102 2.28 -50.52 16.06
C LEU F 102 2.04 -51.28 14.77
N SER F 103 3.07 -51.37 13.95
CA SER F 103 2.98 -52.10 12.69
C SER F 103 3.71 -53.43 12.77
N SER F 104 3.36 -54.33 11.85
CA SER F 104 4.02 -55.63 11.71
C SER F 104 4.07 -56.41 13.01
N LEU F 105 2.93 -56.60 13.65
CA LEU F 105 2.89 -57.31 14.91
C LEU F 105 3.37 -58.73 14.80
N ARG F 106 4.11 -59.16 15.81
CA ARG F 106 4.67 -60.50 15.91
C ARG F 106 4.32 -61.07 17.28
N SER F 107 4.40 -62.38 17.47
CA SER F 107 4.00 -62.96 18.74
C SER F 107 4.82 -62.46 19.95
N GLU F 108 6.05 -62.02 19.72
CA GLU F 108 6.89 -61.48 20.77
C GLU F 108 6.39 -60.14 21.29
N ASP F 109 5.42 -59.54 20.61
CA ASP F 109 4.89 -58.25 21.00
C ASP F 109 3.71 -58.40 21.96
N THR F 110 3.38 -59.63 22.36
CA THR F 110 2.30 -59.70 23.32
C THR F 110 2.78 -59.03 24.60
N ALA F 111 2.03 -58.05 25.07
CA ALA F 111 2.41 -57.27 26.24
C ALA F 111 1.30 -56.37 26.69
N VAL F 112 1.41 -55.84 27.90
CA VAL F 112 0.51 -54.80 28.30
C VAL F 112 1.20 -53.47 28.05
N TYR F 113 0.54 -52.63 27.30
CA TYR F 113 1.09 -51.36 26.93
C TYR F 113 0.56 -50.29 27.87
N PHE F 114 1.45 -49.53 28.48
CA PHE F 114 1.00 -48.51 29.41
C PHE F 114 1.25 -47.10 28.93
N CYS F 115 0.28 -46.22 29.20
CA CYS F 115 0.25 -44.79 28.95
C CYS F 115 0.58 -44.08 30.25
N ALA F 116 1.51 -43.13 30.22
CA ALA F 116 1.80 -42.39 31.43
C ALA F 116 2.20 -40.95 31.16
N ARG F 117 1.96 -40.10 32.16
CA ARG F 117 2.34 -38.70 32.13
C ARG F 117 3.66 -38.50 32.82
N GLN F 118 4.64 -38.09 32.01
CA GLN F 118 6.02 -37.87 32.37
C GLN F 118 6.38 -36.42 32.62
N ILE F 119 6.97 -36.21 33.77
CA ILE F 119 7.44 -34.92 34.19
C ILE F 119 8.94 -34.89 34.31
N ASN F 120 9.54 -33.95 33.62
CA ASN F 120 10.98 -33.76 33.69
C ASN F 120 11.12 -32.63 34.66
N GLU F 121 11.73 -32.83 35.81
CA GLU F 121 11.73 -31.77 36.80
C GLU F 121 13.07 -31.30 37.32
N MET F 122 13.17 -30.00 37.43
CA MET F 122 14.34 -29.32 37.95
C MET F 122 14.08 -28.69 39.30
N ALA F 123 14.93 -28.98 40.25
CA ALA F 123 14.84 -28.41 41.58
C ALA F 123 15.76 -27.21 41.64
N THR F 124 15.17 -26.03 41.86
CA THR F 124 15.92 -24.78 41.84
C THR F 124 16.17 -24.15 43.20
N PHE F 125 15.69 -24.78 44.25
CA PHE F 125 15.86 -24.23 45.59
C PHE F 125 17.03 -24.84 46.31
N GLY F 126 17.93 -24.00 46.80
CA GLY F 126 19.10 -24.53 47.46
C GLY F 126 20.00 -25.20 46.44
N GLU F 127 20.18 -26.49 46.60
CA GLU F 127 21.00 -27.29 45.71
C GLU F 127 20.24 -27.49 44.40
N ILE F 128 20.95 -27.64 43.29
CA ILE F 128 20.25 -27.87 42.04
C ILE F 128 20.25 -29.33 41.68
N HIS F 129 19.05 -29.85 41.42
CA HIS F 129 18.91 -31.27 41.13
C HIS F 129 18.01 -31.54 39.95
N TYR F 130 18.28 -32.61 39.22
CA TYR F 130 17.43 -32.99 38.11
C TYR F 130 17.00 -34.43 38.21
N TYR F 131 15.75 -34.67 37.84
CA TYR F 131 15.18 -36.01 37.83
C TYR F 131 13.93 -36.09 36.98
N THR F 132 13.50 -37.29 36.62
CA THR F 132 12.25 -37.43 35.89
C THR F 132 11.38 -38.43 36.57
N TYR F 133 10.09 -38.32 36.39
CA TYR F 133 9.19 -39.33 36.93
C TYR F 133 7.87 -39.42 36.20
N MET F 134 7.22 -40.56 36.30
CA MET F 134 5.89 -40.69 35.75
C MET F 134 4.92 -40.65 36.88
N ASP F 135 4.10 -39.63 36.84
CA ASP F 135 3.15 -39.31 37.88
C ASP F 135 1.81 -39.99 37.69
N VAL F 136 1.34 -40.00 36.46
CA VAL F 136 0.01 -40.55 36.22
C VAL F 136 0.09 -41.71 35.28
N TRP F 137 -0.47 -42.84 35.68
CA TRP F 137 -0.46 -44.03 34.86
C TRP F 137 -1.86 -44.46 34.48
N GLY F 138 -2.01 -45.02 33.29
CA GLY F 138 -3.29 -45.59 32.88
C GLY F 138 -3.34 -47.02 33.39
N GLN F 139 -4.43 -47.74 33.12
CA GLN F 139 -4.56 -49.10 33.62
C GLN F 139 -3.79 -50.13 32.80
N GLY F 140 -3.41 -49.76 31.58
CA GLY F 140 -2.70 -50.65 30.67
C GLY F 140 -3.62 -51.34 29.64
N THR F 141 -3.12 -51.54 28.44
CA THR F 141 -3.89 -52.19 27.38
C THR F 141 -3.23 -53.48 26.98
N LEU F 142 -3.96 -54.57 27.05
CA LEU F 142 -3.34 -55.82 26.65
C LEU F 142 -3.47 -56.06 25.17
N VAL F 143 -2.35 -56.23 24.54
CA VAL F 143 -2.33 -56.51 23.13
C VAL F 143 -1.74 -57.89 22.97
N THR F 144 -2.50 -58.76 22.32
CA THR F 144 -2.07 -60.13 22.12
C THR F 144 -1.90 -60.41 20.68
N VAL F 145 -0.75 -61.00 20.34
CA VAL F 145 -0.50 -61.31 18.96
C VAL F 145 -0.32 -62.80 18.84
N SER F 146 -1.22 -63.44 18.11
CA SER F 146 -1.17 -64.88 17.96
C SER F 146 -1.98 -65.41 16.80
N SER F 147 -1.42 -66.38 16.10
CA SER F 147 -2.06 -67.04 14.97
C SER F 147 -3.12 -68.05 15.41
N ALA F 148 -3.13 -68.37 16.70
CA ALA F 148 -4.01 -69.38 17.29
C ALA F 148 -5.50 -69.01 17.18
N SER F 149 -6.36 -70.06 17.09
CA SER F 149 -7.81 -69.95 17.05
C SER F 149 -8.35 -69.97 18.50
N GLY G 19 20.13 -45.22 25.02
CA GLY G 19 20.43 -44.90 26.41
C GLY G 19 21.02 -46.12 27.13
N SER G 20 22.00 -45.86 28.04
CA SER G 20 22.69 -46.87 28.86
C SER G 20 21.74 -47.43 29.90
N GLU G 21 21.69 -48.75 30.01
CA GLU G 21 20.76 -49.40 30.91
C GLU G 21 21.15 -49.40 32.37
N LEU G 22 20.14 -49.33 33.22
CA LEU G 22 20.29 -49.43 34.65
C LEU G 22 20.28 -50.88 35.10
N THR G 23 21.10 -51.17 36.09
CA THR G 23 21.25 -52.52 36.62
C THR G 23 20.67 -52.72 38.00
N GLN G 24 19.89 -53.79 38.14
CA GLN G 24 19.30 -54.17 39.42
C GLN G 24 19.46 -55.66 39.64
N ASP G 25 19.58 -56.07 40.89
CA ASP G 25 19.61 -57.48 41.28
C ASP G 25 18.19 -58.03 41.22
N PRO G 26 17.88 -59.06 40.41
CA PRO G 26 16.56 -59.63 40.20
C PRO G 26 15.75 -59.98 41.45
N ALA G 27 16.37 -60.34 42.60
CA ALA G 27 15.47 -60.66 43.72
C ALA G 27 16.06 -60.40 45.08
N VAL G 28 15.22 -59.88 45.96
CA VAL G 28 15.60 -59.57 47.33
C VAL G 28 14.60 -60.14 48.33
N SER G 29 15.08 -60.82 49.37
CA SER G 29 14.15 -61.30 50.39
C SER G 29 14.41 -60.56 51.69
N VAL G 30 13.34 -60.15 52.35
CA VAL G 30 13.44 -59.47 53.63
C VAL G 30 12.57 -60.15 54.66
N ALA G 31 13.09 -60.31 55.87
CA ALA G 31 12.27 -60.91 56.90
C ALA G 31 11.15 -59.94 57.23
N LEU G 32 9.96 -60.43 57.54
CA LEU G 32 8.92 -59.49 57.88
C LEU G 32 9.35 -58.67 59.10
N GLY G 33 9.21 -57.33 59.02
CA GLY G 33 9.56 -56.43 60.09
C GLY G 33 10.97 -55.84 59.98
N GLN G 34 11.76 -56.33 59.03
CA GLN G 34 13.13 -55.86 58.86
C GLN G 34 13.27 -54.82 57.76
N THR G 35 14.38 -54.09 57.81
CA THR G 35 14.70 -53.10 56.80
C THR G 35 15.46 -53.73 55.64
N VAL G 36 15.03 -53.38 54.43
CA VAL G 36 15.64 -53.85 53.21
C VAL G 36 16.14 -52.73 52.31
N ARG G 37 17.29 -52.97 51.68
CA ARG G 37 17.87 -52.00 50.77
C ARG G 37 17.90 -52.52 49.35
N ILE G 38 17.23 -51.81 48.47
CA ILE G 38 17.16 -52.14 47.06
C ILE G 38 18.00 -51.17 46.27
N THR G 39 18.98 -51.69 45.54
CA THR G 39 19.89 -50.83 44.79
C THR G 39 19.58 -50.77 43.30
N CYS G 40 20.20 -49.77 42.61
CA CYS G 40 20.18 -49.49 41.18
C CYS G 40 21.51 -48.85 40.75
N GLN G 41 22.09 -49.31 39.65
CA GLN G 41 23.35 -48.68 39.18
C GLN G 41 23.37 -48.32 37.70
N GLY G 42 24.11 -47.26 37.35
CA GLY G 42 24.26 -46.93 35.93
C GLY G 42 24.71 -45.50 35.61
N ASP G 43 24.79 -45.18 34.33
CA ASP G 43 25.33 -43.88 33.93
C ASP G 43 24.31 -42.78 34.08
N SER G 44 23.06 -43.13 33.97
CA SER G 44 21.97 -42.19 34.08
C SER G 44 21.76 -41.78 35.53
N LEU G 45 22.49 -42.40 36.47
CA LEU G 45 22.39 -42.01 37.86
C LEU G 45 23.52 -41.10 38.28
N ARG G 46 24.49 -40.86 37.40
CA ARG G 46 25.68 -40.11 37.82
C ARG G 46 25.41 -38.67 38.21
N ASN G 47 24.51 -38.02 37.49
CA ASN G 47 24.23 -36.63 37.74
C ASN G 47 22.74 -36.38 37.90
N TYR G 48 22.01 -37.37 38.40
CA TYR G 48 20.56 -37.28 38.54
C TYR G 48 20.06 -38.13 39.69
N TYR G 49 18.76 -38.09 39.93
CA TYR G 49 18.17 -38.95 40.95
C TYR G 49 17.22 -39.90 40.30
N ALA G 50 17.11 -41.10 40.85
CA ALA G 50 16.20 -42.09 40.32
C ALA G 50 14.85 -42.02 40.98
N SER G 51 13.85 -42.33 40.20
CA SER G 51 12.51 -42.48 40.68
C SER G 51 12.26 -43.94 40.94
N TRP G 52 11.50 -44.23 41.97
CA TRP G 52 11.20 -45.59 42.29
C TRP G 52 9.74 -45.84 42.20
N TYR G 53 9.40 -47.03 41.70
CA TYR G 53 8.02 -47.48 41.54
C TYR G 53 7.75 -48.82 42.18
N GLN G 54 6.54 -48.99 42.68
CA GLN G 54 6.06 -50.24 43.26
C GLN G 54 5.04 -50.87 42.34
N GLN G 55 5.28 -52.09 41.91
CA GLN G 55 4.31 -52.72 41.03
C GLN G 55 3.67 -53.94 41.64
N LYS G 56 2.37 -53.86 41.80
CA LYS G 56 1.62 -54.95 42.37
C LYS G 56 1.19 -55.82 41.18
N PRO G 57 0.94 -57.11 41.35
CA PRO G 57 0.50 -57.99 40.29
C PRO G 57 -0.73 -57.43 39.64
N ARG G 58 -0.70 -57.43 38.31
CA ARG G 58 -1.76 -56.94 37.45
C ARG G 58 -2.13 -55.47 37.69
N GLN G 59 -1.17 -54.66 38.10
CA GLN G 59 -1.40 -53.24 38.30
C GLN G 59 -0.33 -52.37 37.65
N ALA G 60 -0.70 -51.14 37.34
CA ALA G 60 0.26 -50.18 36.80
C ALA G 60 1.26 -49.86 37.88
N PRO G 61 2.53 -49.57 37.56
CA PRO G 61 3.52 -49.13 38.51
C PRO G 61 3.05 -47.89 39.24
N VAL G 62 3.32 -47.83 40.53
CA VAL G 62 2.94 -46.71 41.36
C VAL G 62 4.14 -45.94 41.84
N LEU G 63 4.17 -44.66 41.63
CA LEU G 63 5.32 -43.89 42.06
C LEU G 63 5.43 -43.92 43.58
N VAL G 64 6.61 -44.28 44.07
CA VAL G 64 6.92 -44.39 45.49
C VAL G 64 7.81 -43.29 46.01
N PHE G 65 8.88 -43.02 45.31
CA PHE G 65 9.87 -42.05 45.79
C PHE G 65 10.56 -41.39 44.63
N TYR G 66 10.84 -40.10 44.70
CA TYR G 66 11.56 -39.49 43.61
C TYR G 66 12.39 -38.28 44.01
N GLY G 67 13.29 -37.93 43.11
CA GLY G 67 14.14 -36.80 43.35
C GLY G 67 15.10 -37.17 44.44
N LYS G 68 15.59 -36.20 45.15
CA LYS G 68 16.55 -36.47 46.19
C LYS G 68 15.88 -36.78 47.51
N ASN G 69 14.77 -36.14 47.78
CA ASN G 69 14.18 -36.25 49.08
C ASN G 69 12.67 -36.34 49.24
N ASN G 70 11.89 -36.80 48.27
CA ASN G 70 10.47 -36.81 48.61
C ASN G 70 9.64 -37.91 47.99
N ARG G 71 8.38 -37.98 48.39
CA ARG G 71 7.49 -39.00 47.90
C ARG G 71 6.11 -38.40 47.76
N PRO G 72 5.24 -38.94 46.90
CA PRO G 72 3.87 -38.53 46.74
C PRO G 72 3.06 -38.97 47.92
N SER G 73 1.94 -38.31 48.16
CA SER G 73 1.12 -38.74 49.25
C SER G 73 0.55 -40.11 48.91
N GLY G 74 0.19 -40.83 49.95
CA GLY G 74 -0.34 -42.17 49.81
C GLY G 74 0.77 -43.19 50.09
N ILE G 75 2.01 -42.75 50.08
CA ILE G 75 3.12 -43.63 50.36
C ILE G 75 3.45 -43.48 51.84
N PRO G 76 3.48 -44.57 52.63
CA PRO G 76 3.73 -44.58 54.05
C PRO G 76 5.17 -44.27 54.34
N ASP G 77 5.44 -43.82 55.57
CA ASP G 77 6.79 -43.48 55.97
C ASP G 77 7.59 -44.72 56.35
N ARG G 78 7.85 -45.52 55.33
CA ARG G 78 8.63 -46.72 55.39
C ARG G 78 9.58 -46.57 54.24
N PHE G 79 9.14 -45.76 53.28
CA PHE G 79 9.85 -45.62 52.02
C PHE G 79 10.60 -44.30 51.91
N SER G 80 11.91 -44.39 51.79
CA SER G 80 12.78 -43.22 51.67
C SER G 80 14.02 -43.65 50.91
N GLY G 81 14.89 -42.72 50.51
CA GLY G 81 16.07 -43.19 49.81
C GLY G 81 17.10 -42.12 49.55
N SER G 82 18.18 -42.54 48.87
CA SER G 82 19.32 -41.68 48.57
C SER G 82 20.17 -42.23 47.43
N SER G 83 21.25 -41.52 47.14
CA SER G 83 22.19 -41.93 46.09
C SER G 83 23.58 -41.33 46.29
N SER G 84 24.57 -41.94 45.64
CA SER G 84 25.94 -41.46 45.61
C SER G 84 26.68 -42.02 44.40
N GLY G 85 27.52 -41.23 43.75
CA GLY G 85 28.26 -41.75 42.61
C GLY G 85 27.26 -42.17 41.55
N ASN G 86 27.35 -43.40 41.06
CA ASN G 86 26.44 -43.90 40.04
C ASN G 86 25.54 -44.99 40.61
N THR G 87 25.35 -44.96 41.93
CA THR G 87 24.52 -45.93 42.63
C THR G 87 23.38 -45.25 43.39
N ALA G 88 22.18 -45.78 43.24
CA ALA G 88 21.00 -45.27 43.91
C ALA G 88 20.34 -46.38 44.71
N SER G 89 19.62 -46.01 45.75
CA SER G 89 18.89 -47.02 46.49
C SER G 89 17.62 -46.54 47.18
N LEU G 90 16.71 -47.50 47.34
CA LEU G 90 15.46 -47.34 48.06
C LEU G 90 15.51 -48.13 49.35
N THR G 91 15.16 -47.48 50.43
CA THR G 91 15.14 -48.13 51.73
C THR G 91 13.72 -48.35 52.16
N ILE G 92 13.40 -49.59 52.52
CA ILE G 92 12.09 -49.89 53.03
C ILE G 92 12.25 -50.35 54.46
N SER G 93 11.88 -49.51 55.39
CA SER G 93 12.07 -49.77 56.81
C SER G 93 10.90 -50.48 57.44
N GLY G 94 11.14 -51.59 58.12
CA GLY G 94 10.00 -52.24 58.74
C GLY G 94 9.12 -52.84 57.67
N ALA G 95 9.72 -53.47 56.67
CA ALA G 95 8.96 -53.98 55.54
C ALA G 95 7.78 -54.82 56.01
N GLN G 96 6.63 -54.54 55.41
CA GLN G 96 5.37 -55.19 55.69
C GLN G 96 5.01 -56.23 54.67
N ALA G 97 4.11 -57.13 55.00
CA ALA G 97 3.69 -58.16 54.04
C ALA G 97 3.09 -57.50 52.81
N GLU G 98 2.45 -56.37 53.03
CA GLU G 98 1.79 -55.57 52.02
C GLU G 98 2.77 -54.92 51.05
N ASP G 99 4.07 -54.93 51.37
CA ASP G 99 5.09 -54.33 50.55
C ASP G 99 5.67 -55.34 49.57
N GLU G 100 5.18 -56.58 49.57
CA GLU G 100 5.68 -57.49 48.54
C GLU G 100 5.31 -56.86 47.21
N ALA G 101 6.29 -56.68 46.36
CA ALA G 101 6.04 -56.02 45.06
C ALA G 101 7.25 -56.10 44.19
N ASP G 102 7.07 -55.87 42.91
CA ASP G 102 8.26 -55.68 42.10
C ASP G 102 8.64 -54.22 42.27
N TYR G 103 9.91 -53.93 42.36
CA TYR G 103 10.31 -52.55 42.44
C TYR G 103 11.18 -52.21 41.28
N TYR G 104 11.02 -50.99 40.79
CA TYR G 104 11.83 -50.54 39.66
C TYR G 104 12.46 -49.18 39.91
N CYS G 105 13.68 -48.97 39.37
CA CYS G 105 14.33 -47.66 39.35
C CYS G 105 14.16 -47.07 37.95
N ASN G 106 14.10 -45.76 37.89
CA ASN G 106 13.99 -45.07 36.62
C ASN G 106 14.70 -43.74 36.54
N SER G 107 15.43 -43.55 35.45
CA SER G 107 16.13 -42.31 35.20
C SER G 107 16.12 -42.02 33.71
N ARG G 108 16.87 -41.01 33.31
CA ARG G 108 16.93 -40.57 31.94
C ARG G 108 18.37 -40.46 31.45
N ASP G 109 18.65 -41.03 30.30
CA ASP G 109 19.99 -40.93 29.75
C ASP G 109 19.98 -39.77 28.77
N SER G 110 20.49 -38.64 29.23
CA SER G 110 20.43 -37.36 28.53
C SER G 110 21.28 -37.30 27.29
N SER G 111 22.16 -38.28 27.11
CA SER G 111 22.98 -38.27 25.90
C SER G 111 22.20 -38.80 24.71
N SER G 112 21.06 -39.47 24.96
CA SER G 112 20.27 -40.05 23.89
C SER G 112 18.85 -39.60 24.07
N ASN G 113 18.60 -39.02 25.25
CA ASN G 113 17.30 -38.56 25.69
C ASN G 113 16.30 -39.68 25.73
N HIS G 114 16.75 -40.80 26.27
CA HIS G 114 15.92 -41.98 26.40
C HIS G 114 15.54 -42.25 27.82
N LEU G 115 14.32 -42.68 28.01
CA LEU G 115 13.87 -43.05 29.33
C LEU G 115 14.43 -44.41 29.62
N VAL G 116 15.06 -44.57 30.77
CA VAL G 116 15.68 -45.83 31.11
C VAL G 116 15.18 -46.44 32.40
N PHE G 117 14.75 -47.67 32.30
CA PHE G 117 14.33 -48.40 33.49
C PHE G 117 15.38 -49.42 33.81
N GLY G 118 15.49 -49.75 35.08
CA GLY G 118 16.37 -50.83 35.46
C GLY G 118 15.58 -52.09 35.27
N GLY G 119 16.17 -53.23 35.57
CA GLY G 119 15.46 -54.48 35.37
C GLY G 119 14.45 -54.76 36.46
N GLY G 120 14.49 -53.99 37.53
CA GLY G 120 13.63 -54.19 38.63
C GLY G 120 14.13 -55.29 39.52
N THR G 121 13.40 -55.51 40.59
CA THR G 121 13.72 -56.57 41.50
C THR G 121 12.43 -57.08 42.09
N LYS G 122 12.38 -58.35 42.44
CA LYS G 122 11.22 -58.82 43.14
C LYS G 122 11.49 -58.81 44.62
N LEU G 123 10.70 -58.04 45.37
CA LEU G 123 10.91 -58.01 46.81
C LEU G 123 9.94 -58.96 47.46
N THR G 124 10.50 -59.95 48.11
CA THR G 124 9.75 -60.98 48.78
C THR G 124 9.77 -60.69 50.25
N VAL G 125 8.59 -60.60 50.84
CA VAL G 125 8.55 -60.34 52.27
C VAL G 125 8.24 -61.66 52.93
N LEU G 126 9.11 -62.08 53.82
CA LEU G 126 9.00 -63.38 54.42
C LEU G 126 8.06 -63.36 55.60
N SER G 127 6.78 -63.27 55.26
CA SER G 127 5.65 -63.23 56.19
C SER G 127 5.12 -64.62 56.65
N GLN G 128 5.57 -65.72 55.99
CA GLN G 128 5.19 -67.11 56.19
C GLN G 128 6.37 -67.96 55.72
N VAL H 43 -5.44 18.87 44.34
CA VAL H 43 -6.79 18.29 44.51
C VAL H 43 -6.86 16.76 44.23
N ILE H 44 -5.93 16.23 43.39
CA ILE H 44 -5.92 14.81 43.01
C ILE H 44 -5.21 13.92 44.00
N VAL H 45 -5.94 12.91 44.47
CA VAL H 45 -5.43 11.96 45.44
C VAL H 45 -5.38 10.58 44.85
N ASN H 46 -4.20 10.00 44.88
CA ASN H 46 -3.93 8.69 44.33
C ASN H 46 -4.67 7.60 45.05
N ALA H 47 -5.41 6.80 44.27
CA ALA H 47 -6.20 5.71 44.80
C ALA H 47 -5.81 4.37 44.18
N GLN H 48 -4.55 4.24 43.80
CA GLN H 48 -4.09 3.03 43.16
C GLN H 48 -3.49 2.09 44.20
N PRO H 49 -3.49 0.76 43.98
CA PRO H 49 -2.86 -0.22 44.86
C PRO H 49 -1.45 0.15 45.30
N LYS H 50 -0.62 0.57 44.36
CA LYS H 50 0.74 0.99 44.70
C LYS H 50 1.06 2.22 43.86
N CYS H 51 2.09 3.00 44.26
CA CYS H 51 2.55 4.16 43.49
C CYS H 51 4.06 4.26 43.52
N ASN H 52 4.65 4.32 42.33
CA ASN H 52 6.07 4.55 42.16
C ASN H 52 6.35 6.06 42.24
N PRO H 53 7.02 6.57 43.27
CA PRO H 53 7.27 7.97 43.52
C PRO H 53 8.48 8.54 42.78
N ASN H 54 9.12 7.75 41.96
CA ASN H 54 10.30 8.24 41.25
C ASN H 54 10.07 8.15 39.77
N LEU H 55 9.99 9.28 39.10
CA LEU H 55 9.68 9.25 37.69
C LEU H 55 10.89 9.42 36.83
N HIS H 56 11.26 8.36 36.17
CA HIS H 56 12.42 8.37 35.32
C HIS H 56 11.82 8.53 33.95
N TYR H 57 12.13 9.64 33.29
CA TYR H 57 11.48 10.00 32.04
C TYR H 57 12.41 10.26 30.89
N TRP H 58 11.85 10.17 29.71
CA TRP H 58 12.53 10.49 28.48
C TRP H 58 11.70 11.44 27.63
N THR H 59 12.40 12.22 26.82
CA THR H 59 11.80 13.14 25.85
C THR H 59 12.75 13.49 24.73
N THR H 60 12.36 14.36 23.81
CA THR H 60 13.24 14.72 22.69
C THR H 60 13.88 16.13 22.69
N GLN H 61 13.59 16.99 23.69
CA GLN H 61 14.13 18.36 23.77
C GLN H 61 15.64 18.30 24.10
N ALA H 66 22.35 19.71 17.35
CA ALA H 66 22.22 21.14 17.61
C ALA H 66 23.55 21.91 17.47
N ILE H 67 24.70 21.22 17.64
CA ILE H 67 26.06 21.77 17.59
C ILE H 67 26.80 21.35 16.35
N GLY H 68 27.37 22.33 15.65
CA GLY H 68 28.12 22.04 14.44
C GLY H 68 27.22 21.47 13.37
N LEU H 69 27.59 20.32 12.84
CA LEU H 69 26.81 19.70 11.78
C LEU H 69 25.81 18.72 12.34
N ALA H 70 25.74 18.60 13.66
CA ALA H 70 24.86 17.62 14.27
C ALA H 70 23.41 17.81 13.88
N TRP H 71 22.97 19.04 13.66
CA TRP H 71 21.59 19.27 13.32
C TRP H 71 21.19 18.74 11.94
N ILE H 72 22.14 18.51 11.06
CA ILE H 72 21.89 18.04 9.71
C ILE H 72 21.64 16.55 9.76
N PRO H 73 20.52 16.01 9.23
CA PRO H 73 20.16 14.60 9.32
C PRO H 73 21.18 13.65 8.73
N TYR H 74 21.97 14.11 7.80
CA TYR H 74 23.02 13.30 7.22
C TYR H 74 24.15 13.01 8.21
N PHE H 75 24.37 13.90 9.18
CA PHE H 75 25.46 13.75 10.14
C PHE H 75 25.00 13.51 11.57
N GLY H 76 23.77 13.88 11.87
CA GLY H 76 23.23 13.83 13.22
C GLY H 76 22.90 12.42 13.65
N PRO H 77 22.33 12.24 14.85
CA PRO H 77 22.00 10.96 15.43
C PRO H 77 20.85 10.23 14.76
N ALA H 78 20.92 8.92 14.81
CA ALA H 78 19.88 8.01 14.34
C ALA H 78 18.79 8.01 15.36
N ALA H 79 17.59 7.56 15.01
CA ALA H 79 16.44 7.68 15.93
C ALA H 79 16.63 7.13 17.35
N GLU H 80 17.36 6.06 17.54
CA GLU H 80 17.49 5.54 18.91
C GLU H 80 18.20 6.53 19.85
N GLY H 81 19.01 7.40 19.25
CA GLY H 81 19.85 8.37 19.93
C GLY H 81 19.30 9.80 19.98
N ILE H 82 18.05 10.03 19.64
CA ILE H 82 17.60 11.43 19.67
C ILE H 82 16.92 11.78 20.98
N TYR H 83 16.99 10.87 21.92
CA TYR H 83 16.36 11.06 23.21
C TYR H 83 17.26 11.53 24.32
N THR H 84 16.67 12.34 25.18
CA THR H 84 17.29 12.83 26.40
C THR H 84 16.53 12.27 27.59
N GLU H 85 17.00 12.56 28.79
CA GLU H 85 16.36 11.99 29.98
C GLU H 85 16.57 12.78 31.24
N GLY H 86 15.79 12.42 32.25
CA GLY H 86 15.95 12.99 33.57
C GLY H 86 15.09 12.30 34.62
N LEU H 87 15.24 12.72 35.87
CA LEU H 87 14.51 12.13 36.97
C LEU H 87 13.82 13.15 37.84
N MET H 88 12.54 12.95 38.07
CA MET H 88 11.78 13.82 38.93
C MET H 88 11.42 13.08 40.22
N HIS H 89 11.52 13.76 41.35
CA HIS H 89 11.12 13.17 42.62
C HIS H 89 9.70 13.59 42.99
N ASN H 90 9.05 12.84 43.88
CA ASN H 90 7.65 13.09 44.25
C ASN H 90 7.52 14.22 45.24
N GLN H 91 7.89 15.41 44.79
CA GLN H 91 7.87 16.57 45.63
C GLN H 91 6.44 16.89 45.94
N ASP H 92 6.13 16.94 47.21
CA ASP H 92 4.80 17.22 47.71
C ASP H 92 3.73 16.31 47.09
N GLY H 93 4.07 15.05 46.79
CA GLY H 93 3.06 14.14 46.28
C GLY H 93 2.73 14.33 44.79
N LEU H 94 3.50 15.15 44.09
CA LEU H 94 3.21 15.45 42.71
C LEU H 94 3.20 14.28 41.75
N ILE H 95 4.10 13.33 41.89
CA ILE H 95 4.11 12.23 40.94
C ILE H 95 2.90 11.33 41.09
N CYS H 96 2.52 10.98 42.34
CA CYS H 96 1.37 10.12 42.61
C CYS H 96 0.08 10.82 42.17
N GLY H 97 0.00 12.14 42.36
CA GLY H 97 -1.16 12.87 41.90
C GLY H 97 -1.25 12.77 40.38
N LEU H 98 -0.09 12.86 39.71
CA LEU H 98 -0.06 12.78 38.26
C LEU H 98 -0.48 11.42 37.75
N ARG H 99 -0.06 10.36 38.41
CA ARG H 99 -0.47 9.04 37.94
C ARG H 99 -1.98 8.93 38.00
N GLN H 100 -2.56 9.47 39.06
CA GLN H 100 -4.00 9.42 39.18
C GLN H 100 -4.68 10.28 38.11
N LEU H 101 -4.09 11.41 37.74
CA LEU H 101 -4.71 12.21 36.70
C LEU H 101 -4.78 11.41 35.41
N ALA H 102 -3.68 10.74 35.04
CA ALA H 102 -3.72 9.96 33.80
C ALA H 102 -4.82 8.88 33.81
N ASN H 103 -5.05 8.26 34.99
CA ASN H 103 -6.08 7.24 35.22
C ASN H 103 -7.50 7.78 34.98
N GLU H 104 -7.77 9.08 35.33
CA GLU H 104 -9.07 9.74 35.12
C GLU H 104 -9.25 10.24 33.68
N THR H 105 -8.15 10.66 33.08
CA THR H 105 -8.12 11.22 31.74
C THR H 105 -8.51 10.21 30.68
N THR H 106 -8.09 8.96 30.87
CA THR H 106 -8.35 7.92 29.88
C THR H 106 -9.80 7.81 29.42
N GLN H 107 -10.79 7.87 30.31
CA GLN H 107 -12.14 7.73 29.79
C GLN H 107 -12.55 8.85 28.87
N ALA H 108 -12.22 10.09 29.22
CA ALA H 108 -12.61 11.20 28.38
C ALA H 108 -11.93 11.10 27.03
N LEU H 109 -10.68 10.64 27.04
CA LEU H 109 -9.93 10.54 25.81
C LEU H 109 -10.46 9.43 24.94
N GLN H 110 -10.82 8.29 25.49
CA GLN H 110 -11.32 7.25 24.61
C GLN H 110 -12.63 7.65 23.97
N LEU H 111 -13.50 8.36 24.69
CA LEU H 111 -14.75 8.76 24.08
C LEU H 111 -14.49 9.78 22.98
N PHE H 112 -13.53 10.67 23.21
CA PHE H 112 -13.14 11.64 22.23
C PHE H 112 -12.70 10.98 20.95
N LEU H 113 -11.82 10.00 21.06
CA LEU H 113 -11.34 9.33 19.88
C LEU H 113 -12.44 8.56 19.17
N ARG H 114 -13.35 7.95 19.91
CA ARG H 114 -14.45 7.22 19.29
C ARG H 114 -15.21 8.11 18.33
N ALA H 115 -15.37 9.37 18.71
CA ALA H 115 -16.15 10.33 17.95
C ALA H 115 -15.48 10.89 16.69
N THR H 116 -14.20 10.64 16.44
CA THR H 116 -13.57 11.26 15.26
C THR H 116 -13.31 10.31 14.10
N THR H 117 -12.83 10.89 13.01
CA THR H 117 -12.46 10.15 11.82
C THR H 117 -10.98 10.26 11.51
N GLU H 118 -10.25 11.06 12.30
CA GLU H 118 -8.82 11.20 12.07
C GLU H 118 -8.18 9.92 12.51
N LEU H 119 -7.22 9.41 11.76
CA LEU H 119 -6.60 8.20 12.23
C LEU H 119 -5.49 8.53 13.22
N ARG H 120 -4.85 9.67 13.03
CA ARG H 120 -3.76 10.10 13.89
C ARG H 120 -4.01 11.47 14.43
N THR H 121 -4.45 11.58 15.68
CA THR H 121 -4.80 12.89 16.15
C THR H 121 -3.68 13.59 16.86
N PHE H 122 -3.21 14.68 16.27
CA PHE H 122 -2.11 15.47 16.80
C PHE H 122 -2.57 16.84 17.26
N SER H 123 -3.86 17.08 17.16
CA SER H 123 -4.47 18.36 17.42
C SER H 123 -4.98 18.65 18.83
N ILE H 124 -4.85 17.71 19.75
CA ILE H 124 -5.45 17.92 21.06
C ILE H 124 -4.90 19.11 21.79
N LEU H 125 -3.60 19.31 21.80
CA LEU H 125 -3.11 20.44 22.56
C LEU H 125 -3.37 21.77 21.86
N ASN H 126 -3.47 21.78 20.54
CA ASN H 126 -3.75 23.06 19.91
C ASN H 126 -5.19 23.43 20.20
N ARG H 127 -6.07 22.43 20.26
CA ARG H 127 -7.44 22.71 20.60
C ARG H 127 -7.51 23.29 21.97
N LYS H 128 -6.72 22.74 22.91
CA LYS H 128 -6.77 23.28 24.25
C LYS H 128 -6.29 24.69 24.30
N ALA H 129 -5.25 25.03 23.55
CA ALA H 129 -4.79 26.40 23.59
C ALA H 129 -5.88 27.35 23.08
N ILE H 130 -6.60 26.94 22.05
CA ILE H 130 -7.66 27.79 21.52
C ILE H 130 -8.78 27.94 22.51
N ASP H 131 -9.23 26.85 23.14
CA ASP H 131 -10.33 26.98 24.09
C ASP H 131 -9.91 27.79 25.30
N PHE H 132 -8.67 27.64 25.73
CA PHE H 132 -8.16 28.36 26.88
C PHE H 132 -8.32 29.84 26.65
N LEU H 133 -7.88 30.28 25.49
CA LEU H 133 -7.89 31.68 25.21
C LEU H 133 -9.30 32.17 24.87
N LEU H 134 -10.13 31.37 24.16
CA LEU H 134 -11.49 31.82 23.84
C LEU H 134 -12.31 32.03 25.08
N GLN H 135 -12.10 31.20 26.08
CA GLN H 135 -12.88 31.35 27.28
C GLN H 135 -12.68 32.72 27.90
N ARG H 136 -11.49 33.31 27.75
CA ARG H 136 -11.22 34.58 28.36
C ARG H 136 -11.51 35.77 27.44
N TRP H 137 -11.21 35.63 26.15
CA TRP H 137 -11.32 36.76 25.25
C TRP H 137 -12.33 36.64 24.09
N GLY H 138 -13.08 35.55 24.00
CA GLY H 138 -14.04 35.45 22.92
C GLY H 138 -15.21 36.30 23.35
N GLY H 139 -16.17 36.53 22.48
CA GLY H 139 -17.28 37.37 22.89
C GLY H 139 -16.73 38.74 23.25
N THR H 140 -17.10 39.24 24.42
CA THR H 140 -16.64 40.56 24.85
C THR H 140 -16.00 40.52 26.24
N CYS H 141 -15.11 41.50 26.51
CA CYS H 141 -14.45 41.76 27.78
C CYS H 141 -15.16 42.90 28.49
N HIS H 142 -15.44 42.74 29.77
CA HIS H 142 -16.08 43.80 30.53
C HIS H 142 -15.20 44.08 31.75
N ILE H 143 -14.55 45.24 31.78
CA ILE H 143 -13.59 45.60 32.84
C ILE H 143 -14.19 45.68 34.23
N LEU H 144 -15.47 46.00 34.30
CA LEU H 144 -16.13 46.15 35.56
C LEU H 144 -16.69 44.83 36.10
N GLY H 145 -16.57 43.73 35.36
CA GLY H 145 -17.14 42.47 35.81
C GLY H 145 -16.08 41.52 36.37
N PRO H 146 -16.49 40.33 36.85
CA PRO H 146 -15.64 39.26 37.37
C PRO H 146 -15.18 38.28 36.30
N ASP H 147 -15.62 38.51 35.07
CA ASP H 147 -15.46 37.55 33.98
C ASP H 147 -14.20 37.63 33.11
N CYS H 148 -13.63 38.84 32.93
CA CYS H 148 -12.52 39.11 32.01
C CYS H 148 -11.21 39.18 32.82
N CYS H 149 -10.20 38.48 32.34
CA CYS H 149 -8.91 38.41 33.01
C CYS H 149 -8.02 39.62 32.70
N ILE H 150 -8.50 40.77 33.13
CA ILE H 150 -7.86 42.06 32.94
C ILE H 150 -7.92 42.91 34.20
N GLU H 151 -6.84 43.62 34.50
CA GLU H 151 -6.82 44.51 35.64
C GLU H 151 -6.80 45.99 35.16
N PRO H 152 -7.46 46.97 35.89
CA PRO H 152 -7.46 48.39 35.60
C PRO H 152 -6.25 49.10 36.27
N SER I 36 -12.14 33.06 2.73
CA SER I 36 -13.29 33.45 1.90
C SER I 36 -14.56 32.56 2.11
N ILE I 37 -14.47 31.49 2.94
CA ILE I 37 -15.57 30.57 3.27
C ILE I 37 -16.49 31.25 4.28
N PRO I 38 -17.79 31.41 4.00
CA PRO I 38 -18.73 32.08 4.86
C PRO I 38 -18.99 31.25 6.08
N LEU I 39 -19.30 31.90 7.17
CA LEU I 39 -19.67 31.22 8.40
C LEU I 39 -20.99 31.78 8.87
N GLY I 40 -21.99 30.92 9.01
CA GLY I 40 -23.28 31.41 9.42
C GLY I 40 -23.37 31.44 10.92
N VAL I 41 -24.17 32.35 11.45
CA VAL I 41 -24.39 32.44 12.87
C VAL I 41 -25.87 32.39 13.14
N ILE I 42 -26.28 31.53 14.07
CA ILE I 42 -27.70 31.46 14.36
C ILE I 42 -28.04 32.12 15.67
N HIS I 43 -28.92 33.11 15.61
CA HIS I 43 -29.35 33.80 16.82
C HIS I 43 -30.81 34.11 16.64
N ASN I 44 -31.62 34.04 17.69
CA ASN I 44 -33.05 34.34 17.56
C ASN I 44 -33.69 33.54 16.40
N SER I 45 -33.28 32.27 16.27
CA SER I 45 -33.74 31.31 15.26
C SER I 45 -33.60 31.86 13.83
N THR I 46 -32.71 32.79 13.65
CA THR I 46 -32.47 33.47 12.39
C THR I 46 -31.06 33.20 11.91
N LEU I 47 -30.94 32.86 10.63
CA LEU I 47 -29.60 32.62 10.12
C LEU I 47 -29.07 33.84 9.39
N GLN I 48 -28.01 34.37 9.99
CA GLN I 48 -27.32 35.55 9.54
C GLN I 48 -25.90 35.21 9.17
N VAL I 49 -25.46 35.55 7.98
CA VAL I 49 -24.07 35.25 7.67
C VAL I 49 -23.21 36.31 8.29
N SER I 50 -22.17 35.89 8.98
CA SER I 50 -21.31 36.84 9.63
C SER I 50 -20.33 37.42 8.66
N ASP I 51 -20.26 38.74 8.64
CA ASP I 51 -19.34 39.45 7.79
C ASP I 51 -17.99 39.49 8.44
N VAL I 52 -16.98 39.72 7.64
CA VAL I 52 -15.64 39.92 8.12
C VAL I 52 -15.36 41.41 8.13
N ASP I 53 -15.81 42.14 7.10
CA ASP I 53 -15.47 43.56 7.04
C ASP I 53 -16.08 44.30 8.21
N LYS I 54 -17.27 43.90 8.61
CA LYS I 54 -17.94 44.52 9.73
C LYS I 54 -17.80 43.67 10.97
N LEU I 55 -17.07 44.16 11.95
CA LEU I 55 -16.87 43.39 13.16
C LEU I 55 -17.98 43.65 14.14
N VAL I 56 -18.67 42.59 14.51
CA VAL I 56 -19.76 42.69 15.44
C VAL I 56 -19.36 41.97 16.71
N CYS I 57 -19.35 42.71 17.81
CA CYS I 57 -18.92 42.20 19.10
C CYS I 57 -19.90 41.23 19.72
N ARG I 58 -21.11 41.23 19.20
CA ARG I 58 -22.19 40.39 19.68
C ARG I 58 -21.92 38.90 19.49
N ASP I 59 -21.18 38.48 18.45
CA ASP I 59 -21.03 37.04 18.33
C ASP I 59 -20.16 36.50 19.44
N LYS I 60 -20.68 35.55 20.22
CA LYS I 60 -19.92 35.01 21.33
C LYS I 60 -19.49 33.58 21.18
N LEU I 61 -18.23 33.39 20.80
CA LEU I 61 -17.67 32.07 20.65
C LEU I 61 -16.89 31.81 21.91
N SER I 62 -17.41 30.94 22.76
CA SER I 62 -16.83 30.64 24.04
C SER I 62 -15.93 29.42 23.96
N SER I 63 -16.27 28.52 23.06
CA SER I 63 -15.49 27.30 22.91
C SER I 63 -15.63 26.77 21.51
N THR I 64 -14.72 25.90 21.12
CA THR I 64 -14.76 25.32 19.78
C THR I 64 -15.89 24.32 19.59
N ASN I 65 -16.60 23.98 20.66
CA ASN I 65 -17.70 23.06 20.60
C ASN I 65 -18.92 23.71 19.94
N GLN I 66 -18.88 25.03 19.76
CA GLN I 66 -19.94 25.76 19.12
C GLN I 66 -19.75 25.83 17.63
N LEU I 67 -18.64 25.31 17.13
CA LEU I 67 -18.37 25.36 15.71
C LEU I 67 -18.66 24.04 15.07
N ARG I 68 -19.56 24.00 14.10
CA ARG I 68 -19.91 22.73 13.49
C ARG I 68 -19.96 22.76 11.98
N SER I 69 -19.55 21.64 11.41
CA SER I 69 -19.63 21.35 9.98
C SER I 69 -20.76 20.38 9.71
N VAL I 70 -21.79 20.84 8.99
CA VAL I 70 -22.93 19.99 8.77
C VAL I 70 -23.19 19.67 7.30
N GLY I 71 -23.38 18.38 7.02
CA GLY I 71 -23.67 17.94 5.67
C GLY I 71 -25.15 17.81 5.39
N LEU I 72 -25.60 18.41 4.30
CA LEU I 72 -26.99 18.38 3.87
C LEU I 72 -27.12 17.70 2.52
N ASN I 73 -28.24 17.04 2.28
CA ASN I 73 -28.39 16.35 0.99
C ASN I 73 -29.03 17.22 -0.08
N LEU I 74 -28.74 16.94 -1.35
CA LEU I 74 -29.34 17.69 -2.46
C LEU I 74 -30.79 17.32 -2.68
N GLU I 75 -31.18 16.16 -2.21
CA GLU I 75 -32.55 15.74 -2.36
C GLU I 75 -33.47 16.71 -1.61
N GLY I 76 -32.96 17.44 -0.60
CA GLY I 76 -33.78 18.34 0.19
C GLY I 76 -34.09 19.63 -0.55
N ASN I 77 -33.45 19.84 -1.71
CA ASN I 77 -33.67 21.00 -2.54
C ASN I 77 -34.61 20.64 -3.69
N GLY I 78 -35.07 19.38 -3.71
CA GLY I 78 -35.93 18.92 -4.76
C GLY I 78 -35.24 18.39 -6.02
N VAL I 79 -33.97 17.99 -5.96
CA VAL I 79 -33.37 17.50 -7.19
C VAL I 79 -33.90 16.10 -7.49
N ALA I 80 -33.79 15.65 -8.73
CA ALA I 80 -34.19 14.28 -9.03
C ALA I 80 -33.26 13.33 -8.31
N THR I 81 -33.80 12.21 -7.82
CA THR I 81 -33.00 11.19 -7.16
C THR I 81 -32.90 9.86 -7.89
N ASP I 82 -33.78 9.63 -8.84
CA ASP I 82 -33.82 8.36 -9.55
C ASP I 82 -32.54 8.07 -10.35
N VAL I 83 -32.05 6.84 -10.27
CA VAL I 83 -30.79 6.47 -10.90
C VAL I 83 -30.53 7.01 -12.33
N PRO I 84 -31.34 6.75 -13.35
CA PRO I 84 -31.12 7.23 -14.69
C PRO I 84 -31.15 8.73 -14.83
N SER I 85 -31.64 9.45 -13.82
CA SER I 85 -31.67 10.89 -13.85
C SER I 85 -30.51 11.49 -13.10
N VAL I 86 -29.86 10.72 -12.22
CA VAL I 86 -28.81 11.33 -11.41
C VAL I 86 -27.43 10.96 -11.85
N THR I 87 -27.29 9.91 -12.61
CA THR I 87 -25.96 9.56 -13.06
C THR I 87 -25.51 10.57 -14.10
N LYS I 88 -26.48 11.32 -14.60
CA LYS I 88 -26.26 12.38 -15.56
C LYS I 88 -25.51 13.54 -14.96
N ARG I 89 -25.48 13.61 -13.63
CA ARG I 89 -24.81 14.68 -12.94
C ARG I 89 -23.37 14.35 -12.60
N TRP I 90 -22.92 13.14 -12.91
CA TRP I 90 -21.58 12.70 -12.52
C TRP I 90 -20.76 12.47 -13.78
N GLY I 91 -19.45 12.60 -13.72
CA GLY I 91 -18.70 12.23 -14.92
C GLY I 91 -17.21 12.12 -14.72
N PHE I 92 -16.56 11.51 -15.68
CA PHE I 92 -15.14 11.27 -15.54
C PHE I 92 -14.21 12.31 -16.12
N ARG I 93 -13.12 12.54 -15.39
CA ARG I 93 -12.05 13.43 -15.81
C ARG I 93 -10.68 12.97 -15.33
N SER I 94 -9.63 13.36 -16.04
CA SER I 94 -8.23 13.10 -15.65
C SER I 94 -7.47 14.41 -15.39
N GLY I 95 -6.36 14.32 -14.65
CA GLY I 95 -5.47 15.48 -14.40
C GLY I 95 -5.81 16.30 -13.15
N VAL I 96 -6.87 15.91 -12.47
CA VAL I 96 -7.33 16.58 -11.28
C VAL I 96 -7.32 15.59 -10.11
N PRO I 97 -6.60 15.86 -9.00
CA PRO I 97 -6.54 15.01 -7.83
C PRO I 97 -7.79 15.16 -6.96
N PRO I 98 -8.17 14.16 -6.16
CA PRO I 98 -9.23 14.19 -5.17
C PRO I 98 -8.86 14.92 -3.89
N LYS I 99 -9.85 15.46 -3.19
CA LYS I 99 -9.69 16.06 -1.86
C LYS I 99 -10.85 15.71 -0.91
N VAL I 100 -10.60 15.62 0.42
CA VAL I 100 -11.76 15.47 1.33
C VAL I 100 -11.75 16.44 2.52
N VAL I 101 -12.93 16.64 3.13
CA VAL I 101 -13.11 17.41 4.37
C VAL I 101 -13.97 16.64 5.37
N ASN I 102 -13.91 16.93 6.65
CA ASN I 102 -14.76 16.18 7.60
C ASN I 102 -16.04 16.88 8.04
N TYR I 103 -16.93 16.07 8.60
CA TYR I 103 -18.19 16.49 9.22
C TYR I 103 -18.34 16.17 10.69
N GLU I 104 -19.14 16.96 11.37
CA GLU I 104 -19.54 16.61 12.73
C GLU I 104 -20.96 16.09 12.73
N ALA I 105 -21.78 16.51 11.78
CA ALA I 105 -23.18 16.09 11.77
C ALA I 105 -23.74 16.12 10.38
N GLY I 106 -24.87 15.45 10.19
CA GLY I 106 -25.52 15.52 8.90
C GLY I 106 -26.94 14.99 8.84
N GLU I 107 -27.53 15.17 7.69
CA GLU I 107 -28.91 14.80 7.38
C GLU I 107 -29.08 13.32 7.07
N TRP I 108 -30.23 12.74 7.43
CA TRP I 108 -30.58 11.36 7.05
C TRP I 108 -30.92 11.34 5.58
N ALA I 109 -30.54 10.30 4.85
CA ALA I 109 -30.89 10.33 3.44
C ALA I 109 -32.04 9.42 3.09
N GLU I 110 -32.91 9.87 2.20
CA GLU I 110 -33.90 8.97 1.67
C GLU I 110 -33.20 8.10 0.64
N ASN I 111 -32.35 8.75 -0.18
CA ASN I 111 -31.67 8.00 -1.21
C ASN I 111 -30.16 8.18 -1.17
N CYS I 112 -29.42 7.09 -1.40
CA CYS I 112 -27.96 7.07 -1.53
C CYS I 112 -27.57 5.98 -2.54
N TYR I 113 -26.32 6.00 -2.97
CA TYR I 113 -25.90 5.14 -4.09
C TYR I 113 -24.67 4.34 -3.81
N ASN I 114 -24.50 3.24 -4.51
CA ASN I 114 -23.29 2.42 -4.39
C ASN I 114 -22.88 1.91 -5.77
N LEU I 115 -21.75 2.38 -6.31
CA LEU I 115 -21.40 1.97 -7.68
C LEU I 115 -20.24 0.99 -7.79
N GLU I 116 -20.39 0.06 -8.74
CA GLU I 116 -19.34 -0.89 -9.13
C GLU I 116 -19.25 -0.94 -10.65
N ILE I 117 -18.46 -0.06 -11.23
CA ILE I 117 -18.44 0.05 -12.67
C ILE I 117 -17.12 -0.40 -13.23
N LYS I 118 -17.18 -1.24 -14.25
CA LYS I 118 -16.02 -1.77 -14.93
C LYS I 118 -15.92 -1.32 -16.37
N LYS I 119 -14.72 -1.39 -16.92
CA LYS I 119 -14.55 -1.11 -18.31
C LYS I 119 -15.00 -2.36 -19.03
N PRO I 120 -15.34 -2.31 -20.32
CA PRO I 120 -15.70 -3.48 -21.11
C PRO I 120 -14.67 -4.60 -21.08
N ASP I 121 -13.39 -4.28 -20.83
CA ASP I 121 -12.36 -5.31 -20.80
C ASP I 121 -12.14 -5.93 -19.41
N GLY I 122 -12.97 -5.55 -18.43
CA GLY I 122 -12.89 -6.08 -17.07
C GLY I 122 -12.12 -5.22 -16.06
N SER I 123 -11.41 -4.19 -16.53
CA SER I 123 -10.65 -3.31 -15.64
C SER I 123 -11.56 -2.46 -14.77
N GLU I 124 -11.17 -2.17 -13.53
CA GLU I 124 -12.04 -1.34 -12.67
C GLU I 124 -12.03 0.15 -13.09
N CYS I 125 -13.20 0.85 -13.03
CA CYS I 125 -13.33 2.28 -13.33
C CYS I 125 -13.05 3.14 -12.11
N LEU I 126 -13.62 2.77 -10.98
CA LEU I 126 -13.51 3.58 -9.79
C LEU I 126 -12.39 3.03 -8.93
N PRO I 127 -11.66 3.87 -8.17
CA PRO I 127 -10.59 3.52 -7.27
C PRO I 127 -11.06 2.86 -6.00
N ALA I 128 -10.23 2.06 -5.38
CA ALA I 128 -10.65 1.51 -4.09
C ALA I 128 -10.67 2.62 -3.09
N ALA I 129 -11.60 2.57 -2.15
CA ALA I 129 -11.60 3.60 -1.13
C ALA I 129 -10.38 3.41 -0.24
N PRO I 130 -9.74 4.48 0.22
CA PRO I 130 -8.64 4.49 1.14
C PRO I 130 -9.10 4.16 2.53
N ASP I 131 -8.16 3.79 3.38
CA ASP I 131 -8.49 3.51 4.75
C ASP I 131 -9.14 4.72 5.38
N GLY I 132 -10.17 4.47 6.15
CA GLY I 132 -10.89 5.52 6.83
C GLY I 132 -12.22 5.87 6.17
N ILE I 133 -12.46 5.39 4.95
CA ILE I 133 -13.73 5.67 4.30
C ILE I 133 -14.71 4.53 4.49
N ARG I 134 -15.88 4.88 4.95
CA ARG I 134 -17.00 3.97 5.18
C ARG I 134 -18.25 4.58 4.58
N GLY I 135 -19.25 3.75 4.30
CA GLY I 135 -20.47 4.25 3.70
C GLY I 135 -21.27 5.14 4.62
N PHE I 136 -22.09 5.98 4.01
CA PHE I 136 -22.94 6.93 4.71
C PHE I 136 -23.78 6.16 5.73
N PRO I 137 -23.85 6.57 7.01
CA PRO I 137 -24.50 5.87 8.09
C PRO I 137 -26.01 5.69 8.11
N ARG I 138 -26.79 6.52 7.42
CA ARG I 138 -28.23 6.32 7.51
C ARG I 138 -28.93 6.65 6.18
N CYS I 139 -29.45 5.62 5.48
CA CYS I 139 -30.16 5.71 4.19
C CYS I 139 -31.43 4.89 4.26
N ARG I 140 -32.51 5.41 3.70
CA ARG I 140 -33.68 4.56 3.60
C ARG I 140 -33.53 3.57 2.44
N TYR I 141 -33.04 4.06 1.29
CA TYR I 141 -32.82 3.19 0.14
C TYR I 141 -31.42 3.32 -0.40
N VAL I 142 -30.87 2.20 -0.82
CA VAL I 142 -29.56 2.18 -1.44
C VAL I 142 -29.69 1.71 -2.86
N HIS I 143 -29.25 2.52 -3.78
CA HIS I 143 -29.35 2.16 -5.17
C HIS I 143 -27.99 1.66 -5.61
N LYS I 144 -27.86 0.36 -5.72
CA LYS I 144 -26.60 -0.27 -6.05
C LYS I 144 -26.55 -0.55 -7.52
N VAL I 145 -25.57 -0.01 -8.22
CA VAL I 145 -25.52 -0.18 -9.66
C VAL I 145 -24.27 -0.90 -10.11
N SER I 146 -24.47 -2.02 -10.78
CA SER I 146 -23.39 -2.83 -11.32
C SER I 146 -23.38 -2.70 -12.83
N GLY I 147 -22.25 -2.38 -13.41
CA GLY I 147 -22.31 -2.24 -14.85
C GLY I 147 -21.01 -1.88 -15.50
N THR I 148 -21.07 -1.59 -16.79
CA THR I 148 -19.89 -1.24 -17.55
C THR I 148 -20.06 0.00 -18.37
N GLY I 149 -18.93 0.58 -18.79
CA GLY I 149 -18.99 1.74 -19.67
C GLY I 149 -17.64 2.38 -20.00
N PRO I 150 -17.65 3.42 -20.85
CA PRO I 150 -16.50 4.17 -21.32
C PRO I 150 -15.97 5.15 -20.26
N CYS I 151 -15.35 4.60 -19.22
CA CYS I 151 -14.82 5.34 -18.06
C CYS I 151 -13.48 5.99 -18.47
N ALA I 152 -13.59 7.02 -19.31
CA ALA I 152 -12.46 7.72 -19.92
C ALA I 152 -11.48 8.41 -18.98
N GLY I 153 -11.94 8.91 -17.85
CA GLY I 153 -11.06 9.66 -16.94
C GLY I 153 -10.45 8.82 -15.82
N ASP I 154 -9.91 9.48 -14.80
CA ASP I 154 -9.28 8.75 -13.72
C ASP I 154 -10.28 8.62 -12.59
N PHE I 155 -11.04 9.67 -12.40
CA PHE I 155 -11.99 9.73 -11.32
C PHE I 155 -13.30 10.28 -11.77
N ALA I 156 -14.36 9.89 -11.10
CA ALA I 156 -15.68 10.44 -11.34
C ALA I 156 -15.91 11.61 -10.39
N PHE I 157 -16.19 12.77 -10.95
CA PHE I 157 -16.40 14.03 -10.24
C PHE I 157 -17.82 14.51 -10.37
N HIS I 158 -18.29 15.30 -9.42
CA HIS I 158 -19.63 15.84 -9.54
C HIS I 158 -19.62 17.03 -10.49
N LYS I 159 -20.52 17.07 -11.46
CA LYS I 159 -20.53 18.16 -12.43
C LYS I 159 -21.02 19.49 -11.93
N GLU I 160 -21.74 19.51 -10.81
CA GLU I 160 -22.25 20.77 -10.32
C GLU I 160 -21.39 21.34 -9.20
N GLY I 161 -20.32 20.63 -8.85
CA GLY I 161 -19.47 21.07 -7.76
C GLY I 161 -19.87 20.52 -6.39
N ALA I 162 -20.91 19.71 -6.33
CA ALA I 162 -21.38 19.11 -5.09
C ALA I 162 -20.40 18.02 -4.67
N PHE I 163 -20.49 17.59 -3.42
CA PHE I 163 -19.61 16.57 -2.86
C PHE I 163 -20.29 15.23 -2.67
N PHE I 164 -19.51 14.17 -2.68
CA PHE I 164 -20.06 12.87 -2.39
C PHE I 164 -19.90 12.69 -0.90
N LEU I 165 -20.91 12.18 -0.22
CA LEU I 165 -20.83 12.08 1.23
C LEU I 165 -20.70 10.67 1.74
N TYR I 166 -19.67 10.47 2.51
CA TYR I 166 -19.29 9.24 3.15
C TYR I 166 -19.40 9.41 4.65
N ASP I 167 -19.05 8.39 5.41
CA ASP I 167 -19.20 8.49 6.85
C ASP I 167 -18.31 9.58 7.44
N ARG I 168 -18.97 10.71 7.64
CA ARG I 168 -18.44 11.97 8.16
C ARG I 168 -17.30 12.54 7.38
N LEU I 169 -17.35 12.34 6.06
CA LEU I 169 -16.37 12.86 5.14
C LEU I 169 -16.97 13.25 3.80
N ALA I 170 -16.68 14.45 3.36
CA ALA I 170 -17.15 14.87 2.05
C ALA I 170 -16.00 14.72 1.10
N SER I 171 -16.27 14.20 -0.08
CA SER I 171 -15.22 13.99 -1.06
C SER I 171 -15.54 14.50 -2.42
N THR I 172 -14.52 14.93 -3.13
CA THR I 172 -14.74 15.39 -4.47
C THR I 172 -14.91 14.27 -5.49
N VAL I 173 -14.58 13.03 -5.11
CA VAL I 173 -14.70 11.89 -6.04
C VAL I 173 -15.48 10.72 -5.47
N ILE I 174 -15.91 9.84 -6.38
CA ILE I 174 -16.59 8.61 -6.01
C ILE I 174 -15.62 7.44 -5.83
N TYR I 175 -15.72 6.73 -4.71
CA TYR I 175 -14.88 5.56 -4.47
C TYR I 175 -15.68 4.28 -4.74
N ARG I 176 -14.99 3.25 -5.20
CA ARG I 176 -15.65 2.03 -5.60
C ARG I 176 -16.23 1.22 -4.49
N GLY I 177 -17.48 0.83 -4.65
CA GLY I 177 -18.14 -0.07 -3.73
C GLY I 177 -18.62 0.57 -2.44
N THR I 178 -18.46 1.88 -2.27
CA THR I 178 -18.84 2.46 -1.00
C THR I 178 -20.03 3.39 -1.12
N THR I 179 -21.03 3.13 -0.28
CA THR I 179 -22.29 3.87 -0.30
C THR I 179 -22.13 5.34 0.02
N PHE I 180 -22.71 6.21 -0.80
CA PHE I 180 -22.61 7.64 -0.55
C PHE I 180 -23.88 8.41 -0.84
N ALA I 181 -24.02 9.51 -0.13
CA ALA I 181 -25.13 10.42 -0.34
C ALA I 181 -24.63 11.57 -1.18
N GLU I 182 -25.50 12.33 -1.80
CA GLU I 182 -25.01 13.43 -2.62
C GLU I 182 -25.36 14.76 -1.98
N GLY I 183 -24.38 15.64 -1.74
CA GLY I 183 -24.71 16.87 -1.01
C GLY I 183 -23.67 18.01 -0.89
N VAL I 184 -23.97 18.90 0.03
CA VAL I 184 -23.21 20.12 0.31
C VAL I 184 -22.95 20.34 1.80
N VAL I 185 -21.95 21.15 2.14
CA VAL I 185 -21.65 21.42 3.55
C VAL I 185 -21.67 22.88 3.95
N ALA I 186 -22.29 23.15 5.10
CA ALA I 186 -22.34 24.49 5.68
C ALA I 186 -21.55 24.55 6.97
N PHE I 187 -21.00 25.71 7.26
CA PHE I 187 -20.29 25.89 8.52
C PHE I 187 -21.04 26.89 9.36
N LEU I 188 -21.28 26.53 10.63
CA LEU I 188 -22.03 27.35 11.58
C LEU I 188 -21.45 27.63 12.96
N ILE I 189 -21.82 28.77 13.54
CA ILE I 189 -21.59 29.03 14.97
C ILE I 189 -22.95 28.90 15.67
N LEU I 190 -23.07 27.94 16.61
CA LEU I 190 -24.30 27.61 17.34
C LEU I 190 -24.61 28.68 18.39
N TYR I 217 -31.83 0.23 13.09
CA TYR I 217 -32.32 0.85 11.87
C TYR I 217 -32.01 -0.05 10.66
N TYR I 218 -33.02 -0.21 9.77
CA TYR I 218 -33.04 -1.03 8.57
C TYR I 218 -33.03 -0.19 7.31
N SER I 219 -32.59 -0.78 6.22
CA SER I 219 -32.59 -0.09 4.93
C SER I 219 -32.87 -1.09 3.85
N THR I 220 -33.30 -0.60 2.69
CA THR I 220 -33.60 -1.48 1.58
C THR I 220 -32.62 -1.32 0.44
N THR I 221 -32.09 -2.43 -0.03
CA THR I 221 -31.16 -2.38 -1.14
C THR I 221 -31.87 -2.75 -2.42
N ILE I 222 -31.74 -1.88 -3.39
CA ILE I 222 -32.32 -2.07 -4.70
C ILE I 222 -31.18 -2.26 -5.67
N ARG I 223 -31.20 -3.33 -6.43
CA ARG I 223 -30.10 -3.60 -7.33
C ARG I 223 -30.45 -3.26 -8.76
N TYR I 224 -29.52 -2.65 -9.45
CA TYR I 224 -29.64 -2.26 -10.84
C TYR I 224 -28.45 -2.69 -11.66
N GLN I 225 -28.65 -2.82 -12.95
CA GLN I 225 -27.55 -3.07 -13.87
C GLN I 225 -27.54 -2.10 -15.02
N ALA I 226 -26.36 -1.81 -15.54
CA ALA I 226 -26.31 -0.88 -16.66
C ALA I 226 -25.18 -1.11 -17.62
N THR I 227 -25.40 -0.66 -18.84
CA THR I 227 -24.35 -0.67 -19.83
C THR I 227 -24.22 0.70 -20.45
N GLY I 228 -22.99 1.08 -20.78
CA GLY I 228 -22.74 2.36 -21.40
C GLY I 228 -22.86 3.43 -20.33
N PHE I 229 -22.50 3.06 -19.11
CA PHE I 229 -22.62 3.89 -17.92
C PHE I 229 -22.09 5.31 -18.04
N GLY I 230 -20.93 5.47 -18.67
CA GLY I 230 -20.30 6.79 -18.77
C GLY I 230 -20.79 7.67 -19.93
N THR I 231 -21.78 7.25 -20.71
CA THR I 231 -22.22 8.06 -21.85
C THR I 231 -23.72 8.39 -21.79
N ASN I 232 -24.26 9.17 -22.77
CA ASN I 232 -25.69 9.56 -22.80
C ASN I 232 -26.62 8.36 -23.08
N GLU I 233 -26.21 7.45 -23.99
CA GLU I 233 -26.95 6.22 -24.30
C GLU I 233 -26.67 5.11 -23.28
N THR I 234 -27.11 5.36 -22.04
CA THR I 234 -26.95 4.41 -20.96
C THR I 234 -28.24 3.64 -20.79
N GLU I 235 -28.14 2.33 -20.81
CA GLU I 235 -29.32 1.49 -20.63
C GLU I 235 -29.38 0.98 -19.21
N TYR I 236 -30.56 1.01 -18.60
CA TYR I 236 -30.70 0.49 -17.24
C TYR I 236 -31.78 -0.53 -17.04
N LEU I 237 -31.44 -1.53 -16.25
CA LEU I 237 -32.35 -2.57 -15.81
C LEU I 237 -32.45 -2.62 -14.30
N PHE I 238 -33.59 -3.05 -13.82
CA PHE I 238 -33.83 -3.27 -12.40
C PHE I 238 -33.86 -4.75 -12.14
N GLU I 239 -33.18 -5.21 -11.11
CA GLU I 239 -33.21 -6.63 -10.80
C GLU I 239 -34.37 -7.03 -9.93
N VAL I 240 -35.02 -8.11 -10.33
CA VAL I 240 -36.11 -8.71 -9.58
C VAL I 240 -35.58 -9.97 -8.92
N ASP I 241 -34.86 -10.74 -9.72
CA ASP I 241 -34.23 -12.00 -9.33
C ASP I 241 -32.94 -12.11 -10.09
N ASN I 242 -32.18 -13.16 -9.89
CA ASN I 242 -30.90 -13.23 -10.58
C ASN I 242 -31.03 -13.28 -12.09
N LEU I 243 -32.10 -13.89 -12.57
CA LEU I 243 -32.32 -13.99 -13.99
C LEU I 243 -33.51 -13.17 -14.48
N THR I 244 -34.05 -12.31 -13.62
CA THR I 244 -35.27 -11.59 -13.99
C THR I 244 -35.08 -10.09 -13.84
N TYR I 245 -35.36 -9.38 -14.91
CA TYR I 245 -35.19 -7.94 -14.96
C TYR I 245 -36.35 -7.19 -15.52
N VAL I 246 -36.47 -5.93 -15.17
CA VAL I 246 -37.45 -5.10 -15.84
C VAL I 246 -36.72 -3.89 -16.39
N GLN I 247 -37.26 -3.24 -17.39
CA GLN I 247 -36.63 -2.03 -17.88
C GLN I 247 -36.86 -0.93 -16.89
N LEU I 248 -35.87 -0.07 -16.73
CA LEU I 248 -36.04 1.03 -15.80
C LEU I 248 -36.36 2.32 -16.51
N GLU I 249 -37.31 3.07 -15.96
CA GLU I 249 -37.66 4.38 -16.47
C GLU I 249 -37.66 5.39 -15.33
N SER I 250 -37.44 6.64 -15.67
CA SER I 250 -37.36 7.77 -14.73
C SER I 250 -38.63 8.06 -13.96
N ARG I 251 -39.72 7.44 -14.37
CA ARG I 251 -41.01 7.61 -13.74
C ARG I 251 -41.25 6.63 -12.60
N PHE I 252 -40.31 5.73 -12.35
CA PHE I 252 -40.52 4.69 -11.35
C PHE I 252 -39.82 4.94 -10.02
N THR I 253 -40.60 5.31 -9.03
CA THR I 253 -40.08 5.62 -7.70
C THR I 253 -39.75 4.30 -6.98
N PRO I 254 -38.96 4.31 -5.89
CA PRO I 254 -38.68 3.14 -5.09
C PRO I 254 -39.92 2.39 -4.65
N GLN I 255 -41.02 3.09 -4.41
CA GLN I 255 -42.20 2.37 -3.97
C GLN I 255 -42.79 1.62 -5.14
N PHE I 256 -42.78 2.25 -6.30
CA PHE I 256 -43.31 1.60 -7.48
C PHE I 256 -42.51 0.36 -7.77
N LEU I 257 -41.19 0.50 -7.72
CA LEU I 257 -40.33 -0.61 -8.06
C LEU I 257 -40.47 -1.76 -7.08
N LEU I 258 -40.64 -1.47 -5.80
CA LEU I 258 -40.80 -2.57 -4.88
C LEU I 258 -42.15 -3.25 -5.09
N GLN I 259 -43.21 -2.49 -5.41
CA GLN I 259 -44.51 -3.10 -5.67
C GLN I 259 -44.42 -3.96 -6.92
N LEU I 260 -43.66 -3.50 -7.90
CA LEU I 260 -43.46 -4.20 -9.15
C LEU I 260 -42.73 -5.54 -8.89
N ASN I 261 -41.70 -5.56 -8.00
CA ASN I 261 -40.94 -6.74 -7.60
C ASN I 261 -41.87 -7.78 -6.93
N GLU I 262 -42.76 -7.34 -6.00
CA GLU I 262 -43.71 -8.21 -5.29
C GLU I 262 -44.73 -8.80 -6.26
N THR I 263 -45.16 -7.99 -7.22
CA THR I 263 -46.12 -8.43 -8.21
C THR I 263 -45.55 -9.55 -9.03
N ILE I 264 -44.29 -9.42 -9.44
CA ILE I 264 -43.68 -10.46 -10.24
C ILE I 264 -43.48 -11.74 -9.45
N TYR I 265 -43.00 -11.67 -8.21
CA TYR I 265 -42.86 -12.93 -7.51
C TYR I 265 -44.20 -13.58 -7.27
N ALA I 266 -45.21 -12.80 -6.89
CA ALA I 266 -46.54 -13.33 -6.64
C ALA I 266 -47.20 -13.92 -7.88
N SER I 267 -47.02 -13.29 -9.04
CA SER I 267 -47.64 -13.79 -10.27
C SER I 267 -46.88 -14.99 -10.80
N GLY I 268 -45.59 -15.07 -10.45
CA GLY I 268 -44.75 -16.17 -10.86
C GLY I 268 -44.09 -15.96 -12.21
N LYS I 269 -44.23 -14.78 -12.81
CA LYS I 269 -43.63 -14.54 -14.13
C LYS I 269 -42.14 -14.19 -14.07
N ARG I 270 -41.37 -15.20 -13.72
CA ARG I 270 -39.93 -15.14 -13.53
C ARG I 270 -39.24 -16.16 -14.40
N SER I 271 -37.97 -15.95 -14.69
CA SER I 271 -37.29 -16.98 -15.45
C SER I 271 -37.26 -18.27 -14.61
N ASN I 272 -37.60 -19.41 -15.26
CA ASN I 272 -37.61 -20.78 -14.72
C ASN I 272 -36.54 -21.66 -15.43
N THR I 273 -35.51 -21.03 -16.03
CA THR I 273 -34.43 -21.62 -16.81
C THR I 273 -33.12 -20.99 -16.42
N THR I 274 -32.11 -21.15 -17.26
CA THR I 274 -30.80 -20.62 -16.95
C THR I 274 -30.54 -19.26 -17.61
N GLY I 275 -31.33 -18.91 -18.62
CA GLY I 275 -31.15 -17.63 -19.29
C GLY I 275 -31.92 -16.52 -18.61
N LYS I 276 -31.64 -15.29 -19.04
CA LYS I 276 -32.27 -14.09 -18.51
C LYS I 276 -33.51 -13.65 -19.27
N LEU I 277 -34.45 -13.08 -18.54
CA LEU I 277 -35.68 -12.50 -19.04
C LEU I 277 -35.84 -11.04 -18.72
N ILE I 278 -36.14 -10.21 -19.71
CA ILE I 278 -36.36 -8.80 -19.44
C ILE I 278 -37.77 -8.39 -19.80
N TRP I 279 -38.49 -7.83 -18.83
CA TRP I 279 -39.83 -7.33 -19.04
C TRP I 279 -39.85 -5.82 -19.25
N LYS I 280 -40.72 -5.34 -20.10
CA LYS I 280 -40.94 -3.92 -20.22
C LYS I 280 -42.16 -3.58 -19.42
N VAL I 281 -42.22 -2.40 -18.86
CA VAL I 281 -43.40 -1.97 -18.15
C VAL I 281 -44.24 -1.09 -19.05
N ASN I 282 -45.51 -1.43 -19.14
CA ASN I 282 -46.48 -0.72 -19.94
C ASN I 282 -46.46 0.75 -19.55
N PRO I 283 -46.52 1.71 -20.50
CA PRO I 283 -46.51 3.14 -20.26
C PRO I 283 -47.65 3.64 -19.38
N GLU I 284 -48.73 2.87 -19.26
CA GLU I 284 -49.82 3.28 -18.42
C GLU I 284 -49.57 2.68 -17.04
N ILE I 285 -49.34 3.55 -16.09
CA ILE I 285 -49.03 3.14 -14.72
C ILE I 285 -49.98 3.88 -13.79
N ASP I 286 -50.05 3.46 -12.55
CA ASP I 286 -50.97 4.10 -11.64
C ASP I 286 -50.38 5.39 -11.09
N THR I 287 -50.49 6.45 -11.89
CA THR I 287 -49.89 7.74 -11.57
C THR I 287 -50.71 8.51 -10.54
N THR I 288 -50.66 8.04 -9.30
CA THR I 288 -51.46 8.62 -8.21
C THR I 288 -50.76 9.77 -7.50
N ILE I 289 -49.47 9.92 -7.73
CA ILE I 289 -48.69 10.95 -7.06
C ILE I 289 -48.32 12.10 -7.98
N GLY I 290 -48.77 13.29 -7.61
CA GLY I 290 -48.57 14.52 -8.38
C GLY I 290 -47.19 15.15 -8.19
N GLU I 291 -46.15 14.39 -8.52
CA GLU I 291 -44.76 14.84 -8.37
C GLU I 291 -44.48 15.37 -6.97
N TRP I 292 -44.88 14.59 -5.98
CA TRP I 292 -44.69 14.93 -4.59
C TRP I 292 -43.26 14.75 -4.20
N ALA I 293 -42.83 15.58 -3.28
CA ALA I 293 -41.51 15.49 -2.74
C ALA I 293 -41.46 14.37 -1.76
N PHE I 294 -40.28 13.92 -1.41
CA PHE I 294 -40.15 12.92 -0.37
C PHE I 294 -40.97 13.26 0.87
N TRP I 295 -40.91 14.51 1.27
CA TRP I 295 -41.62 15.01 2.44
C TRP I 295 -43.08 15.49 2.16
N GLU I 296 -43.59 15.28 0.91
CA GLU I 296 -44.88 15.64 0.32
C GLU I 296 -44.81 17.08 -0.19
N VAL J 21 -39.21 2.74 -36.16
CA VAL J 21 -37.99 1.95 -36.17
C VAL J 21 -38.12 0.92 -37.31
N GLN J 22 -37.00 0.65 -38.00
CA GLN J 22 -36.89 -0.30 -39.12
C GLN J 22 -35.81 -1.33 -38.90
N LEU J 23 -35.98 -2.47 -39.53
CA LEU J 23 -34.97 -3.52 -39.55
C LEU J 23 -34.68 -3.86 -40.98
N VAL J 24 -33.41 -3.83 -41.34
CA VAL J 24 -33.03 -4.11 -42.71
C VAL J 24 -32.24 -5.38 -42.83
N GLN J 25 -32.77 -6.30 -43.61
CA GLN J 25 -32.13 -7.58 -43.78
C GLN J 25 -31.38 -7.67 -45.09
N SER J 26 -30.44 -8.60 -45.14
CA SER J 26 -29.68 -8.86 -46.36
C SER J 26 -30.57 -9.49 -47.46
N GLY J 27 -30.06 -9.45 -48.70
CA GLY J 27 -30.79 -9.97 -49.85
C GLY J 27 -30.68 -11.47 -49.97
N ALA J 28 -31.22 -12.03 -51.05
CA ALA J 28 -31.26 -13.48 -51.18
C ALA J 28 -29.89 -14.13 -51.23
N GLU J 29 -29.82 -15.27 -50.58
CA GLU J 29 -28.65 -16.14 -50.47
C GLU J 29 -28.97 -17.50 -51.05
N VAL J 30 -28.37 -17.84 -52.18
CA VAL J 30 -28.68 -19.13 -52.79
C VAL J 30 -27.44 -20.00 -52.77
N LYS J 31 -27.54 -21.15 -52.14
CA LYS J 31 -26.39 -22.04 -51.98
C LYS J 31 -26.77 -23.51 -52.17
N LYS J 32 -25.77 -24.36 -52.41
CA LYS J 32 -26.02 -25.78 -52.51
C LYS J 32 -25.99 -26.42 -51.10
N PRO J 33 -26.63 -27.57 -50.89
CA PRO J 33 -26.66 -28.28 -49.63
C PRO J 33 -25.27 -28.55 -49.12
N GLY J 34 -25.13 -28.44 -47.81
CA GLY J 34 -23.89 -28.66 -47.08
C GLY J 34 -23.21 -27.33 -46.75
N SER J 35 -23.62 -26.27 -47.41
CA SER J 35 -23.07 -24.95 -47.16
C SER J 35 -23.68 -24.30 -45.92
N SER J 36 -23.07 -23.19 -45.50
CA SER J 36 -23.61 -22.41 -44.40
C SER J 36 -23.90 -20.99 -44.87
N VAL J 37 -24.86 -20.35 -44.20
CA VAL J 37 -25.25 -18.98 -44.53
C VAL J 37 -25.28 -18.09 -43.31
N LYS J 38 -24.84 -16.85 -43.47
CA LYS J 38 -24.91 -15.88 -42.40
C LYS J 38 -25.81 -14.74 -42.82
N VAL J 39 -26.95 -14.61 -42.16
CA VAL J 39 -27.94 -13.62 -42.50
C VAL J 39 -27.90 -12.44 -41.54
N SER J 40 -27.62 -11.26 -42.08
CA SER J 40 -27.53 -10.07 -41.26
C SER J 40 -28.88 -9.35 -41.13
N CYS J 41 -28.99 -8.48 -40.10
CA CYS J 41 -30.11 -7.58 -39.81
C CYS J 41 -29.60 -6.30 -39.15
N LYS J 42 -29.90 -5.16 -39.75
CA LYS J 42 -29.47 -3.88 -39.21
C LYS J 42 -30.59 -3.03 -38.65
N ALA J 43 -30.40 -2.52 -37.45
CA ALA J 43 -31.37 -1.64 -36.86
C ALA J 43 -31.22 -0.23 -37.40
N SER J 44 -32.34 0.45 -37.59
CA SER J 44 -32.35 1.83 -38.01
C SER J 44 -33.39 2.64 -37.27
N GLY J 45 -32.96 3.74 -36.66
CA GLY J 45 -33.84 4.62 -35.89
C GLY J 45 -33.76 4.34 -34.40
N ALA J 46 -33.14 3.22 -34.04
CA ALA J 46 -32.98 2.85 -32.65
C ALA J 46 -31.85 1.87 -32.48
N THR J 47 -31.33 1.83 -31.28
CA THR J 47 -30.36 0.84 -30.88
C THR J 47 -31.15 -0.36 -30.43
N PHE J 48 -30.50 -1.49 -30.21
CA PHE J 48 -31.28 -2.63 -29.74
C PHE J 48 -31.67 -2.47 -28.28
N GLY J 49 -30.86 -1.76 -27.51
CA GLY J 49 -31.15 -1.56 -26.11
C GLY J 49 -31.21 -2.88 -25.39
N SER J 50 -32.32 -3.10 -24.70
CA SER J 50 -32.57 -4.30 -23.93
C SER J 50 -33.69 -5.13 -24.51
N ASP J 51 -34.07 -4.85 -25.75
CA ASP J 51 -35.12 -5.58 -26.44
C ASP J 51 -34.58 -6.89 -26.97
N THR J 52 -35.46 -7.85 -27.23
CA THR J 52 -35.03 -9.12 -27.78
C THR J 52 -35.04 -9.13 -29.29
N VAL J 53 -33.99 -9.67 -29.87
CA VAL J 53 -33.93 -9.81 -31.30
C VAL J 53 -34.26 -11.25 -31.60
N THR J 54 -35.30 -11.47 -32.35
CA THR J 54 -35.74 -12.83 -32.60
C THR J 54 -35.83 -13.11 -34.08
N TRP J 55 -35.54 -14.35 -34.42
CA TRP J 55 -35.67 -14.79 -35.78
C TRP J 55 -36.71 -15.88 -35.92
N VAL J 56 -37.47 -15.80 -36.99
CA VAL J 56 -38.49 -16.79 -37.29
C VAL J 56 -38.33 -17.26 -38.73
N ARG J 57 -38.89 -18.42 -39.04
CA ARG J 57 -38.79 -18.94 -40.39
C ARG J 57 -40.09 -19.20 -41.10
N GLN J 58 -40.20 -18.65 -42.30
CA GLN J 58 -41.36 -18.81 -43.17
C GLN J 58 -41.06 -19.72 -44.35
N ALA J 59 -41.35 -21.01 -44.22
CA ALA J 59 -41.07 -21.89 -45.35
C ALA J 59 -42.23 -21.68 -46.32
N PRO J 60 -42.07 -21.89 -47.63
CA PRO J 60 -43.16 -21.75 -48.57
C PRO J 60 -44.29 -22.68 -48.20
N GLY J 61 -45.51 -22.15 -48.15
CA GLY J 61 -46.69 -22.96 -47.86
C GLY J 61 -46.88 -23.25 -46.38
N GLN J 62 -45.99 -22.75 -45.54
CA GLN J 62 -46.01 -23.02 -44.12
C GLN J 62 -46.38 -21.82 -43.26
N GLY J 63 -46.43 -22.05 -41.95
CA GLY J 63 -46.73 -21.02 -40.98
C GLY J 63 -45.42 -20.45 -40.46
N LEU J 64 -45.40 -19.98 -39.22
CA LEU J 64 -44.19 -19.34 -38.73
C LEU J 64 -43.50 -20.12 -37.62
N GLU J 65 -42.26 -20.50 -37.86
CA GLU J 65 -41.51 -21.25 -36.87
C GLU J 65 -40.60 -20.32 -36.08
N TRP J 66 -40.48 -20.52 -34.79
CA TRP J 66 -39.51 -19.74 -34.04
C TRP J 66 -38.16 -20.39 -34.22
N MET J 67 -37.12 -19.63 -34.51
CA MET J 67 -35.82 -20.26 -34.61
C MET J 67 -34.96 -20.05 -33.38
N GLY J 68 -35.04 -18.84 -32.86
CA GLY J 68 -34.20 -18.47 -31.73
C GLY J 68 -34.08 -16.96 -31.61
N GLY J 69 -33.25 -16.52 -30.68
CA GLY J 69 -33.06 -15.08 -30.47
C GLY J 69 -32.06 -14.75 -29.37
N ILE J 70 -31.73 -13.47 -29.32
CA ILE J 70 -30.77 -12.91 -28.38
C ILE J 70 -31.19 -11.67 -27.63
N ILE J 71 -30.49 -11.40 -26.55
CA ILE J 71 -30.63 -10.13 -25.85
C ILE J 71 -29.29 -9.44 -25.86
N PRO J 72 -29.01 -8.50 -26.77
CA PRO J 72 -27.75 -7.78 -26.92
C PRO J 72 -27.24 -7.16 -25.62
N PHE J 73 -28.14 -6.77 -24.72
CA PHE J 73 -27.72 -6.18 -23.44
C PHE J 73 -26.79 -7.15 -22.71
N PHE J 74 -27.13 -8.45 -22.72
CA PHE J 74 -26.34 -9.44 -22.01
C PHE J 74 -25.51 -10.32 -22.94
N GLY J 75 -25.91 -10.42 -24.20
CA GLY J 75 -25.23 -11.27 -25.18
C GLY J 75 -25.68 -12.74 -25.19
N GLU J 76 -26.74 -13.05 -24.47
CA GLU J 76 -27.26 -14.41 -24.37
C GLU J 76 -28.08 -14.81 -25.57
N ALA J 77 -28.16 -16.12 -25.83
CA ALA J 77 -28.98 -16.65 -26.92
C ALA J 77 -29.78 -17.87 -26.50
N ASN J 78 -30.95 -18.02 -27.12
CA ASN J 78 -31.84 -19.15 -26.93
C ASN J 78 -32.29 -19.67 -28.28
N TYR J 79 -32.46 -20.99 -28.38
CA TYR J 79 -32.86 -21.58 -29.65
C TYR J 79 -34.02 -22.54 -29.55
N ALA J 80 -34.79 -22.61 -30.63
CA ALA J 80 -35.85 -23.58 -30.78
C ALA J 80 -35.16 -24.92 -30.86
N GLN J 81 -35.77 -25.96 -30.30
CA GLN J 81 -35.09 -27.25 -30.23
C GLN J 81 -34.64 -27.84 -31.56
N ARG J 82 -35.42 -27.64 -32.61
CA ARG J 82 -35.07 -28.23 -33.90
C ARG J 82 -33.80 -27.63 -34.51
N PHE J 83 -33.36 -26.47 -34.04
CA PHE J 83 -32.17 -25.82 -34.55
C PHE J 83 -31.04 -25.83 -33.53
N GLN J 84 -31.18 -26.58 -32.44
CA GLN J 84 -30.09 -26.53 -31.51
C GLN J 84 -28.94 -27.29 -32.12
N GLY J 85 -27.78 -26.65 -32.12
CA GLY J 85 -26.58 -27.23 -32.70
C GLY J 85 -26.42 -26.84 -34.18
N ARG J 86 -27.45 -26.23 -34.77
CA ARG J 86 -27.39 -25.85 -36.17
C ARG J 86 -27.30 -24.34 -36.35
N VAL J 87 -27.88 -23.61 -35.39
CA VAL J 87 -27.95 -22.17 -35.52
C VAL J 87 -27.24 -21.39 -34.42
N THR J 88 -26.49 -20.38 -34.85
CA THR J 88 -25.81 -19.46 -33.95
C THR J 88 -26.31 -18.04 -34.17
N ILE J 89 -26.70 -17.35 -33.10
CA ILE J 89 -27.17 -15.98 -33.24
C ILE J 89 -26.33 -15.04 -32.40
N THR J 90 -25.81 -14.02 -33.05
CA THR J 90 -24.98 -13.04 -32.36
C THR J 90 -25.33 -11.61 -32.73
N ALA J 91 -24.65 -10.65 -32.10
CA ALA J 91 -24.86 -9.24 -32.40
C ALA J 91 -23.66 -8.40 -32.08
N ASP J 92 -23.62 -7.23 -32.71
CA ASP J 92 -22.57 -6.26 -32.51
C ASP J 92 -23.16 -4.88 -32.25
N LYS J 93 -23.07 -4.46 -31.00
CA LYS J 93 -23.70 -3.25 -30.50
C LYS J 93 -23.06 -1.98 -31.02
N SER J 94 -21.87 -2.08 -31.59
CA SER J 94 -21.23 -0.89 -32.11
C SER J 94 -21.86 -0.51 -33.44
N THR J 95 -22.56 -1.45 -34.09
CA THR J 95 -23.20 -1.22 -35.37
C THR J 95 -24.71 -1.40 -35.28
N ASN J 96 -25.19 -1.98 -34.16
CA ASN J 96 -26.60 -2.28 -33.94
C ASN J 96 -27.11 -3.21 -35.00
N THR J 97 -26.30 -4.23 -35.24
CA THR J 97 -26.64 -5.28 -36.17
C THR J 97 -26.68 -6.61 -35.46
N ALA J 98 -27.33 -7.58 -36.09
CA ALA J 98 -27.42 -8.93 -35.58
C ALA J 98 -27.27 -9.91 -36.71
N TYR J 99 -26.75 -11.08 -36.38
CA TYR J 99 -26.50 -12.08 -37.40
C TYR J 99 -26.93 -13.47 -37.02
N MET J 100 -27.53 -14.17 -37.97
CA MET J 100 -27.91 -15.54 -37.76
C MET J 100 -27.20 -16.48 -38.71
N GLU J 101 -26.42 -17.39 -38.15
CA GLU J 101 -25.67 -18.33 -38.94
C GLU J 101 -26.23 -19.73 -38.89
N LEU J 102 -26.52 -20.27 -40.07
CA LEU J 102 -27.05 -21.62 -40.21
C LEU J 102 -26.03 -22.54 -40.82
N SER J 103 -25.82 -23.69 -40.18
CA SER J 103 -24.88 -24.69 -40.69
C SER J 103 -25.62 -25.86 -41.31
N SER J 104 -24.88 -26.61 -42.14
CA SER J 104 -25.39 -27.84 -42.76
C SER J 104 -26.71 -27.65 -43.48
N LEU J 105 -26.78 -26.68 -44.38
CA LEU J 105 -28.01 -26.41 -45.09
C LEU J 105 -28.48 -27.58 -45.91
N ARG J 106 -29.78 -27.79 -45.90
CA ARG J 106 -30.47 -28.85 -46.63
C ARG J 106 -31.60 -28.24 -47.44
N SER J 107 -32.11 -28.94 -48.44
CA SER J 107 -33.17 -28.35 -49.27
C SER J 107 -34.45 -27.98 -48.50
N GLU J 108 -34.71 -28.66 -47.39
CA GLU J 108 -35.87 -28.36 -46.57
C GLU J 108 -35.76 -27.02 -45.85
N ASP J 109 -34.59 -26.39 -45.90
CA ASP J 109 -34.35 -25.12 -45.24
C ASP J 109 -34.67 -23.96 -46.16
N THR J 110 -35.16 -24.22 -47.37
CA THR J 110 -35.50 -23.07 -48.18
C THR J 110 -36.65 -22.36 -47.49
N ALA J 111 -36.45 -21.07 -47.21
CA ALA J 111 -37.45 -20.28 -46.49
C ALA J 111 -37.10 -18.82 -46.49
N VAL J 112 -38.05 -17.99 -46.12
CA VAL J 112 -37.72 -16.61 -45.88
C VAL J 112 -37.50 -16.44 -44.38
N TYR J 113 -36.35 -15.92 -44.04
CA TYR J 113 -35.99 -15.76 -42.67
C TYR J 113 -36.29 -14.33 -42.24
N PHE J 114 -37.02 -14.18 -41.15
CA PHE J 114 -37.37 -12.83 -40.72
C PHE J 114 -36.74 -12.45 -39.40
N CYS J 115 -36.30 -11.18 -39.32
CA CYS J 115 -35.72 -10.49 -38.18
C CYS J 115 -36.82 -9.64 -37.55
N ALA J 116 -36.98 -9.73 -36.24
CA ALA J 116 -37.98 -8.89 -35.60
C ALA J 116 -37.58 -8.47 -34.19
N ARG J 117 -38.11 -7.32 -33.77
CA ARG J 117 -37.92 -6.81 -32.42
C ARG J 117 -39.07 -7.20 -31.53
N GLN J 118 -38.72 -8.02 -30.54
CA GLN J 118 -39.62 -8.61 -29.57
C GLN J 118 -39.64 -7.90 -28.23
N ILE J 119 -40.85 -7.58 -27.83
CA ILE J 119 -41.10 -6.95 -26.56
C ILE J 119 -41.90 -7.84 -25.64
N ASN J 120 -41.36 -8.07 -24.47
CA ASN J 120 -42.03 -8.85 -23.46
C ASN J 120 -42.65 -7.81 -22.57
N GLU J 121 -43.97 -7.74 -22.48
CA GLU J 121 -44.55 -6.63 -21.75
C GLU J 121 -45.50 -6.98 -20.62
N MET J 122 -45.32 -6.26 -19.53
CA MET J 122 -46.13 -6.37 -18.34
C MET J 122 -47.01 -5.16 -18.14
N ALA J 123 -48.29 -5.39 -17.94
CA ALA J 123 -49.24 -4.33 -17.68
C ALA J 123 -49.42 -4.22 -16.19
N THR J 124 -49.05 -3.07 -15.63
CA THR J 124 -49.07 -2.86 -14.19
C THR J 124 -50.19 -1.97 -13.68
N PHE J 125 -51.03 -1.48 -14.57
CA PHE J 125 -52.12 -0.59 -14.18
C PHE J 125 -53.42 -1.33 -14.02
N GLY J 126 -54.05 -1.20 -12.86
CA GLY J 126 -55.28 -1.92 -12.63
C GLY J 126 -54.98 -3.40 -12.52
N GLU J 127 -55.52 -4.16 -13.45
CA GLU J 127 -55.33 -5.60 -13.50
C GLU J 127 -53.92 -5.88 -13.99
N ILE J 128 -53.33 -7.00 -13.57
CA ILE J 128 -51.99 -7.32 -14.04
C ILE J 128 -52.05 -8.32 -15.17
N HIS J 129 -51.40 -7.96 -16.27
CA HIS J 129 -51.42 -8.82 -17.45
C HIS J 129 -50.06 -8.99 -18.08
N TYR J 130 -49.84 -10.14 -18.69
CA TYR J 130 -48.59 -10.36 -19.40
C TYR J 130 -48.82 -10.84 -20.81
N TYR J 131 -48.00 -10.35 -21.73
CA TYR J 131 -48.05 -10.73 -23.13
C TYR J 131 -46.76 -10.40 -23.85
N THR J 132 -46.55 -10.98 -25.02
CA THR J 132 -45.39 -10.62 -25.82
C THR J 132 -45.82 -10.26 -27.20
N TYR J 133 -45.03 -9.45 -27.88
CA TYR J 133 -45.33 -9.16 -29.28
C TYR J 133 -44.11 -8.73 -30.06
N MET J 134 -44.18 -8.89 -31.37
CA MET J 134 -43.13 -8.38 -32.22
C MET J 134 -43.63 -7.14 -32.89
N ASP J 135 -42.97 -6.06 -32.57
CA ASP J 135 -43.34 -4.73 -32.99
C ASP J 135 -42.73 -4.34 -34.32
N VAL J 136 -41.46 -4.67 -34.50
CA VAL J 136 -40.78 -4.23 -35.71
C VAL J 136 -40.30 -5.42 -36.48
N TRP J 137 -40.66 -5.48 -37.75
CA TRP J 137 -40.25 -6.58 -38.60
C TRP J 137 -39.38 -6.10 -39.74
N GLY J 138 -38.43 -6.92 -40.16
CA GLY J 138 -37.64 -6.63 -41.34
C GLY J 138 -38.40 -7.13 -42.57
N GLN J 139 -37.84 -6.97 -43.76
CA GLN J 139 -38.55 -7.39 -44.96
C GLN J 139 -38.45 -8.89 -45.23
N GLY J 140 -37.50 -9.55 -44.59
CA GLY J 140 -37.26 -10.97 -44.78
C GLY J 140 -36.13 -11.29 -45.78
N THR J 141 -35.36 -12.34 -45.50
CA THR J 141 -34.28 -12.75 -46.37
C THR J 141 -34.56 -14.11 -46.96
N LEU J 142 -34.54 -14.21 -48.27
CA LEU J 142 -34.78 -15.52 -48.84
C LEU J 142 -33.53 -16.32 -48.97
N VAL J 143 -33.55 -17.48 -48.36
CA VAL J 143 -32.43 -18.36 -48.43
C VAL J 143 -32.89 -19.60 -49.15
N THR J 144 -32.20 -19.93 -50.22
CA THR J 144 -32.56 -21.08 -51.04
C THR J 144 -31.48 -22.09 -51.01
N VAL J 145 -31.86 -23.34 -50.75
CA VAL J 145 -30.87 -24.38 -50.71
C VAL J 145 -31.22 -25.39 -51.77
N SER J 146 -30.33 -25.54 -52.74
CA SER J 146 -30.59 -26.46 -53.84
C SER J 146 -29.34 -26.82 -54.63
N SER J 147 -29.25 -28.09 -54.98
CA SER J 147 -28.15 -28.62 -55.78
C SER J 147 -28.28 -28.28 -57.27
N ALA J 148 -29.45 -27.79 -57.65
CA ALA J 148 -29.80 -27.48 -59.04
C ALA J 148 -28.93 -26.37 -59.63
N SER J 149 -28.70 -26.43 -60.97
CA SER J 149 -27.98 -25.45 -61.76
C SER J 149 -28.97 -24.37 -62.24
N GLY K 19 -41.65 -25.68 -26.13
CA GLY K 19 -42.89 -24.98 -25.85
C GLY K 19 -44.08 -25.69 -26.53
N SER K 20 -45.23 -25.71 -25.82
CA SER K 20 -46.50 -26.30 -26.28
C SER K 20 -47.08 -25.47 -27.41
N GLU K 21 -47.48 -26.12 -28.49
CA GLU K 21 -47.97 -25.42 -29.65
C GLU K 21 -49.40 -24.93 -29.56
N LEU K 22 -49.64 -23.79 -30.20
CA LEU K 22 -50.95 -23.21 -30.34
C LEU K 22 -51.69 -23.80 -31.53
N THR K 23 -52.98 -23.98 -31.38
CA THR K 23 -53.83 -24.57 -32.40
C THR K 23 -54.79 -23.60 -33.04
N GLN K 24 -54.81 -23.61 -34.38
CA GLN K 24 -55.72 -22.79 -35.15
C GLN K 24 -56.34 -23.61 -36.27
N ASP K 25 -57.58 -23.29 -36.65
CA ASP K 25 -58.25 -23.90 -37.77
C ASP K 25 -57.68 -23.31 -39.06
N PRO K 26 -57.11 -24.11 -39.98
CA PRO K 26 -56.46 -23.67 -41.21
C PRO K 26 -57.24 -22.70 -42.11
N ALA K 27 -58.58 -22.72 -42.13
CA ALA K 27 -59.21 -21.75 -43.03
C ALA K 27 -60.58 -21.29 -42.61
N VAL K 28 -60.82 -20.00 -42.79
CA VAL K 28 -62.09 -19.37 -42.46
C VAL K 28 -62.61 -18.53 -43.61
N SER K 29 -63.88 -18.68 -43.97
CA SER K 29 -64.43 -17.83 -45.01
C SER K 29 -65.49 -16.92 -44.40
N VAL K 30 -65.47 -15.66 -44.78
CA VAL K 30 -66.43 -14.69 -44.31
C VAL K 30 -67.09 -13.98 -45.48
N ALA K 31 -68.39 -13.79 -45.42
CA ALA K 31 -69.04 -13.05 -46.49
C ALA K 31 -68.57 -11.62 -46.43
N LEU K 32 -68.41 -10.96 -47.57
CA LEU K 32 -67.99 -9.58 -47.49
C LEU K 32 -69.03 -8.78 -46.69
N GLY K 33 -68.56 -7.98 -45.72
CA GLY K 33 -69.42 -7.15 -44.89
C GLY K 33 -69.84 -7.79 -43.57
N GLN K 34 -69.50 -9.06 -43.39
CA GLN K 34 -69.87 -9.78 -42.17
C GLN K 34 -68.76 -9.86 -41.15
N THR K 35 -69.13 -10.14 -39.91
CA THR K 35 -68.18 -10.31 -38.83
C THR K 35 -67.68 -11.74 -38.76
N VAL K 36 -66.38 -11.89 -38.62
CA VAL K 36 -65.72 -13.18 -38.50
C VAL K 36 -64.92 -13.34 -37.22
N ARG K 37 -64.97 -14.54 -36.66
CA ARG K 37 -64.22 -14.84 -35.45
C ARG K 37 -63.15 -15.88 -35.70
N ILE K 38 -61.92 -15.49 -35.45
CA ILE K 38 -60.76 -16.35 -35.61
C ILE K 38 -60.24 -16.77 -34.25
N THR K 39 -60.20 -18.06 -34.01
CA THR K 39 -59.77 -18.55 -32.71
C THR K 39 -58.32 -19.08 -32.69
N CYS K 40 -57.80 -19.28 -31.45
CA CYS K 40 -56.49 -19.84 -31.10
C CYS K 40 -56.57 -20.56 -29.75
N GLN K 41 -56.02 -21.77 -29.65
CA GLN K 41 -56.05 -22.47 -28.36
C GLN K 41 -54.70 -23.04 -27.90
N GLY K 42 -54.49 -23.10 -26.59
CA GLY K 42 -53.27 -23.75 -26.09
C GLY K 42 -52.86 -23.39 -24.66
N ASP K 43 -51.73 -23.93 -24.23
CA ASP K 43 -51.31 -23.76 -22.83
C ASP K 43 -50.71 -22.40 -22.59
N SER K 44 -50.12 -21.84 -23.61
CA SER K 44 -49.48 -20.54 -23.54
C SER K 44 -50.53 -19.43 -23.49
N LEU K 45 -51.81 -19.77 -23.63
CA LEU K 45 -52.86 -18.77 -23.53
C LEU K 45 -53.52 -18.79 -22.16
N ARG K 46 -53.15 -19.74 -21.29
CA ARG K 46 -53.87 -19.88 -20.03
C ARG K 46 -53.73 -18.69 -19.09
N ASN K 47 -52.55 -18.10 -19.06
CA ASN K 47 -52.30 -17.01 -18.14
C ASN K 47 -51.68 -15.83 -18.85
N TYR K 48 -52.01 -15.65 -20.13
CA TYR K 48 -51.44 -14.59 -20.96
C TYR K 48 -52.39 -14.15 -22.04
N TYR K 49 -51.99 -13.16 -22.81
CA TYR K 49 -52.81 -12.74 -23.95
C TYR K 49 -52.04 -12.98 -25.22
N ALA K 50 -52.76 -13.30 -26.28
CA ALA K 50 -52.13 -13.53 -27.58
C ALA K 50 -52.05 -12.28 -28.39
N SER K 51 -50.99 -12.21 -29.16
CA SER K 51 -50.83 -11.16 -30.14
C SER K 51 -51.29 -11.70 -31.46
N TRP K 52 -51.88 -10.84 -32.25
CA TRP K 52 -52.36 -11.24 -33.55
C TRP K 52 -51.66 -10.47 -34.63
N TYR K 53 -51.35 -11.18 -35.72
CA TYR K 53 -50.71 -10.62 -36.88
C TYR K 53 -51.46 -10.86 -38.17
N GLN K 54 -51.36 -9.91 -39.08
CA GLN K 54 -51.94 -10.01 -40.41
C GLN K 54 -50.84 -10.17 -41.44
N GLN K 55 -50.87 -11.23 -42.23
CA GLN K 55 -49.84 -11.40 -43.22
C GLN K 55 -50.36 -11.35 -44.63
N LYS K 56 -49.88 -10.38 -45.37
CA LYS K 56 -50.28 -10.22 -46.74
C LYS K 56 -49.28 -11.04 -47.57
N PRO K 57 -49.63 -11.51 -48.76
CA PRO K 57 -48.74 -12.26 -49.61
C PRO K 57 -47.47 -11.47 -49.85
N ARG K 58 -46.35 -12.17 -49.69
CA ARG K 58 -45.00 -11.65 -49.86
C ARG K 58 -44.68 -10.46 -48.95
N GLN K 59 -45.28 -10.42 -47.76
CA GLN K 59 -45.00 -9.37 -46.80
C GLN K 59 -44.73 -9.92 -45.41
N ALA K 60 -43.99 -9.14 -44.62
CA ALA K 60 -43.74 -9.50 -43.23
C ALA K 60 -45.05 -9.42 -42.48
N PRO K 61 -45.29 -10.25 -41.46
CA PRO K 61 -46.44 -10.16 -40.60
C PRO K 61 -46.55 -8.79 -39.97
N VAL K 62 -47.77 -8.27 -39.90
CA VAL K 62 -48.02 -6.97 -39.32
C VAL K 62 -48.81 -7.07 -38.05
N LEU K 63 -48.31 -6.47 -36.99
CA LEU K 63 -49.03 -6.58 -35.72
C LEU K 63 -50.38 -5.89 -35.84
N VAL K 64 -51.44 -6.61 -35.46
CA VAL K 64 -52.81 -6.14 -35.51
C VAL K 64 -53.41 -5.84 -34.15
N PHE K 65 -53.24 -6.74 -33.21
CA PHE K 65 -53.86 -6.60 -31.90
C PHE K 65 -53.02 -7.27 -30.85
N TYR K 66 -52.91 -6.69 -29.67
CA TYR K 66 -52.15 -7.37 -28.63
C TYR K 66 -52.59 -7.04 -27.22
N GLY K 67 -52.15 -7.89 -26.30
CA GLY K 67 -52.47 -7.67 -24.92
C GLY K 67 -53.93 -7.96 -24.74
N LYS K 68 -54.53 -7.36 -23.75
CA LYS K 68 -55.92 -7.61 -23.50
C LYS K 68 -56.82 -6.68 -24.27
N ASN K 69 -56.37 -5.45 -24.47
CA ASN K 69 -57.24 -4.47 -25.04
C ASN K 69 -56.71 -3.45 -26.04
N ASN K 70 -55.63 -3.69 -26.79
CA ASN K 70 -55.27 -2.60 -27.67
C ASN K 70 -54.62 -3.00 -28.98
N ARG K 71 -54.40 -2.02 -29.83
CA ARG K 71 -53.83 -2.26 -31.13
C ARG K 71 -52.92 -1.10 -31.48
N PRO K 72 -51.92 -1.28 -32.35
CA PRO K 72 -51.04 -0.23 -32.83
C PRO K 72 -51.79 0.65 -33.79
N SER K 73 -51.31 1.87 -33.96
CA SER K 73 -51.97 2.72 -34.91
C SER K 73 -51.76 2.15 -36.29
N GLY K 74 -52.66 2.52 -37.19
CA GLY K 74 -52.62 2.03 -38.56
C GLY K 74 -53.61 0.89 -38.73
N ILE K 75 -54.07 0.31 -37.62
CA ILE K 75 -55.03 -0.75 -37.68
C ILE K 75 -56.42 -0.13 -37.50
N PRO K 76 -57.37 -0.36 -38.44
CA PRO K 76 -58.69 0.21 -38.43
C PRO K 76 -59.54 -0.41 -37.35
N ASP K 77 -60.59 0.30 -36.97
CA ASP K 77 -61.47 -0.19 -35.91
C ASP K 77 -62.47 -1.21 -36.45
N ARG K 78 -61.91 -2.35 -36.82
CA ARG K 78 -62.62 -3.50 -37.30
C ARG K 78 -62.05 -4.62 -36.50
N PHE K 79 -60.82 -4.37 -36.03
CA PHE K 79 -60.04 -5.40 -35.36
C PHE K 79 -59.97 -5.21 -33.85
N SER K 80 -60.49 -6.17 -33.12
CA SER K 80 -60.50 -6.14 -31.65
C SER K 80 -60.54 -7.58 -31.17
N GLY K 81 -60.37 -7.82 -29.88
CA GLY K 81 -60.43 -9.21 -29.46
C GLY K 81 -60.42 -9.43 -27.96
N SER K 82 -60.44 -10.70 -27.59
CA SER K 82 -60.49 -11.12 -26.19
C SER K 82 -60.05 -12.56 -26.00
N SER K 83 -60.12 -13.02 -24.75
CA SER K 83 -59.77 -14.39 -24.40
C SER K 83 -60.44 -14.86 -23.11
N SER K 84 -60.47 -16.18 -22.93
CA SER K 84 -60.97 -16.82 -21.71
C SER K 84 -60.42 -18.23 -21.60
N GLY K 85 -60.06 -18.67 -20.39
CA GLY K 85 -59.55 -20.02 -20.26
C GLY K 85 -58.28 -20.15 -21.08
N ASN K 86 -58.22 -21.15 -21.96
CA ASN K 86 -57.05 -21.36 -22.79
C ASN K 86 -57.38 -21.10 -24.25
N THR K 87 -58.42 -20.28 -24.48
CA THR K 87 -58.87 -19.92 -25.82
C THR K 87 -58.81 -18.41 -26.04
N ALA K 88 -58.28 -18.01 -27.17
CA ALA K 88 -58.18 -16.60 -27.54
C ALA K 88 -58.81 -16.40 -28.89
N SER K 89 -59.29 -15.18 -29.14
CA SER K 89 -59.82 -14.90 -30.46
C SER K 89 -59.72 -13.45 -30.92
N LEU K 90 -59.67 -13.32 -32.24
CA LEU K 90 -59.66 -12.04 -32.94
C LEU K 90 -60.98 -11.86 -33.67
N THR K 91 -61.59 -10.71 -33.47
CA THR K 91 -62.83 -10.40 -34.13
C THR K 91 -62.60 -9.38 -35.20
N ILE K 92 -63.07 -9.69 -36.41
CA ILE K 92 -62.97 -8.73 -37.49
C ILE K 92 -64.38 -8.37 -37.90
N SER K 93 -64.80 -7.18 -37.55
CA SER K 93 -66.17 -6.73 -37.79
C SER K 93 -66.32 -6.04 -39.11
N GLY K 94 -67.30 -6.47 -39.92
CA GLY K 94 -67.46 -5.78 -41.18
C GLY K 94 -66.28 -6.09 -42.07
N ALA K 95 -65.86 -7.35 -42.12
CA ALA K 95 -64.67 -7.71 -42.87
C ALA K 95 -64.73 -7.18 -44.29
N GLN K 96 -63.62 -6.58 -44.69
CA GLN K 96 -63.44 -5.97 -46.00
C GLN K 96 -62.65 -6.86 -46.93
N ALA K 97 -62.74 -6.60 -48.23
CA ALA K 97 -61.98 -7.39 -49.20
C ALA K 97 -60.48 -7.27 -48.91
N GLU K 98 -60.10 -6.10 -48.43
CA GLU K 98 -58.75 -5.74 -48.09
C GLU K 98 -58.21 -6.50 -46.89
N ASP K 99 -59.09 -7.20 -46.15
CA ASP K 99 -58.71 -7.94 -44.97
C ASP K 99 -58.38 -9.39 -45.32
N GLU K 100 -58.45 -9.76 -46.61
CA GLU K 100 -58.04 -11.13 -46.92
C GLU K 100 -56.59 -11.22 -46.52
N ALA K 101 -56.26 -12.19 -45.68
CA ALA K 101 -54.88 -12.31 -45.20
C ALA K 101 -54.71 -13.59 -44.44
N ASP K 102 -53.48 -14.01 -44.23
CA ASP K 102 -53.29 -15.08 -43.29
C ASP K 102 -53.25 -14.43 -41.92
N TYR K 103 -53.84 -15.04 -40.93
CA TYR K 103 -53.76 -14.49 -39.60
C TYR K 103 -53.09 -15.46 -38.69
N TYR K 104 -52.30 -14.93 -37.77
CA TYR K 104 -51.60 -15.77 -36.81
C TYR K 104 -51.77 -15.29 -35.39
N CYS K 105 -51.83 -16.24 -34.43
CA CYS K 105 -51.79 -15.95 -32.99
C CYS K 105 -50.38 -16.21 -32.50
N ASN K 106 -49.97 -15.47 -31.49
CA ASN K 106 -48.67 -15.66 -30.89
C ASN K 106 -48.61 -15.43 -29.39
N SER K 107 -47.97 -16.35 -28.70
CA SER K 107 -47.77 -16.24 -27.27
C SER K 107 -46.43 -16.82 -26.90
N ARG K 108 -46.19 -16.95 -25.61
CA ARG K 108 -44.94 -17.45 -25.08
C ARG K 108 -45.16 -18.57 -24.09
N ASP K 109 -44.44 -19.67 -24.24
CA ASP K 109 -44.56 -20.76 -23.29
C ASP K 109 -43.44 -20.60 -22.29
N SER K 110 -43.79 -20.06 -21.14
CA SER K 110 -42.87 -19.67 -20.09
C SER K 110 -42.18 -20.82 -19.40
N SER K 111 -42.66 -22.04 -19.63
CA SER K 111 -42.01 -23.18 -19.00
C SER K 111 -40.77 -23.58 -19.78
N SER K 112 -40.62 -23.09 -21.02
CA SER K 112 -39.48 -23.45 -21.84
C SER K 112 -38.87 -22.17 -22.37
N ASN K 113 -39.62 -21.09 -22.18
CA ASN K 113 -39.28 -19.75 -22.64
C ASN K 113 -39.13 -19.71 -24.14
N HIS K 114 -40.07 -20.36 -24.80
CA HIS K 114 -40.09 -20.42 -26.25
C HIS K 114 -41.19 -19.60 -26.83
N LEU K 115 -40.89 -18.94 -27.93
CA LEU K 115 -41.90 -18.18 -28.62
C LEU K 115 -42.75 -19.16 -29.40
N VAL K 116 -44.05 -19.08 -29.25
CA VAL K 116 -44.93 -20.01 -29.92
C VAL K 116 -45.95 -19.36 -30.83
N PHE K 117 -45.97 -19.83 -32.05
CA PHE K 117 -46.96 -19.36 -32.99
C PHE K 117 -47.98 -20.44 -33.21
N GLY K 118 -49.20 -20.05 -33.53
CA GLY K 118 -50.17 -21.04 -33.89
C GLY K 118 -49.96 -21.33 -35.34
N GLY K 119 -50.77 -22.20 -35.92
CA GLY K 119 -50.57 -22.55 -37.31
C GLY K 119 -51.11 -21.48 -38.27
N GLY K 120 -51.85 -20.53 -37.72
CA GLY K 120 -52.43 -19.51 -38.52
C GLY K 120 -53.69 -20.01 -39.17
N THR K 121 -54.33 -19.12 -39.89
CA THR K 121 -55.52 -19.45 -40.63
C THR K 121 -55.54 -18.59 -41.88
N LYS K 122 -56.13 -19.09 -42.94
CA LYS K 122 -56.30 -18.24 -44.09
C LYS K 122 -57.69 -17.65 -44.06
N LEU K 123 -57.79 -16.33 -44.01
CA LEU K 123 -59.09 -15.71 -44.01
C LEU K 123 -59.44 -15.28 -45.39
N THR K 124 -60.49 -15.87 -45.91
CA THR K 124 -60.96 -15.62 -47.24
C THR K 124 -62.15 -14.71 -47.16
N VAL K 125 -62.10 -13.59 -47.85
CA VAL K 125 -63.23 -12.69 -47.82
C VAL K 125 -63.98 -12.90 -49.11
N LEU K 126 -65.24 -13.24 -49.01
CA LEU K 126 -66.02 -13.59 -50.17
C LEU K 126 -66.59 -12.36 -50.83
N SER K 127 -65.68 -11.65 -51.50
CA SER K 127 -65.95 -10.41 -52.25
C SER K 127 -66.44 -10.62 -53.71
N GLN K 128 -66.34 -11.87 -54.24
CA GLN K 128 -66.69 -12.29 -55.59
C GLN K 128 -67.03 -13.78 -55.51
N VAL L 43 -30.74 36.81 7.19
CA VAL L 43 -30.41 37.45 5.91
C VAL L 43 -30.51 36.49 4.69
N ILE L 44 -30.36 35.16 4.92
CA ILE L 44 -30.38 34.17 3.83
C ILE L 44 -31.77 33.71 3.46
N VAL L 45 -32.07 33.86 2.17
CA VAL L 45 -33.36 33.49 1.63
C VAL L 45 -33.23 32.38 0.62
N ASN L 46 -33.94 31.30 0.88
CA ASN L 46 -33.90 30.11 0.05
C ASN L 46 -34.44 30.35 -1.33
N ALA L 47 -33.64 29.98 -2.32
CA ALA L 47 -33.98 30.15 -3.72
C ALA L 47 -33.96 28.83 -4.47
N GLN L 48 -34.25 27.74 -3.79
CA GLN L 48 -34.22 26.44 -4.40
C GLN L 48 -35.60 26.05 -4.88
N PRO L 49 -35.74 25.19 -5.91
CA PRO L 49 -37.02 24.69 -6.40
C PRO L 49 -37.95 24.20 -5.30
N LYS L 50 -37.44 23.41 -4.36
CA LYS L 50 -38.25 22.94 -3.26
C LYS L 50 -37.38 22.99 -2.00
N CYS L 51 -37.99 22.97 -0.80
CA CYS L 51 -37.27 22.92 0.47
C CYS L 51 -37.98 22.00 1.47
N ASN L 52 -37.21 21.05 1.98
CA ASN L 52 -37.67 20.17 3.03
C ASN L 52 -37.49 20.87 4.39
N PRO L 53 -38.57 21.25 5.09
CA PRO L 53 -38.55 22.01 6.33
C PRO L 53 -38.34 21.16 7.58
N ASN L 54 -38.13 19.87 7.43
CA ASN L 54 -37.95 19.02 8.60
C ASN L 54 -36.59 18.37 8.53
N LEU L 55 -35.70 18.71 9.45
CA LEU L 55 -34.37 18.18 9.38
C LEU L 55 -34.16 17.04 10.33
N HIS L 56 -34.03 15.87 9.78
CA HIS L 56 -33.84 14.68 10.58
C HIS L 56 -32.35 14.47 10.48
N TYR L 57 -31.65 14.55 11.60
CA TYR L 57 -30.21 14.53 11.62
C TYR L 57 -29.58 13.49 12.51
N TRP L 58 -28.34 13.19 12.21
CA TRP L 58 -27.53 12.29 13.01
C TRP L 58 -26.19 12.93 13.35
N THR L 59 -25.62 12.50 14.46
CA THR L 59 -24.30 12.91 14.92
C THR L 59 -23.70 11.92 15.90
N THR L 60 -22.52 12.20 16.43
CA THR L 60 -21.89 11.25 17.36
C THR L 60 -21.85 11.62 18.86
N GLN L 61 -22.34 12.81 19.27
CA GLN L 61 -22.33 13.26 20.66
C GLN L 61 -23.33 12.42 21.50
N ALA L 66 -20.32 5.39 27.33
CA ALA L 66 -20.13 6.41 28.37
C ALA L 66 -20.43 5.91 29.80
N ILE L 67 -21.27 4.85 29.93
CA ILE L 67 -21.73 4.26 31.18
C ILE L 67 -21.10 2.90 31.43
N GLY L 68 -20.53 2.72 32.61
CA GLY L 68 -19.91 1.46 32.96
C GLY L 68 -18.73 1.17 32.07
N LEU L 69 -18.73 0.02 31.44
CA LEU L 69 -17.63 -0.36 30.58
C LEU L 69 -17.87 0.02 29.14
N ALA L 70 -19.00 0.67 28.87
CA ALA L 70 -19.35 1.02 27.51
C ALA L 70 -18.30 1.87 26.82
N TRP L 71 -17.61 2.72 27.56
CA TRP L 71 -16.63 3.58 26.94
C TRP L 71 -15.39 2.84 26.41
N ILE L 72 -15.13 1.64 26.90
CA ILE L 72 -13.98 0.85 26.51
C ILE L 72 -14.27 0.20 25.17
N PRO L 73 -13.43 0.35 24.12
CA PRO L 73 -13.69 -0.16 22.78
C PRO L 73 -13.89 -1.66 22.70
N TYR L 74 -13.35 -2.39 23.65
CA TYR L 74 -13.53 -3.82 23.68
C TYR L 74 -14.97 -4.22 24.03
N PHE L 75 -15.68 -3.36 24.79
CA PHE L 75 -17.04 -3.67 25.22
C PHE L 75 -18.11 -2.77 24.61
N GLY L 76 -17.71 -1.60 24.13
CA GLY L 76 -18.62 -0.60 23.64
C GLY L 76 -19.18 -0.95 22.27
N PRO L 77 -19.98 -0.07 21.67
CA PRO L 77 -20.63 -0.28 20.40
C PRO L 77 -19.71 -0.28 19.20
N ALA L 78 -20.11 -1.04 18.19
CA ALA L 78 -19.45 -1.11 16.90
C ALA L 78 -19.82 0.13 16.13
N ALA L 79 -19.08 0.48 15.08
CA ALA L 79 -19.30 1.76 14.40
C ALA L 79 -20.74 2.05 13.94
N GLU L 80 -21.50 1.08 13.50
CA GLU L 80 -22.85 1.40 13.05
C GLU L 80 -23.74 1.98 14.15
N GLY L 81 -23.39 1.64 15.39
CA GLY L 81 -24.12 1.98 16.60
C GLY L 81 -23.57 3.16 17.39
N ILE L 82 -22.64 3.94 16.86
CA ILE L 82 -22.11 5.03 17.69
C ILE L 82 -22.84 6.33 17.43
N TYR L 83 -23.89 6.26 16.65
CA TYR L 83 -24.65 7.43 16.30
C TYR L 83 -25.91 7.68 17.10
N THR L 84 -26.17 8.96 17.30
CA THR L 84 -27.38 9.46 17.93
C THR L 84 -28.17 10.24 16.92
N GLU L 85 -29.35 10.72 17.31
CA GLU L 85 -30.20 11.41 16.35
C GLU L 85 -31.19 12.36 16.98
N GLY L 86 -31.78 13.19 16.12
CA GLY L 86 -32.84 14.09 16.54
C GLY L 86 -33.50 14.79 15.36
N LEU L 87 -34.53 15.57 15.67
CA LEU L 87 -35.30 16.27 14.65
C LEU L 87 -35.47 17.74 14.95
N MET L 88 -35.11 18.58 13.99
CA MET L 88 -35.29 20.00 14.14
C MET L 88 -36.40 20.48 13.21
N HIS L 89 -37.24 21.38 13.69
CA HIS L 89 -38.30 21.95 12.86
C HIS L 89 -37.85 23.30 12.30
N ASN L 90 -38.50 23.76 11.23
CA ASN L 90 -38.10 25.00 10.54
C ASN L 90 -38.61 26.23 11.25
N GLN L 91 -38.11 26.43 12.45
CA GLN L 91 -38.53 27.52 13.28
C GLN L 91 -38.06 28.79 12.64
N ASP L 92 -39.00 29.66 12.37
CA ASP L 92 -38.74 30.94 11.74
C ASP L 92 -37.94 30.81 10.44
N GLY L 93 -38.15 29.73 9.67
CA GLY L 93 -37.46 29.61 8.40
C GLY L 93 -36.00 29.17 8.50
N LEU L 94 -35.55 28.78 9.67
CA LEU L 94 -34.17 28.43 9.88
C LEU L 94 -33.63 27.29 9.04
N ILE L 95 -34.40 26.24 8.83
CA ILE L 95 -33.86 25.13 8.05
C ILE L 95 -33.66 25.49 6.60
N CYS L 96 -34.63 26.18 5.96
CA CYS L 96 -34.53 26.58 4.56
C CYS L 96 -33.38 27.59 4.39
N GLY L 97 -33.20 28.48 5.36
CA GLY L 97 -32.09 29.41 5.28
C GLY L 97 -30.78 28.63 5.31
N LEU L 98 -30.71 27.58 6.14
CA LEU L 98 -29.51 26.78 6.24
C LEU L 98 -29.22 26.04 4.96
N ARG L 99 -30.23 25.50 4.30
CA ARG L 99 -29.96 24.79 3.07
C ARG L 99 -29.34 25.74 2.06
N GLN L 100 -29.84 26.97 2.03
CA GLN L 100 -29.30 27.93 1.12
C GLN L 100 -27.86 28.31 1.49
N LEU L 101 -27.54 28.37 2.77
CA LEU L 101 -26.17 28.69 3.13
C LEU L 101 -25.24 27.62 2.60
N ALA L 102 -25.60 26.35 2.76
CA ALA L 102 -24.70 25.30 2.25
C ALA L 102 -24.48 25.41 0.73
N ASN L 103 -25.52 25.82 -0.02
CA ASN L 103 -25.49 26.03 -1.47
C ASN L 103 -24.50 27.14 -1.87
N GLU L 104 -24.36 28.22 -1.04
CA GLU L 104 -23.42 29.33 -1.29
C GLU L 104 -21.99 28.99 -0.86
N THR L 105 -21.88 28.21 0.20
CA THR L 105 -20.61 27.81 0.79
C THR L 105 -19.78 26.96 -0.14
N THR L 106 -20.43 26.08 -0.88
CA THR L 106 -19.72 25.16 -1.76
C THR L 106 -18.70 25.81 -2.69
N GLN L 107 -18.98 26.94 -3.32
CA GLN L 107 -17.95 27.48 -4.20
C GLN L 107 -16.69 27.91 -3.47
N ALA L 108 -16.85 28.57 -2.33
CA ALA L 108 -15.68 29.01 -1.59
C ALA L 108 -14.87 27.82 -1.12
N LEU L 109 -15.57 26.76 -0.74
CA LEU L 109 -14.89 25.59 -0.25
C LEU L 109 -14.16 24.86 -1.35
N GLN L 110 -14.75 24.73 -2.53
CA GLN L 110 -14.03 24.02 -3.56
C GLN L 110 -12.78 24.78 -3.98
N LEU L 111 -12.82 26.11 -4.01
CA LEU L 111 -11.62 26.83 -4.39
C LEU L 111 -10.56 26.67 -3.31
N PHE L 112 -10.98 26.66 -2.06
CA PHE L 112 -10.08 26.45 -0.95
C PHE L 112 -9.36 25.14 -1.09
N LEU L 113 -10.10 24.08 -1.34
CA LEU L 113 -9.47 22.78 -1.45
C LEU L 113 -8.54 22.71 -2.65
N ARG L 114 -8.90 23.33 -3.76
CA ARG L 114 -8.05 23.32 -4.94
C ARG L 114 -6.67 23.82 -4.60
N ALA L 115 -6.60 24.83 -3.75
CA ALA L 115 -5.36 25.49 -3.38
C ALA L 115 -4.45 24.73 -2.40
N THR L 116 -4.89 23.62 -1.80
CA THR L 116 -4.02 22.96 -0.82
C THR L 116 -3.40 21.66 -1.29
N THR L 117 -2.54 21.12 -0.44
CA THR L 117 -1.87 19.85 -0.68
C THR L 117 -2.28 18.79 0.34
N GLU L 118 -3.08 19.17 1.33
CA GLU L 118 -3.51 18.20 2.33
C GLU L 118 -4.48 17.28 1.66
N LEU L 119 -4.42 16.00 1.91
CA LEU L 119 -5.40 15.15 1.29
C LEU L 119 -6.67 15.12 2.11
N ARG L 120 -6.52 15.25 3.42
CA ARG L 120 -7.66 15.21 4.33
C ARG L 120 -7.67 16.43 5.21
N THR L 121 -8.51 17.41 4.91
CA THR L 121 -8.43 18.63 5.68
C THR L 121 -9.39 18.64 6.84
N PHE L 122 -8.84 18.65 8.04
CA PHE L 122 -9.60 18.65 9.29
C PHE L 122 -9.44 19.95 10.04
N SER L 123 -8.72 20.87 9.46
CA SER L 123 -8.33 22.13 10.08
C SER L 123 -9.24 23.33 9.87
N ILE L 124 -10.31 23.20 9.11
CA ILE L 124 -11.09 24.38 8.78
C ILE L 124 -11.69 25.06 9.98
N LEU L 125 -12.24 24.33 10.92
CA LEU L 125 -12.84 25.03 12.03
C LEU L 125 -11.81 25.59 12.99
N ASN L 126 -10.63 24.98 13.08
CA ASN L 126 -9.65 25.56 13.98
C ASN L 126 -9.15 26.85 13.38
N ARG L 127 -9.04 26.91 12.05
CA ARG L 127 -8.61 28.13 11.41
C ARG L 127 -9.62 29.20 11.69
N LYS L 128 -10.91 28.85 11.64
CA LYS L 128 -11.90 29.87 11.89
C LYS L 128 -11.82 30.38 13.31
N ALA L 129 -11.59 29.50 14.28
CA ALA L 129 -11.50 30.00 15.63
C ALA L 129 -10.33 30.98 15.78
N ILE L 130 -9.21 30.70 15.11
CA ILE L 130 -8.07 31.58 15.21
C ILE L 130 -8.36 32.91 14.55
N ASP L 131 -8.95 32.91 13.35
CA ASP L 131 -9.23 34.19 12.70
C ASP L 131 -10.26 34.99 13.47
N PHE L 132 -11.24 34.31 14.05
CA PHE L 132 -12.27 34.97 14.83
C PHE L 132 -11.65 35.79 15.91
N LEU L 133 -10.76 35.16 16.64
CA LEU L 133 -10.17 35.80 17.77
C LEU L 133 -9.11 36.83 17.35
N LEU L 134 -8.31 36.56 16.28
CA LEU L 134 -7.30 37.54 15.84
C LEU L 134 -7.94 38.81 15.40
N GLN L 135 -9.08 38.73 14.76
CA GLN L 135 -9.72 39.92 14.30
C GLN L 135 -10.00 40.88 15.44
N ARG L 136 -10.28 40.37 16.63
CA ARG L 136 -10.61 41.22 17.74
C ARG L 136 -9.41 41.60 18.60
N TRP L 137 -8.48 40.67 18.80
CA TRP L 137 -7.38 40.91 19.72
C TRP L 137 -5.96 40.91 19.14
N GLY L 138 -5.80 40.73 17.82
CA GLY L 138 -4.46 40.76 17.28
C GLY L 138 -4.08 42.21 17.20
N GLY L 139 -2.84 42.52 16.89
CA GLY L 139 -2.47 43.92 16.85
C GLY L 139 -2.70 44.52 18.22
N THR L 140 -3.40 45.65 18.27
CA THR L 140 -3.66 46.30 19.56
C THR L 140 -5.16 46.57 19.76
N CYS L 141 -5.55 46.68 21.05
CA CYS L 141 -6.88 47.05 21.53
C CYS L 141 -6.88 48.51 21.94
N HIS L 142 -7.88 49.26 21.52
CA HIS L 142 -7.98 50.66 21.89
C HIS L 142 -9.36 50.86 22.52
N ILE L 143 -9.40 51.11 23.83
CA ILE L 143 -10.67 51.22 24.59
C ILE L 143 -11.55 52.37 24.14
N LEU L 144 -10.95 53.41 23.62
CA LEU L 144 -11.68 54.58 23.21
C LEU L 144 -12.21 54.49 21.77
N GLY L 145 -11.90 53.41 21.05
CA GLY L 145 -12.34 53.30 19.67
C GLY L 145 -13.52 52.37 19.50
N PRO L 146 -14.04 52.21 18.27
CA PRO L 146 -15.13 51.33 17.87
C PRO L 146 -14.66 49.92 17.49
N ASP L 147 -13.35 49.71 17.53
CA ASP L 147 -12.74 48.51 16.96
C ASP L 147 -12.55 47.30 17.88
N CYS L 148 -12.36 47.51 19.20
CA CYS L 148 -12.03 46.47 20.17
C CYS L 148 -13.30 46.07 20.94
N CYS L 149 -13.53 44.77 21.05
CA CYS L 149 -14.72 44.24 21.70
C CYS L 149 -14.57 44.17 23.23
N ILE L 150 -14.43 45.36 23.80
CA ILE L 150 -14.25 45.56 25.23
C ILE L 150 -15.10 46.73 25.74
N GLU L 151 -15.67 46.58 26.91
CA GLU L 151 -16.43 47.64 27.53
C GLU L 151 -15.68 48.22 28.75
N PRO L 152 -15.76 49.57 29.05
CA PRO L 152 -15.17 50.22 30.22
C PRO L 152 -16.12 50.17 31.43
#